data_8YAM
# 
_entry.id   8YAM 
# 
_audit_conform.dict_name       mmcif_pdbx.dic 
_audit_conform.dict_version    5.395 
_audit_conform.dict_location   http://mmcif.pdb.org/dictionaries/ascii/mmcif_pdbx.dic 
# 
loop_
_database_2.database_id 
_database_2.database_code 
_database_2.pdbx_database_accession 
_database_2.pdbx_DOI 
PDB   8YAM         pdb_00008yam 10.2210/pdb8yam/pdb 
WWPDB D_1300045281 ?            ?                   
# 
_pdbx_audit_revision_history.ordinal             1 
_pdbx_audit_revision_history.data_content_type   'Structure model' 
_pdbx_audit_revision_history.major_revision      1 
_pdbx_audit_revision_history.minor_revision      0 
_pdbx_audit_revision_history.revision_date       2024-09-11 
# 
_pdbx_audit_revision_details.ordinal             1 
_pdbx_audit_revision_details.revision_ordinal    1 
_pdbx_audit_revision_details.data_content_type   'Structure model' 
_pdbx_audit_revision_details.provider            repository 
_pdbx_audit_revision_details.type                'Initial release' 
_pdbx_audit_revision_details.description         ? 
_pdbx_audit_revision_details.details             ? 
# 
_pdbx_database_status.status_code                     REL 
_pdbx_database_status.status_code_sf                  REL 
_pdbx_database_status.status_code_mr                  ? 
_pdbx_database_status.entry_id                        8YAM 
_pdbx_database_status.recvd_initial_deposition_date   2024-02-09 
_pdbx_database_status.SG_entry                        N 
_pdbx_database_status.deposit_site                    PDBJ 
_pdbx_database_status.process_site                    PDBJ 
_pdbx_database_status.status_code_cs                  ? 
_pdbx_database_status.status_code_nmr_data            ? 
_pdbx_database_status.methods_development_category    ? 
_pdbx_database_status.pdb_format_compatible           N 
# 
_pdbx_contact_author.id                 2 
_pdbx_contact_author.email              tomoyuki.numata94@agr.kyushu-u.ac.jp 
_pdbx_contact_author.name_first         Tomoyuki 
_pdbx_contact_author.name_last          Numata 
_pdbx_contact_author.name_mi            ? 
_pdbx_contact_author.role               'principal investigator/group leader' 
_pdbx_contact_author.identifier_ORCID   0000-0002-4244-8829 
# 
loop_
_audit_author.name 
_audit_author.pdbx_ordinal 
_audit_author.identifier_ORCID 
'Numata, T.'        1 ? 
'Parmar, S.'        2 ? 
'Schneekloth, J.S.' 3 ? 
# 
_citation.abstract                  ? 
_citation.abstract_id_CAS           ? 
_citation.book_id_ISBN              ? 
_citation.book_publisher            ? 
_citation.book_publisher_city       ? 
_citation.book_title                ? 
_citation.coordinate_linkage        ? 
_citation.country                   US 
_citation.database_id_Medline       ? 
_citation.details                   ? 
_citation.id                        primary 
_citation.journal_abbrev            Biorxiv 
_citation.journal_id_ASTM           ? 
_citation.journal_id_CSD            ? 
_citation.journal_id_ISSN           2692-8205 
_citation.journal_full              ? 
_citation.journal_issue             ? 
_citation.journal_volume            ? 
_citation.language                  ? 
_citation.page_first                ? 
_citation.page_last                 ? 
_citation.title                     
'Mechanistic Analysis of Riboswitch Ligand Interactions Provides Insights into Pharmacological Control over Gene Expression.' 
_citation.year                      2024 
_citation.database_id_CSD           ? 
_citation.pdbx_database_id_DOI      10.1101/2024.02.23.581746 
_citation.pdbx_database_id_PubMed   38903087 
_citation.pdbx_database_id_patent   ? 
_citation.unpublished_flag          ? 
# 
loop_
_citation_author.citation_id 
_citation_author.name 
_citation_author.ordinal 
_citation_author.identifier_ORCID 
primary 'Parmar, S.'            1  0000-0002-3960-4405 
primary 'Bume, D.D.'            2  ?                   
primary 'Conelly, C.'           3  0000-0003-1671-3243 
primary 'Boer, R.'              4  0000-0002-5027-2763 
primary 'Prestwood, P.R.'       5  ?                   
primary 'Wang, Z.'              6  ?                   
primary 'Labuhn, H.'            7  ?                   
primary 'Sinnadurai, K.'        8  ?                   
primary 'Feri, A.'              9  ?                   
primary 'Ouellet, J.'           10 ?                   
primary 'Homan, P.'             11 ?                   
primary 'Numata, T.'            12 0000-0002-4244-8829 
primary 'Schneekloth Jr., J.S.' 13 0000-0001-7459-783X 
# 
loop_
_entity.id 
_entity.type 
_entity.src_method 
_entity.pdbx_description 
_entity.formula_weight 
_entity.pdbx_number_of_molecules 
_entity.pdbx_ec 
_entity.pdbx_mutation 
_entity.pdbx_fragment 
_entity.details 
1 polymer     syn 'RNA (33-MER)'                             10224.107 1  ? ? ? 'N means abasic site of the RNA.' 
2 non-polymer syn '2-[2-(dimethylamino)ethoxy]xanthen-9-one' 283.322   1  ? ? ? ?                                 
3 water       nat water                                      18.015    13 ? ? ? ?                                 
# 
_entity_poly.entity_id                      1 
_entity_poly.type                           polyribonucleotide 
_entity_poly.nstd_linkage                   no 
_entity_poly.nstd_monomer                   no 
_entity_poly.pdbx_seq_one_letter_code       'CUGGGUCGCAGU(N)(N)(N)CCCAGUUAACAAAACAAG' 
_entity_poly.pdbx_seq_one_letter_code_can   CUGGGUCGCAGUNNNCCCAGUUAACAAAACAAG 
_entity_poly.pdbx_strand_id                 A 
_entity_poly.pdbx_target_identifier         ? 
# 
loop_
_pdbx_entity_nonpoly.entity_id 
_pdbx_entity_nonpoly.name 
_pdbx_entity_nonpoly.comp_id 
2 '2-[2-(dimethylamino)ethoxy]xanthen-9-one' A1LYK 
3 water                                      HOH   
# 
loop_
_entity_poly_seq.entity_id 
_entity_poly_seq.num 
_entity_poly_seq.mon_id 
_entity_poly_seq.hetero 
1 1  C n 
1 2  U n 
1 3  G n 
1 4  G n 
1 5  G n 
1 6  U n 
1 7  C n 
1 8  G n 
1 9  C n 
1 10 A n 
1 11 G n 
1 12 U n 
1 13 N n 
1 14 N n 
1 15 N n 
1 16 C n 
1 17 C n 
1 18 C n 
1 19 A n 
1 20 G n 
1 21 U n 
1 22 U n 
1 23 A n 
1 24 A n 
1 25 C n 
1 26 A n 
1 27 A n 
1 28 A n 
1 29 A n 
1 30 C n 
1 31 A n 
1 32 A n 
1 33 G n 
# 
_pdbx_entity_src_syn.entity_id              1 
_pdbx_entity_src_syn.pdbx_src_id            1 
_pdbx_entity_src_syn.pdbx_alt_source_flag   sample 
_pdbx_entity_src_syn.pdbx_beg_seq_num       1 
_pdbx_entity_src_syn.pdbx_end_seq_num       33 
_pdbx_entity_src_syn.organism_scientific    'Caldanaerobacter subterraneus subsp. tengcongensis' 
_pdbx_entity_src_syn.organism_common_name   ? 
_pdbx_entity_src_syn.ncbi_taxonomy_id       119072 
_pdbx_entity_src_syn.details                ? 
# 
loop_
_chem_comp.id 
_chem_comp.type 
_chem_comp.mon_nstd_flag 
_chem_comp.name 
_chem_comp.pdbx_synonyms 
_chem_comp.formula 
_chem_comp.formula_weight 
A     'RNA linking' y "ADENOSINE-5'-MONOPHOSPHATE"               ?                                   'C10 H14 N5 O7 P' 347.221 
A1LYK non-polymer   . '2-[2-(dimethylamino)ethoxy]xanthen-9-one' ?                                   'C17 H17 N O3'    283.322 
C     'RNA linking' y "CYTIDINE-5'-MONOPHOSPHATE"                ?                                   'C9 H14 N3 O8 P'  323.197 
G     'RNA linking' y "GUANOSINE-5'-MONOPHOSPHATE"               ?                                   'C10 H14 N5 O8 P' 363.221 
HOH   non-polymer   . WATER                                      ?                                   'H2 O'            18.015  
N     'RNA linking' . 
;ANY 5'-MONOPHOSPHATE NUCLEOTIDE
;
"1-DEOXY-RIBOFURANOSE-5'-PHOSPHATE" 'C5 H11 O7 P'     214.110 
U     'RNA linking' y "URIDINE-5'-MONOPHOSPHATE"                 ?                                   'C9 H13 N2 O9 P'  324.181 
# 
loop_
_pdbx_poly_seq_scheme.asym_id 
_pdbx_poly_seq_scheme.entity_id 
_pdbx_poly_seq_scheme.seq_id 
_pdbx_poly_seq_scheme.mon_id 
_pdbx_poly_seq_scheme.ndb_seq_num 
_pdbx_poly_seq_scheme.pdb_seq_num 
_pdbx_poly_seq_scheme.auth_seq_num 
_pdbx_poly_seq_scheme.pdb_mon_id 
_pdbx_poly_seq_scheme.auth_mon_id 
_pdbx_poly_seq_scheme.pdb_strand_id 
_pdbx_poly_seq_scheme.pdb_ins_code 
_pdbx_poly_seq_scheme.hetero 
A 1 1  C 1  1  1  C C A . n 
A 1 2  U 2  2  2  U U A . n 
A 1 3  G 3  3  3  G G A . n 
A 1 4  G 4  4  4  G G A . n 
A 1 5  G 5  5  5  G G A . n 
A 1 6  U 6  6  6  U U A . n 
A 1 7  C 7  7  7  C C A . n 
A 1 8  G 8  8  8  G G A . n 
A 1 9  C 9  9  9  C C A . n 
A 1 10 A 10 10 10 A A A . n 
A 1 11 G 11 11 11 G G A . n 
A 1 12 U 12 12 12 U U A . n 
A 1 13 N 13 13 13 N N A . n 
A 1 14 N 14 14 14 N N A . n 
A 1 15 N 15 15 15 N N A . n 
A 1 16 C 16 16 16 C C A . n 
A 1 17 C 17 17 17 C C A . n 
A 1 18 C 18 18 18 C C A . n 
A 1 19 A 19 19 19 A A A . n 
A 1 20 G 20 20 20 G G A . n 
A 1 21 U 21 21 21 U U A . n 
A 1 22 U 22 22 22 U U A . n 
A 1 23 A 23 23 23 A A A . n 
A 1 24 A 24 24 24 A A A . n 
A 1 25 C 25 25 25 C C A . n 
A 1 26 A 26 26 26 A A A . n 
A 1 27 A 27 27 27 A A A . n 
A 1 28 A 28 28 28 A A A . n 
A 1 29 A 29 29 29 A A A . n 
A 1 30 C 30 30 30 C C A . n 
A 1 31 A 31 31 31 A A A . n 
A 1 32 A 32 32 32 A A A . n 
A 1 33 G 33 33 33 G G A . n 
# 
_pdbx_entity_instance_feature.ordinal        1 
_pdbx_entity_instance_feature.comp_id        A1LYK 
_pdbx_entity_instance_feature.asym_id        ? 
_pdbx_entity_instance_feature.seq_num        ? 
_pdbx_entity_instance_feature.auth_comp_id   A1LYK 
_pdbx_entity_instance_feature.auth_asym_id   ? 
_pdbx_entity_instance_feature.auth_seq_num   ? 
_pdbx_entity_instance_feature.feature_type   'SUBJECT OF INVESTIGATION' 
_pdbx_entity_instance_feature.details        ? 
# 
loop_
_pdbx_nonpoly_scheme.asym_id 
_pdbx_nonpoly_scheme.entity_id 
_pdbx_nonpoly_scheme.mon_id 
_pdbx_nonpoly_scheme.ndb_seq_num 
_pdbx_nonpoly_scheme.pdb_seq_num 
_pdbx_nonpoly_scheme.auth_seq_num 
_pdbx_nonpoly_scheme.pdb_mon_id 
_pdbx_nonpoly_scheme.auth_mon_id 
_pdbx_nonpoly_scheme.pdb_strand_id 
_pdbx_nonpoly_scheme.pdb_ins_code 
B 2 A1LYK 1  101 1  A1LYK LIG A . 
C 3 HOH   1  201 8  HOH   HOH A . 
C 3 HOH   2  202 13 HOH   HOH A . 
C 3 HOH   3  203 7  HOH   HOH A . 
C 3 HOH   4  204 12 HOH   HOH A . 
C 3 HOH   5  205 14 HOH   HOH A . 
C 3 HOH   6  206 15 HOH   HOH A . 
C 3 HOH   7  207 10 HOH   HOH A . 
C 3 HOH   8  208 11 HOH   HOH A . 
C 3 HOH   9  209 1  HOH   HOH A . 
C 3 HOH   10 210 3  HOH   HOH A . 
C 3 HOH   11 211 9  HOH   HOH A . 
C 3 HOH   12 212 5  HOH   HOH A . 
C 3 HOH   13 213 4  HOH   HOH A . 
# 
loop_
_software.citation_id 
_software.classification 
_software.compiler_name 
_software.compiler_version 
_software.contact_author 
_software.contact_author_email 
_software.date 
_software.description 
_software.dependencies 
_software.hardware 
_software.language 
_software.location 
_software.mods 
_software.name 
_software.os 
_software.os_version 
_software.type 
_software.version 
_software.pdbx_ordinal 
? refinement       ? ? ? ? ? ? ? ? ? ? ? PHENIX ? ? ? v1.17.1-3660 1 
? 'data reduction' ? ? ? ? ? ? ? ? ? ? ? XDS    ? ? ? .            2 
? 'data scaling'   ? ? ? ? ? ? ? ? ? ? ? XSCALE ? ? ? .            3 
? phasing          ? ? ? ? ? ? ? ? ? ? ? PHASER ? ? ? .            4 
# 
_cell.angle_alpha                  90.000 
_cell.angle_alpha_esd              ? 
_cell.angle_beta                   90.000 
_cell.angle_beta_esd               ? 
_cell.angle_gamma                  120.000 
_cell.angle_gamma_esd              ? 
_cell.entry_id                     8YAM 
_cell.details                      ? 
_cell.formula_units_Z              ? 
_cell.length_a                     115.880 
_cell.length_a_esd                 ? 
_cell.length_b                     115.880 
_cell.length_b_esd                 ? 
_cell.length_c                     58.260 
_cell.length_c_esd                 ? 
_cell.volume                       677513.706 
_cell.volume_esd                   ? 
_cell.Z_PDB                        12 
_cell.reciprocal_angle_alpha       ? 
_cell.reciprocal_angle_beta        ? 
_cell.reciprocal_angle_gamma       ? 
_cell.reciprocal_angle_alpha_esd   ? 
_cell.reciprocal_angle_beta_esd    ? 
_cell.reciprocal_angle_gamma_esd   ? 
_cell.reciprocal_length_a          ? 
_cell.reciprocal_length_b          ? 
_cell.reciprocal_length_c          ? 
_cell.reciprocal_length_a_esd      ? 
_cell.reciprocal_length_b_esd      ? 
_cell.reciprocal_length_c_esd      ? 
_cell.pdbx_unique_axis             ? 
_cell.pdbx_esd_method              ? 
# 
_symmetry.entry_id                         8YAM 
_symmetry.cell_setting                     ? 
_symmetry.Int_Tables_number                182 
_symmetry.space_group_name_Hall            'P 6c 2c' 
_symmetry.space_group_name_H-M             'P 63 2 2' 
_symmetry.pdbx_full_space_group_name_H-M   ? 
# 
_exptl.absorpt_coefficient_mu     ? 
_exptl.absorpt_correction_T_max   ? 
_exptl.absorpt_correction_T_min   ? 
_exptl.absorpt_correction_type    ? 
_exptl.absorpt_process_details    ? 
_exptl.entry_id                   8YAM 
_exptl.crystals_number            1 
_exptl.details                    ? 
_exptl.method                     'X-RAY DIFFRACTION' 
_exptl.method_details             ? 
# 
_exptl_crystal.colour                       ? 
_exptl_crystal.density_diffrn               ? 
_exptl_crystal.density_Matthews             5.52 
_exptl_crystal.density_method               ? 
_exptl_crystal.density_percent_sol          77.73 
_exptl_crystal.description                  ? 
_exptl_crystal.F_000                        ? 
_exptl_crystal.id                           1 
_exptl_crystal.preparation                  ? 
_exptl_crystal.size_max                     ? 
_exptl_crystal.size_mid                     ? 
_exptl_crystal.size_min                     ? 
_exptl_crystal.size_rad                     ? 
_exptl_crystal.colour_lustre                ? 
_exptl_crystal.colour_modifier              ? 
_exptl_crystal.colour_primary               ? 
_exptl_crystal.density_meas                 ? 
_exptl_crystal.density_meas_esd             ? 
_exptl_crystal.density_meas_gt              ? 
_exptl_crystal.density_meas_lt              ? 
_exptl_crystal.density_meas_temp            ? 
_exptl_crystal.density_meas_temp_esd        ? 
_exptl_crystal.density_meas_temp_gt         ? 
_exptl_crystal.density_meas_temp_lt         ? 
_exptl_crystal.pdbx_crystal_image_url       ? 
_exptl_crystal.pdbx_crystal_image_format    ? 
_exptl_crystal.pdbx_mosaicity               ? 
_exptl_crystal.pdbx_mosaicity_esd           ? 
_exptl_crystal.pdbx_mosaic_method           ? 
_exptl_crystal.pdbx_mosaic_block_size       ? 
_exptl_crystal.pdbx_mosaic_block_size_esd   ? 
# 
_exptl_crystal_grow.apparatus       ? 
_exptl_crystal_grow.atmosphere      ? 
_exptl_crystal_grow.crystal_id      1 
_exptl_crystal_grow.details         ? 
_exptl_crystal_grow.method          'VAPOR DIFFUSION, HANGING DROP' 
_exptl_crystal_grow.method_ref      ? 
_exptl_crystal_grow.pH              5.6 
_exptl_crystal_grow.pressure        ? 
_exptl_crystal_grow.pressure_esd    ? 
_exptl_crystal_grow.seeding         ? 
_exptl_crystal_grow.seeding_ref     ? 
_exptl_crystal_grow.temp_details    ? 
_exptl_crystal_grow.temp_esd        ? 
_exptl_crystal_grow.time            ? 
_exptl_crystal_grow.pdbx_details    '0.3M potassium sodium tartrate, 0.1M sodium citrate (pH 5.6), 2.2M ammonium sulfate' 
_exptl_crystal_grow.pdbx_pH_range   ? 
_exptl_crystal_grow.temp            293 
# 
_diffrn.ambient_environment              ? 
_diffrn.ambient_temp                     100 
_diffrn.ambient_temp_details             ? 
_diffrn.ambient_temp_esd                 ? 
_diffrn.crystal_id                       1 
_diffrn.crystal_support                  ? 
_diffrn.crystal_treatment                ? 
_diffrn.details                          ? 
_diffrn.id                               1 
_diffrn.ambient_pressure                 ? 
_diffrn.ambient_pressure_esd             ? 
_diffrn.ambient_pressure_gt              ? 
_diffrn.ambient_pressure_lt              ? 
_diffrn.ambient_temp_gt                  ? 
_diffrn.ambient_temp_lt                  ? 
_diffrn.pdbx_serial_crystal_experiment   N 
# 
_diffrn_detector.details                      ? 
_diffrn_detector.detector                     PIXEL 
_diffrn_detector.diffrn_id                    1 
_diffrn_detector.type                         'DECTRIS PILATUS 6M' 
_diffrn_detector.area_resol_mean              ? 
_diffrn_detector.dtime                        ? 
_diffrn_detector.pdbx_frames_total            ? 
_diffrn_detector.pdbx_collection_time_total   ? 
_diffrn_detector.pdbx_collection_date         2020-04-06 
_diffrn_detector.pdbx_frequency               ? 
_diffrn_detector.id                           ? 
_diffrn_detector.number_of_axes               ? 
# 
_diffrn_radiation.collimation                      ? 
_diffrn_radiation.diffrn_id                        1 
_diffrn_radiation.filter_edge                      ? 
_diffrn_radiation.inhomogeneity                    ? 
_diffrn_radiation.monochromator                    ? 
_diffrn_radiation.polarisn_norm                    ? 
_diffrn_radiation.polarisn_ratio                   ? 
_diffrn_radiation.probe                            ? 
_diffrn_radiation.type                             ? 
_diffrn_radiation.xray_symbol                      ? 
_diffrn_radiation.wavelength_id                    1 
_diffrn_radiation.pdbx_monochromatic_or_laue_m_l   M 
_diffrn_radiation.pdbx_wavelength_list             ? 
_diffrn_radiation.pdbx_wavelength                  ? 
_diffrn_radiation.pdbx_diffrn_protocol             'SINGLE WAVELENGTH' 
_diffrn_radiation.pdbx_analyzer                    ? 
_diffrn_radiation.pdbx_scattering_type             x-ray 
# 
_diffrn_radiation_wavelength.id           1 
_diffrn_radiation_wavelength.wavelength   1.0 
_diffrn_radiation_wavelength.wt           1.0 
# 
_diffrn_source.current                     ? 
_diffrn_source.details                     ? 
_diffrn_source.diffrn_id                   1 
_diffrn_source.power                       ? 
_diffrn_source.size                        ? 
_diffrn_source.source                      SYNCHROTRON 
_diffrn_source.target                      ? 
_diffrn_source.type                        'SPRING-8 BEAMLINE BL45XU' 
_diffrn_source.voltage                     ? 
_diffrn_source.take-off_angle              ? 
_diffrn_source.pdbx_wavelength_list        1.0 
_diffrn_source.pdbx_wavelength             ? 
_diffrn_source.pdbx_synchrotron_beamline   BL45XU 
_diffrn_source.pdbx_synchrotron_site       SPring-8 
# 
_reflns.B_iso_Wilson_estimate                          ? 
_reflns.entry_id                                       8YAM 
_reflns.data_reduction_details                         ? 
_reflns.data_reduction_method                          ? 
_reflns.d_resolution_high                              2.15 
_reflns.d_resolution_low                               41.1 
_reflns.details                                        ? 
_reflns.limit_h_max                                    ? 
_reflns.limit_h_min                                    ? 
_reflns.limit_k_max                                    ? 
_reflns.limit_k_min                                    ? 
_reflns.limit_l_max                                    ? 
_reflns.limit_l_min                                    ? 
_reflns.number_all                                     ? 
_reflns.number_obs                                     12994 
_reflns.observed_criterion                             ? 
_reflns.observed_criterion_F_max                       ? 
_reflns.observed_criterion_F_min                       ? 
_reflns.observed_criterion_I_max                       ? 
_reflns.observed_criterion_I_min                       ? 
_reflns.observed_criterion_sigma_F                     ? 
_reflns.observed_criterion_sigma_I                     ? 
_reflns.percent_possible_obs                           99.6 
_reflns.R_free_details                                 ? 
_reflns.Rmerge_F_all                                   ? 
_reflns.Rmerge_F_obs                                   ? 
_reflns.Friedel_coverage                               ? 
_reflns.number_gt                                      ? 
_reflns.threshold_expression                           ? 
_reflns.pdbx_redundancy                                33.2 
_reflns.pdbx_netI_over_av_sigmaI                       ? 
_reflns.pdbx_netI_over_sigmaI                          29.8 
_reflns.pdbx_res_netI_over_av_sigmaI_2                 ? 
_reflns.pdbx_res_netI_over_sigmaI_2                    ? 
_reflns.pdbx_chi_squared                               ? 
_reflns.pdbx_scaling_rejects                           ? 
_reflns.pdbx_d_res_high_opt                            ? 
_reflns.pdbx_d_res_low_opt                             ? 
_reflns.pdbx_d_res_opt_method                          ? 
_reflns.phase_calculation_details                      ? 
_reflns.pdbx_Rrim_I_all                                ? 
_reflns.pdbx_Rpim_I_all                                0.015 
_reflns.pdbx_d_opt                                     ? 
_reflns.pdbx_number_measured_all                       ? 
_reflns.pdbx_diffrn_id                                 1 
_reflns.pdbx_ordinal                                   1 
_reflns.pdbx_CC_half                                   0.999 
_reflns.pdbx_CC_star                                   ? 
_reflns.pdbx_R_split                                   ? 
_reflns.pdbx_Rmerge_I_obs                              0.083 
_reflns.pdbx_Rmerge_I_all                              ? 
_reflns.pdbx_Rsym_value                                ? 
_reflns.pdbx_CC_split_method                           ? 
_reflns.pdbx_aniso_diffraction_limit_axis_1_ortho[1]   ? 
_reflns.pdbx_aniso_diffraction_limit_axis_1_ortho[2]   ? 
_reflns.pdbx_aniso_diffraction_limit_axis_1_ortho[3]   ? 
_reflns.pdbx_aniso_diffraction_limit_axis_2_ortho[1]   ? 
_reflns.pdbx_aniso_diffraction_limit_axis_2_ortho[2]   ? 
_reflns.pdbx_aniso_diffraction_limit_axis_2_ortho[3]   ? 
_reflns.pdbx_aniso_diffraction_limit_axis_3_ortho[1]   ? 
_reflns.pdbx_aniso_diffraction_limit_axis_3_ortho[2]   ? 
_reflns.pdbx_aniso_diffraction_limit_axis_3_ortho[3]   ? 
_reflns.pdbx_aniso_diffraction_limit_1                 ? 
_reflns.pdbx_aniso_diffraction_limit_2                 ? 
_reflns.pdbx_aniso_diffraction_limit_3                 ? 
_reflns.pdbx_aniso_B_tensor_eigenvector_1_ortho[1]     ? 
_reflns.pdbx_aniso_B_tensor_eigenvector_1_ortho[2]     ? 
_reflns.pdbx_aniso_B_tensor_eigenvector_1_ortho[3]     ? 
_reflns.pdbx_aniso_B_tensor_eigenvector_2_ortho[1]     ? 
_reflns.pdbx_aniso_B_tensor_eigenvector_2_ortho[2]     ? 
_reflns.pdbx_aniso_B_tensor_eigenvector_2_ortho[3]     ? 
_reflns.pdbx_aniso_B_tensor_eigenvector_3_ortho[1]     ? 
_reflns.pdbx_aniso_B_tensor_eigenvector_3_ortho[2]     ? 
_reflns.pdbx_aniso_B_tensor_eigenvector_3_ortho[3]     ? 
_reflns.pdbx_aniso_B_tensor_eigenvalue_1               ? 
_reflns.pdbx_aniso_B_tensor_eigenvalue_2               ? 
_reflns.pdbx_aniso_B_tensor_eigenvalue_3               ? 
_reflns.pdbx_orthogonalization_convention              ? 
_reflns.pdbx_percent_possible_ellipsoidal              ? 
_reflns.pdbx_percent_possible_spherical                ? 
_reflns.pdbx_percent_possible_ellipsoidal_anomalous    ? 
_reflns.pdbx_percent_possible_spherical_anomalous      ? 
_reflns.pdbx_redundancy_anomalous                      ? 
_reflns.pdbx_CC_half_anomalous                         ? 
_reflns.pdbx_absDiff_over_sigma_anomalous              ? 
_reflns.pdbx_percent_possible_anomalous                ? 
_reflns.pdbx_observed_signal_threshold                 ? 
_reflns.pdbx_signal_type                               ? 
_reflns.pdbx_signal_details                            ? 
_reflns.pdbx_signal_software_id                        ? 
# 
_reflns_shell.d_res_high                                    2.15 
_reflns_shell.d_res_low                                     2.28 
_reflns_shell.meanI_over_sigI_all                           ? 
_reflns_shell.meanI_over_sigI_obs                           1.57 
_reflns_shell.number_measured_all                           ? 
_reflns_shell.number_measured_obs                           ? 
_reflns_shell.number_possible                               ? 
_reflns_shell.number_unique_all                             ? 
_reflns_shell.number_unique_obs                             2040 
_reflns_shell.percent_possible_obs                          ? 
_reflns_shell.Rmerge_F_all                                  ? 
_reflns_shell.Rmerge_F_obs                                  ? 
_reflns_shell.meanI_over_sigI_gt                            ? 
_reflns_shell.meanI_over_uI_all                             ? 
_reflns_shell.meanI_over_uI_gt                              ? 
_reflns_shell.number_measured_gt                            ? 
_reflns_shell.number_unique_gt                              ? 
_reflns_shell.percent_possible_gt                           ? 
_reflns_shell.Rmerge_F_gt                                   ? 
_reflns_shell.Rmerge_I_gt                                   ? 
_reflns_shell.pdbx_redundancy                               33.3 
_reflns_shell.pdbx_chi_squared                              ? 
_reflns_shell.pdbx_netI_over_sigmaI_all                     ? 
_reflns_shell.pdbx_netI_over_sigmaI_obs                     ? 
_reflns_shell.pdbx_Rrim_I_all                               ? 
_reflns_shell.pdbx_Rpim_I_all                               0.585 
_reflns_shell.pdbx_rejects                                  ? 
_reflns_shell.pdbx_ordinal                                  1 
_reflns_shell.pdbx_diffrn_id                                1 
_reflns_shell.pdbx_CC_half                                  0.595 
_reflns_shell.pdbx_CC_star                                  ? 
_reflns_shell.pdbx_R_split                                  ? 
_reflns_shell.percent_possible_all                          99.2 
_reflns_shell.Rmerge_I_all                                  ? 
_reflns_shell.Rmerge_I_obs                                  3.36 
_reflns_shell.pdbx_Rsym_value                               ? 
_reflns_shell.pdbx_percent_possible_ellipsoidal             ? 
_reflns_shell.pdbx_percent_possible_spherical               ? 
_reflns_shell.pdbx_percent_possible_ellipsoidal_anomalous   ? 
_reflns_shell.pdbx_percent_possible_spherical_anomalous     ? 
_reflns_shell.pdbx_redundancy_anomalous                     ? 
_reflns_shell.pdbx_CC_half_anomalous                        ? 
_reflns_shell.pdbx_absDiff_over_sigma_anomalous             ? 
_reflns_shell.pdbx_percent_possible_anomalous               ? 
# 
_refine.aniso_B[1][1]                            ? 
_refine.aniso_B[1][2]                            ? 
_refine.aniso_B[1][3]                            ? 
_refine.aniso_B[2][2]                            ? 
_refine.aniso_B[2][3]                            ? 
_refine.aniso_B[3][3]                            ? 
_refine.B_iso_max                                ? 
_refine.B_iso_mean                               77.09 
_refine.B_iso_min                                ? 
_refine.correlation_coeff_Fo_to_Fc               ? 
_refine.correlation_coeff_Fo_to_Fc_free          ? 
_refine.details                                  ? 
_refine.diff_density_max                         ? 
_refine.diff_density_max_esd                     ? 
_refine.diff_density_min                         ? 
_refine.diff_density_min_esd                     ? 
_refine.diff_density_rms                         ? 
_refine.diff_density_rms_esd                     ? 
_refine.entry_id                                 8YAM 
_refine.pdbx_refine_id                           'X-RAY DIFFRACTION' 
_refine.ls_abs_structure_details                 ? 
_refine.ls_abs_structure_Flack                   ? 
_refine.ls_abs_structure_Flack_esd               ? 
_refine.ls_abs_structure_Rogers                  ? 
_refine.ls_abs_structure_Rogers_esd              ? 
_refine.ls_d_res_high                            2.15 
_refine.ls_d_res_low                             41.1 
_refine.ls_extinction_coef                       ? 
_refine.ls_extinction_coef_esd                   ? 
_refine.ls_extinction_expression                 ? 
_refine.ls_extinction_method                     ? 
_refine.ls_goodness_of_fit_all                   ? 
_refine.ls_goodness_of_fit_all_esd               ? 
_refine.ls_goodness_of_fit_obs                   ? 
_refine.ls_goodness_of_fit_obs_esd               ? 
_refine.ls_hydrogen_treatment                    ? 
_refine.ls_matrix_type                           ? 
_refine.ls_number_constraints                    ? 
_refine.ls_number_parameters                     ? 
_refine.ls_number_reflns_all                     ? 
_refine.ls_number_reflns_obs                     12983 
_refine.ls_number_reflns_R_free                  650 
_refine.ls_number_reflns_R_work                  ? 
_refine.ls_number_restraints                     ? 
_refine.ls_percent_reflns_obs                    99.69 
_refine.ls_percent_reflns_R_free                 5 
_refine.ls_R_factor_all                          ? 
_refine.ls_R_factor_obs                          ? 
_refine.ls_R_factor_R_free                       0.193 
_refine.ls_R_factor_R_free_error                 ? 
_refine.ls_R_factor_R_free_error_details         ? 
_refine.ls_R_factor_R_work                       0.184 
_refine.ls_R_Fsqd_factor_obs                     ? 
_refine.ls_R_I_factor_obs                        ? 
_refine.ls_redundancy_reflns_all                 ? 
_refine.ls_redundancy_reflns_obs                 ? 
_refine.ls_restrained_S_all                      ? 
_refine.ls_restrained_S_obs                      ? 
_refine.ls_shift_over_esd_max                    ? 
_refine.ls_shift_over_esd_mean                   ? 
_refine.ls_structure_factor_coef                 ? 
_refine.ls_weighting_details                     ? 
_refine.ls_weighting_scheme                      ? 
_refine.ls_wR_factor_all                         ? 
_refine.ls_wR_factor_obs                         ? 
_refine.ls_wR_factor_R_free                      ? 
_refine.ls_wR_factor_R_work                      ? 
_refine.occupancy_max                            ? 
_refine.occupancy_min                            ? 
_refine.solvent_model_details                    ? 
_refine.solvent_model_param_bsol                 ? 
_refine.solvent_model_param_ksol                 ? 
_refine.pdbx_R_complete                          ? 
_refine.ls_R_factor_gt                           ? 
_refine.ls_goodness_of_fit_gt                    ? 
_refine.ls_goodness_of_fit_ref                   ? 
_refine.ls_shift_over_su_max                     ? 
_refine.ls_shift_over_su_max_lt                  ? 
_refine.ls_shift_over_su_mean                    ? 
_refine.ls_shift_over_su_mean_lt                 ? 
_refine.pdbx_ls_sigma_I                          ? 
_refine.pdbx_ls_sigma_F                          ? 
_refine.pdbx_ls_sigma_Fsqd                       ? 
_refine.pdbx_data_cutoff_high_absF               ? 
_refine.pdbx_data_cutoff_high_rms_absF           ? 
_refine.pdbx_data_cutoff_low_absF                ? 
_refine.pdbx_isotropic_thermal_model             ? 
_refine.pdbx_ls_cross_valid_method               'FREE R-VALUE' 
_refine.pdbx_method_to_determine_struct          'MOLECULAR REPLACEMENT' 
_refine.pdbx_starting_model                      ? 
_refine.pdbx_stereochemistry_target_values       'GeoStd + Monomer Library + CDL v1.2' 
_refine.pdbx_R_Free_selection_details            'Random selection' 
_refine.pdbx_stereochem_target_val_spec_case     ? 
_refine.pdbx_overall_ESU_R                       ? 
_refine.pdbx_overall_ESU_R_Free                  ? 
_refine.pdbx_solvent_vdw_probe_radii             ? 
_refine.pdbx_solvent_ion_probe_radii             ? 
_refine.pdbx_solvent_shrinkage_radii             ? 
_refine.pdbx_real_space_R                        ? 
_refine.pdbx_density_correlation                 ? 
_refine.pdbx_pd_number_of_powder_patterns        ? 
_refine.pdbx_pd_number_of_points                 ? 
_refine.pdbx_pd_meas_number_of_points            ? 
_refine.pdbx_pd_proc_ls_prof_R_factor            ? 
_refine.pdbx_pd_proc_ls_prof_wR_factor           ? 
_refine.pdbx_pd_Marquardt_correlation_coeff      ? 
_refine.pdbx_pd_Fsqrd_R_factor                   ? 
_refine.pdbx_pd_ls_matrix_band_width             ? 
_refine.pdbx_overall_phase_error                 ? 
_refine.pdbx_overall_SU_R_free_Cruickshank_DPI   ? 
_refine.pdbx_overall_SU_R_free_Blow_DPI          ? 
_refine.pdbx_overall_SU_R_Blow_DPI               ? 
_refine.pdbx_TLS_residual_ADP_flag               ? 
_refine.pdbx_diffrn_id                           1 
_refine.overall_SU_B                             ? 
_refine.overall_SU_ML                            ? 
_refine.overall_SU_R_Cruickshank_DPI             ? 
_refine.overall_SU_R_free                        ? 
_refine.overall_FOM_free_R_set                   ? 
_refine.overall_FOM_work_R_set                   ? 
_refine.pdbx_average_fsc_overall                 ? 
_refine.pdbx_average_fsc_work                    ? 
_refine.pdbx_average_fsc_free                    ? 
# 
_refine_hist.pdbx_refine_id                   'X-RAY DIFFRACTION' 
_refine_hist.cycle_id                         LAST 
_refine_hist.pdbx_number_atoms_protein        0 
_refine_hist.pdbx_number_atoms_nucleic_acid   667 
_refine_hist.pdbx_number_atoms_ligand         21 
_refine_hist.number_atoms_solvent             13 
_refine_hist.number_atoms_total               701 
_refine_hist.d_res_high                       2.15 
_refine_hist.d_res_low                        41.1 
# 
loop_
_refine_ls_restr.pdbx_refine_id 
_refine_ls_restr.criterion 
_refine_ls_restr.dev_ideal 
_refine_ls_restr.dev_ideal_target 
_refine_ls_restr.number 
_refine_ls_restr.rejects 
_refine_ls_restr.type 
_refine_ls_restr.weight 
_refine_ls_restr.pdbx_restraint_function 
'X-RAY DIFFRACTION' ? 0.0046  ? 767  ? f_bond_d           ? ? 
'X-RAY DIFFRACTION' ? 0.9832  ? 1189 ? f_angle_d          ? ? 
'X-RAY DIFFRACTION' ? 0.0449  ? 155  ? f_chiral_restr     ? ? 
'X-RAY DIFFRACTION' ? 0.0099  ? 33   ? f_plane_restr      ? ? 
'X-RAY DIFFRACTION' ? 21.4673 ? 381  ? f_dihedral_angle_d ? ? 
# 
_refine_ls_shell.R_factor_R_free                  0.325 
_refine_ls_shell.R_factor_R_free_error            ? 
_refine_ls_shell.R_factor_R_work                  0.318 
_refine_ls_shell.R_factor_all                     ? 
_refine_ls_shell.R_factor_obs                     ? 
_refine_ls_shell.d_res_high                       2.15 
_refine_ls_shell.d_res_low                        2.32 
_refine_ls_shell.number_reflns_R_free             126 
_refine_ls_shell.number_reflns_R_work             ? 
_refine_ls_shell.number_reflns_all                ? 
_refine_ls_shell.number_reflns_obs                2399 
_refine_ls_shell.pdbx_R_complete                  ? 
_refine_ls_shell.pdbx_fsc_free                    ? 
_refine_ls_shell.pdbx_fsc_work                    ? 
_refine_ls_shell.pdbx_phase_error                 ? 
_refine_ls_shell.pdbx_refine_id                   'X-RAY DIFFRACTION' 
_refine_ls_shell.pdbx_total_number_of_bins_used   ? 
_refine_ls_shell.percent_reflns_R_free            ? 
_refine_ls_shell.percent_reflns_obs               ? 
_refine_ls_shell.redundancy_reflns_all            ? 
_refine_ls_shell.redundancy_reflns_obs            ? 
_refine_ls_shell.wR_factor_R_free                 ? 
_refine_ls_shell.wR_factor_R_work                 ? 
_refine_ls_shell.wR_factor_all                    ? 
_refine_ls_shell.wR_factor_obs                    ? 
# 
_struct.entry_id                     8YAM 
_struct.title                        'Crystal structure of a class I PreQ1 riboswitch complexed with a synthetic compound' 
_struct.pdbx_model_details           ? 
_struct.pdbx_formula_weight          ? 
_struct.pdbx_formula_weight_method   ? 
_struct.pdbx_model_type_details      ? 
_struct.pdbx_CASP_flag               N 
# 
_struct_keywords.entry_id        8YAM 
_struct_keywords.text            'PreQ1 riboswitch, RNA' 
_struct_keywords.pdbx_keywords   RNA 
# 
loop_
_struct_asym.id 
_struct_asym.pdbx_blank_PDB_chainid_flag 
_struct_asym.pdbx_modified 
_struct_asym.entity_id 
_struct_asym.details 
A N N 1 ? 
B N N 2 ? 
C N N 3 ? 
# 
_struct_ref.id                         1 
_struct_ref.db_name                    PDB 
_struct_ref.db_code                    8YAM 
_struct_ref.pdbx_db_accession          8YAM 
_struct_ref.pdbx_db_isoform            ? 
_struct_ref.entity_id                  1 
_struct_ref.pdbx_seq_one_letter_code   ? 
_struct_ref.pdbx_align_begin           1 
# 
_struct_ref_seq.align_id                      1 
_struct_ref_seq.ref_id                        1 
_struct_ref_seq.pdbx_PDB_id_code              8YAM 
_struct_ref_seq.pdbx_strand_id                A 
_struct_ref_seq.seq_align_beg                 1 
_struct_ref_seq.pdbx_seq_align_beg_ins_code   ? 
_struct_ref_seq.seq_align_end                 33 
_struct_ref_seq.pdbx_seq_align_end_ins_code   ? 
_struct_ref_seq.pdbx_db_accession             8YAM 
_struct_ref_seq.db_align_beg                  1 
_struct_ref_seq.pdbx_db_align_beg_ins_code    ? 
_struct_ref_seq.db_align_end                  33 
_struct_ref_seq.pdbx_db_align_end_ins_code    ? 
_struct_ref_seq.pdbx_auth_seq_align_beg       1 
_struct_ref_seq.pdbx_auth_seq_align_end       33 
# 
_pdbx_struct_assembly.id                   1 
_pdbx_struct_assembly.details              author_defined_assembly 
_pdbx_struct_assembly.method_details       ? 
_pdbx_struct_assembly.oligomeric_details   monomeric 
_pdbx_struct_assembly.oligomeric_count     1 
# 
_pdbx_struct_assembly_gen.assembly_id       1 
_pdbx_struct_assembly_gen.oper_expression   1 
_pdbx_struct_assembly_gen.asym_id_list      A,B,C 
# 
_pdbx_struct_assembly_auth_evidence.id                     1 
_pdbx_struct_assembly_auth_evidence.assembly_id            1 
_pdbx_struct_assembly_auth_evidence.experimental_support   'gel filtration' 
_pdbx_struct_assembly_auth_evidence.details                ? 
# 
_pdbx_struct_oper_list.id                   1 
_pdbx_struct_oper_list.type                 'identity operation' 
_pdbx_struct_oper_list.name                 1_555 
_pdbx_struct_oper_list.symmetry_operation   x,y,z 
_pdbx_struct_oper_list.matrix[1][1]         1.0000000000 
_pdbx_struct_oper_list.matrix[1][2]         0.0000000000 
_pdbx_struct_oper_list.matrix[1][3]         0.0000000000 
_pdbx_struct_oper_list.vector[1]            0.0000000000 
_pdbx_struct_oper_list.matrix[2][1]         0.0000000000 
_pdbx_struct_oper_list.matrix[2][2]         1.0000000000 
_pdbx_struct_oper_list.matrix[2][3]         0.0000000000 
_pdbx_struct_oper_list.vector[2]            0.0000000000 
_pdbx_struct_oper_list.matrix[3][1]         0.0000000000 
_pdbx_struct_oper_list.matrix[3][2]         0.0000000000 
_pdbx_struct_oper_list.matrix[3][3]         1.0000000000 
_pdbx_struct_oper_list.vector[3]            0.0000000000 
# 
loop_
_struct_conn.id 
_struct_conn.conn_type_id 
_struct_conn.pdbx_leaving_atom_flag 
_struct_conn.pdbx_PDB_id 
_struct_conn.ptnr1_label_asym_id 
_struct_conn.ptnr1_label_comp_id 
_struct_conn.ptnr1_label_seq_id 
_struct_conn.ptnr1_label_atom_id 
_struct_conn.pdbx_ptnr1_label_alt_id 
_struct_conn.pdbx_ptnr1_PDB_ins_code 
_struct_conn.pdbx_ptnr1_standard_comp_id 
_struct_conn.ptnr1_symmetry 
_struct_conn.ptnr2_label_asym_id 
_struct_conn.ptnr2_label_comp_id 
_struct_conn.ptnr2_label_seq_id 
_struct_conn.ptnr2_label_atom_id 
_struct_conn.pdbx_ptnr2_label_alt_id 
_struct_conn.pdbx_ptnr2_PDB_ins_code 
_struct_conn.ptnr1_auth_asym_id 
_struct_conn.ptnr1_auth_comp_id 
_struct_conn.ptnr1_auth_seq_id 
_struct_conn.ptnr2_auth_asym_id 
_struct_conn.ptnr2_auth_comp_id 
_struct_conn.ptnr2_auth_seq_id 
_struct_conn.ptnr2_symmetry 
_struct_conn.pdbx_ptnr3_label_atom_id 
_struct_conn.pdbx_ptnr3_label_seq_id 
_struct_conn.pdbx_ptnr3_label_comp_id 
_struct_conn.pdbx_ptnr3_label_asym_id 
_struct_conn.pdbx_ptnr3_label_alt_id 
_struct_conn.pdbx_ptnr3_PDB_ins_code 
_struct_conn.details 
_struct_conn.pdbx_dist_value 
_struct_conn.pdbx_value_order 
_struct_conn.pdbx_role 
covale1  covale both ? A U 12 "O3'" ? ? ? 1_555 A N 13 P  ? ? A U 12 A N 13 1_555 ? ? ? ? ? ? ?             1.606 ? ? 
covale2  covale both ? A N 13 "O3'" ? ? ? 1_555 A N 14 P  ? ? A N 13 A N 14 1_555 ? ? ? ? ? ? ?             1.607 ? ? 
covale3  covale both ? A N 14 "O3'" ? ? ? 1_555 A N 15 P  ? ? A N 14 A N 15 1_555 ? ? ? ? ? ? ?             1.621 ? ? 
covale4  covale both ? A N 15 "O3'" ? ? ? 1_555 A C 16 P  ? ? A N 15 A C 16 1_555 ? ? ? ? ? ? ?             1.607 ? ? 
hydrog1  hydrog ?    ? A C 1  N3    ? ? ? 1_555 A G 20 N1 ? ? A C 1  A G 20 1_555 ? ? ? ? ? ? WATSON-CRICK  ?     ? ? 
hydrog2  hydrog ?    ? A C 1  N4    ? ? ? 1_555 A G 20 O6 ? ? A C 1  A G 20 1_555 ? ? ? ? ? ? WATSON-CRICK  ?     ? ? 
hydrog3  hydrog ?    ? A C 1  O2    ? ? ? 1_555 A G 20 N2 ? ? A C 1  A G 20 1_555 ? ? ? ? ? ? WATSON-CRICK  ?     ? ? 
hydrog4  hydrog ?    ? A U 2  N3    ? ? ? 1_555 A A 19 N1 ? ? A U 2  A A 19 1_555 ? ? ? ? ? ? WATSON-CRICK  ?     ? ? 
hydrog5  hydrog ?    ? A U 2  O4    ? ? ? 1_555 A A 19 N6 ? ? A U 2  A A 19 1_555 ? ? ? ? ? ? WATSON-CRICK  ?     ? ? 
hydrog6  hydrog ?    ? A G 3  N1    ? ? ? 1_555 A C 18 N3 ? ? A G 3  A C 18 1_555 ? ? ? ? ? ? WATSON-CRICK  ?     ? ? 
hydrog7  hydrog ?    ? A G 3  N2    ? ? ? 1_555 A C 18 O2 ? ? A G 3  A C 18 1_555 ? ? ? ? ? ? WATSON-CRICK  ?     ? ? 
hydrog8  hydrog ?    ? A G 3  O6    ? ? ? 1_555 A C 18 N4 ? ? A G 3  A C 18 1_555 ? ? ? ? ? ? WATSON-CRICK  ?     ? ? 
hydrog9  hydrog ?    ? A G 4  N1    ? ? ? 1_555 A C 17 N3 ? ? A G 4  A C 17 1_555 ? ? ? ? ? ? WATSON-CRICK  ?     ? ? 
hydrog10 hydrog ?    ? A G 4  N2    ? ? ? 1_555 A C 17 O2 ? ? A G 4  A C 17 1_555 ? ? ? ? ? ? WATSON-CRICK  ?     ? ? 
hydrog11 hydrog ?    ? A G 4  O6    ? ? ? 1_555 A C 17 N4 ? ? A G 4  A C 17 1_555 ? ? ? ? ? ? WATSON-CRICK  ?     ? ? 
hydrog12 hydrog ?    ? A G 5  N1    ? ? ? 1_555 A C 16 N3 ? ? A G 5  A C 16 1_555 ? ? ? ? ? ? WATSON-CRICK  ?     ? ? 
hydrog13 hydrog ?    ? A G 5  N2    ? ? ? 1_555 A C 16 O2 ? ? A G 5  A C 16 1_555 ? ? ? ? ? ? WATSON-CRICK  ?     ? ? 
hydrog14 hydrog ?    ? A G 5  O6    ? ? ? 1_555 A C 16 N4 ? ? A G 5  A C 16 1_555 ? ? ? ? ? ? WATSON-CRICK  ?     ? ? 
hydrog15 hydrog ?    ? A G 5  N2    ? ? ? 1_555 A A 27 N1 ? ? A G 5  A A 27 1_555 ? ? ? ? ? ? TYPE_10_PAIR  ?     ? ? 
hydrog16 hydrog ?    ? A G 5  N3    ? ? ? 1_555 A A 27 N6 ? ? A G 5  A A 27 1_555 ? ? ? ? ? ? TYPE_10_PAIR  ?     ? ? 
hydrog17 hydrog ?    ? A U 6  N3    ? ? ? 1_555 A A 28 N7 ? ? A U 6  A A 28 1_555 ? ? ? ? ? ? HOOGSTEEN     ?     ? ? 
hydrog18 hydrog ?    ? A U 6  O4    ? ? ? 1_555 A A 28 N6 ? ? A U 6  A A 28 1_555 ? ? ? ? ? ? HOOGSTEEN     ?     ? ? 
hydrog19 hydrog ?    ? A C 7  N4    ? ? ? 1_555 A G 11 N7 ? ? A C 7  A G 11 1_555 ? ? ? ? ? ? 'C-G PAIR'    ?     ? ? 
hydrog20 hydrog ?    ? A C 7  O2    ? ? ? 1_555 A A 29 N6 ? ? A C 7  A A 29 1_555 ? ? ? ? ? ? 'C-A MISPAIR' ?     ? ? 
hydrog21 hydrog ?    ? A C 7  O2    ? ? ? 1_555 A C 30 N4 ? ? A C 7  A C 30 1_555 ? ? ? ? ? ? 'C-C MISPAIR' ?     ? ? 
hydrog22 hydrog ?    ? A G 8  N2    ? ? ? 1_555 A A 31 N1 ? ? A G 8  A A 31 1_555 ? ? ? ? ? ? TYPE_10_PAIR  ?     ? ? 
hydrog23 hydrog ?    ? A G 8  N3    ? ? ? 1_555 A A 31 N6 ? ? A G 8  A A 31 1_555 ? ? ? ? ? ? TYPE_10_PAIR  ?     ? ? 
hydrog24 hydrog ?    ? A C 9  N3    ? ? ? 1_555 A G 33 N1 ? ? A C 9  A G 33 1_555 ? ? ? ? ? ? WATSON-CRICK  ?     ? ? 
hydrog25 hydrog ?    ? A C 9  N4    ? ? ? 1_555 A G 33 O6 ? ? A C 9  A G 33 1_555 ? ? ? ? ? ? WATSON-CRICK  ?     ? ? 
hydrog26 hydrog ?    ? A C 9  O2    ? ? ? 1_555 A G 33 N2 ? ? A C 9  A G 33 1_555 ? ? ? ? ? ? WATSON-CRICK  ?     ? ? 
hydrog27 hydrog ?    ? A A 10 N3    ? ? ? 1_555 A A 32 N6 ? ? A A 10 A A 32 1_555 ? ? ? ? ? ? 'A-A MISPAIR' ?     ? ? 
hydrog28 hydrog ?    ? A G 11 N1    ? ? ? 1_555 A C 30 N3 ? ? A G 11 A C 30 1_555 ? ? ? ? ? ? WATSON-CRICK  ?     ? ? 
hydrog29 hydrog ?    ? A G 11 N2    ? ? ? 1_555 A C 30 O2 ? ? A G 11 A C 30 1_555 ? ? ? ? ? ? WATSON-CRICK  ?     ? ? 
hydrog30 hydrog ?    ? A G 11 O6    ? ? ? 1_555 A C 30 N4 ? ? A G 11 A C 30 1_555 ? ? ? ? ? ? WATSON-CRICK  ?     ? ? 
hydrog31 hydrog ?    ? A C 16 O2    ? ? ? 1_555 A A 28 N6 ? ? A C 16 A A 28 1_555 ? ? ? ? ? ? 'C-A MISPAIR' ?     ? ? 
hydrog32 hydrog ?    ? A C 17 O2    ? ? ? 1_555 A A 26 N6 ? ? A C 17 A A 26 1_555 ? ? ? ? ? ? 'C-A MISPAIR' ?     ? ? 
# 
loop_
_struct_conn_type.id 
_struct_conn_type.criteria 
_struct_conn_type.reference 
covale ? ? 
hydrog ? ? 
# 
_pdbx_entry_details.entry_id                   8YAM 
_pdbx_entry_details.has_ligand_of_interest     Y 
_pdbx_entry_details.compound_details           ? 
_pdbx_entry_details.source_details             ? 
_pdbx_entry_details.nonpolymer_details         ? 
_pdbx_entry_details.sequence_details           ? 
_pdbx_entry_details.has_protein_modification   ? 
# 
loop_
_space_group_symop.id 
_space_group_symop.operation_xyz 
1  x,y,z         
2  x-y,x,z+1/2   
3  y,-x+y,z+1/2  
4  -y,x-y,z      
5  -x+y,-x,z     
6  x-y,-y,-z     
7  -x,-x+y,-z    
8  -x,-y,z+1/2   
9  y,x,-z        
10 -y,-x,-z+1/2  
11 -x+y,y,-z+1/2 
12 x,x-y,-z+1/2  
# 
loop_
_pdbx_refine_tls.pdbx_refine_id 
_pdbx_refine_tls.id 
_pdbx_refine_tls.details 
_pdbx_refine_tls.method 
_pdbx_refine_tls.origin_x 
_pdbx_refine_tls.origin_y 
_pdbx_refine_tls.origin_z 
_pdbx_refine_tls.T[1][1] 
_pdbx_refine_tls.T[2][2] 
_pdbx_refine_tls.T[3][3] 
_pdbx_refine_tls.T[1][2] 
_pdbx_refine_tls.T[1][3] 
_pdbx_refine_tls.T[2][3] 
_pdbx_refine_tls.L[1][1] 
_pdbx_refine_tls.L[2][2] 
_pdbx_refine_tls.L[3][3] 
_pdbx_refine_tls.L[1][2] 
_pdbx_refine_tls.L[1][3] 
_pdbx_refine_tls.L[2][3] 
_pdbx_refine_tls.S[1][1] 
_pdbx_refine_tls.S[1][2] 
_pdbx_refine_tls.S[1][3] 
_pdbx_refine_tls.S[2][1] 
_pdbx_refine_tls.S[2][2] 
_pdbx_refine_tls.S[2][3] 
_pdbx_refine_tls.S[3][1] 
_pdbx_refine_tls.S[3][2] 
_pdbx_refine_tls.S[3][3] 
'X-RAY DIFFRACTION' 1 ? refined 2.7944  -1.2640 1.0800   0.5556 0.8998 0.7138 0.2657 0.2422 0.0978  1.6957  0.4455 1.2800  0.7498  1.3316  0.4656  0.3360  0.5876 0.1800  -0.3281 0.1365  -0.3983 0.6838  0.9015 -0.4010 
'X-RAY DIFFRACTION' 2 ? refined 1.6097  4.1054  -2.2221  0.5733 0.8517 0.6252 0.2043 0.1074 -0.0109 11.2316 3.7115 0.9294  4.4432  -0.9759 0.4975  -0.7869 0.0999 1.3156  0.2970  0.6338  0.2433  -0.0571 0.4102 -0.0970 
'X-RAY DIFFRACTION' 3 ? refined -8.2273 -1.6162 6.0177   0.5238 0.6280 0.6690 0.0645 0.1962 0.1783  5.3807  5.0671 11.3653 -0.1749 -3.1245 2.7761  -0.2786 0.1823 -0.5026 0.3765  -0.0588 -0.4000 1.1088  0.2049 0.4250  
'X-RAY DIFFRACTION' 4 ? refined 8.6239  0.0423  -11.5248 0.7722 1.2484 0.8417 0.1760 0.2659 -0.1323 9.6768  1.2637 0.4808  2.8879  -0.5086 -0.3047 -1.1598 1.0131 -0.7334 -0.6437 1.2533  -1.1808 0.5181  0.1293 0.0893  
# 
loop_
_pdbx_refine_tls_group.pdbx_refine_id 
_pdbx_refine_tls_group.id 
_pdbx_refine_tls_group.refine_tls_id 
_pdbx_refine_tls_group.beg_auth_asym_id 
_pdbx_refine_tls_group.beg_auth_seq_id 
_pdbx_refine_tls_group.beg_label_asym_id 
_pdbx_refine_tls_group.beg_label_seq_id 
_pdbx_refine_tls_group.end_auth_asym_id 
_pdbx_refine_tls_group.end_auth_seq_id 
_pdbx_refine_tls_group.end_label_asym_id 
_pdbx_refine_tls_group.end_label_seq_id 
_pdbx_refine_tls_group.selection 
_pdbx_refine_tls_group.selection_details 
'X-RAY DIFFRACTION' 1 1 ? ? ? ? ? ? ? ? ? 
;chain 'A' and (resid 1 through 10 )
;
'X-RAY DIFFRACTION' 2 2 ? ? ? ? ? ? ? ? ? 
;chain 'A' and (resid 11 through 18 )
;
'X-RAY DIFFRACTION' 3 3 ? ? ? ? ? ? ? ? ? 
;chain 'A' and (resid 19 through 28 )
;
'X-RAY DIFFRACTION' 4 4 ? ? ? ? ? ? ? ? ? 
;chain 'A' and (resid 29 through 33 )
;
# 
loop_
_chem_comp_atom.comp_id 
_chem_comp_atom.atom_id 
_chem_comp_atom.type_symbol 
_chem_comp_atom.pdbx_aromatic_flag 
_chem_comp_atom.pdbx_stereo_config 
_chem_comp_atom.pdbx_ordinal 
A     OP3    O N N 1   
A     P      P N N 2   
A     OP1    O N N 3   
A     OP2    O N N 4   
A     "O5'"  O N N 5   
A     "C5'"  C N N 6   
A     "C4'"  C N R 7   
A     "O4'"  O N N 8   
A     "C3'"  C N S 9   
A     "O3'"  O N N 10  
A     "C2'"  C N R 11  
A     "O2'"  O N N 12  
A     "C1'"  C N R 13  
A     N9     N Y N 14  
A     C8     C Y N 15  
A     N7     N Y N 16  
A     C5     C Y N 17  
A     C6     C Y N 18  
A     N6     N N N 19  
A     N1     N Y N 20  
A     C2     C Y N 21  
A     N3     N Y N 22  
A     C4     C Y N 23  
A     HOP3   H N N 24  
A     HOP2   H N N 25  
A     "H5'"  H N N 26  
A     "H5''" H N N 27  
A     "H4'"  H N N 28  
A     "H3'"  H N N 29  
A     "HO3'" H N N 30  
A     "H2'"  H N N 31  
A     "HO2'" H N N 32  
A     "H1'"  H N N 33  
A     H8     H N N 34  
A     H61    H N N 35  
A     H62    H N N 36  
A     H2     H N N 37  
A1LYK C10    C Y N 38  
A1LYK C13    C Y N 39  
A1LYK C15    C N N 40  
A1LYK C20    C Y N 41  
A1LYK C21    C Y N 42  
A1LYK C02    C N N 43  
A1LYK C03    C Y N 44  
A1LYK C04    C Y N 45  
A1LYK C05    C Y N 46  
A1LYK C06    C Y N 47  
A1LYK C07    C Y N 48  
A1LYK C08    C Y N 49  
A1LYK C11    C Y N 50  
A1LYK C12    C Y N 51  
A1LYK C16    C N N 52  
A1LYK C18    C N N 53  
A1LYK C19    C N N 54  
A1LYK N17    N N N 55  
A1LYK O01    O N N 56  
A1LYK O09    O N N 57  
A1LYK O14    O N N 58  
A1LYK H151   H N N 59  
A1LYK H152   H N N 60  
A1LYK H201   H N N 61  
A1LYK H211   H N N 62  
A1LYK H041   H N N 63  
A1LYK H051   H N N 64  
A1LYK H061   H N N 65  
A1LYK H071   H N N 66  
A1LYK H121   H N N 67  
A1LYK H161   H N N 68  
A1LYK H162   H N N 69  
A1LYK H181   H N N 70  
A1LYK H183   H N N 71  
A1LYK H182   H N N 72  
A1LYK H193   H N N 73  
A1LYK H191   H N N 74  
A1LYK H192   H N N 75  
C     OP3    O N N 76  
C     P      P N N 77  
C     OP1    O N N 78  
C     OP2    O N N 79  
C     "O5'"  O N N 80  
C     "C5'"  C N N 81  
C     "C4'"  C N R 82  
C     "O4'"  O N N 83  
C     "C3'"  C N S 84  
C     "O3'"  O N N 85  
C     "C2'"  C N R 86  
C     "O2'"  O N N 87  
C     "C1'"  C N R 88  
C     N1     N N N 89  
C     C2     C N N 90  
C     O2     O N N 91  
C     N3     N N N 92  
C     C4     C N N 93  
C     N4     N N N 94  
C     C5     C N N 95  
C     C6     C N N 96  
C     HOP3   H N N 97  
C     HOP2   H N N 98  
C     "H5'"  H N N 99  
C     "H5''" H N N 100 
C     "H4'"  H N N 101 
C     "H3'"  H N N 102 
C     "HO3'" H N N 103 
C     "H2'"  H N N 104 
C     "HO2'" H N N 105 
C     "H1'"  H N N 106 
C     H41    H N N 107 
C     H42    H N N 108 
C     H5     H N N 109 
C     H6     H N N 110 
G     OP3    O N N 111 
G     P      P N N 112 
G     OP1    O N N 113 
G     OP2    O N N 114 
G     "O5'"  O N N 115 
G     "C5'"  C N N 116 
G     "C4'"  C N R 117 
G     "O4'"  O N N 118 
G     "C3'"  C N S 119 
G     "O3'"  O N N 120 
G     "C2'"  C N R 121 
G     "O2'"  O N N 122 
G     "C1'"  C N R 123 
G     N9     N Y N 124 
G     C8     C Y N 125 
G     N7     N Y N 126 
G     C5     C Y N 127 
G     C6     C N N 128 
G     O6     O N N 129 
G     N1     N N N 130 
G     C2     C N N 131 
G     N2     N N N 132 
G     N3     N N N 133 
G     C4     C Y N 134 
G     HOP3   H N N 135 
G     HOP2   H N N 136 
G     "H5'"  H N N 137 
G     "H5''" H N N 138 
G     "H4'"  H N N 139 
G     "H3'"  H N N 140 
G     "HO3'" H N N 141 
G     "H2'"  H N N 142 
G     "HO2'" H N N 143 
G     "H1'"  H N N 144 
G     H8     H N N 145 
G     H1     H N N 146 
G     H21    H N N 147 
G     H22    H N N 148 
HOH   O      O N N 149 
HOH   H1     H N N 150 
HOH   H2     H N N 151 
U     OP3    O N N 152 
U     P      P N N 153 
U     OP1    O N N 154 
U     OP2    O N N 155 
U     "O5'"  O N N 156 
U     "C5'"  C N N 157 
U     "C4'"  C N R 158 
U     "O4'"  O N N 159 
U     "C3'"  C N S 160 
U     "O3'"  O N N 161 
U     "C2'"  C N R 162 
U     "O2'"  O N N 163 
U     "C1'"  C N R 164 
U     N1     N N N 165 
U     C2     C N N 166 
U     O2     O N N 167 
U     N3     N N N 168 
U     C4     C N N 169 
U     O4     O N N 170 
U     C5     C N N 171 
U     C6     C N N 172 
U     HOP3   H N N 173 
U     HOP2   H N N 174 
U     "H5'"  H N N 175 
U     "H5''" H N N 176 
U     "H4'"  H N N 177 
U     "H3'"  H N N 178 
U     "HO3'" H N N 179 
U     "H2'"  H N N 180 
U     "HO2'" H N N 181 
U     "H1'"  H N N 182 
U     H3     H N N 183 
U     H5     H N N 184 
U     H6     H N N 185 
# 
loop_
_chem_comp_bond.comp_id 
_chem_comp_bond.atom_id_1 
_chem_comp_bond.atom_id_2 
_chem_comp_bond.value_order 
_chem_comp_bond.pdbx_aromatic_flag 
_chem_comp_bond.pdbx_stereo_config 
_chem_comp_bond.pdbx_ordinal 
A     OP3   P      sing N N 1   
A     OP3   HOP3   sing N N 2   
A     P     OP1    doub N N 3   
A     P     OP2    sing N N 4   
A     P     "O5'"  sing N N 5   
A     OP2   HOP2   sing N N 6   
A     "O5'" "C5'"  sing N N 7   
A     "C5'" "C4'"  sing N N 8   
A     "C5'" "H5'"  sing N N 9   
A     "C5'" "H5''" sing N N 10  
A     "C4'" "O4'"  sing N N 11  
A     "C4'" "C3'"  sing N N 12  
A     "C4'" "H4'"  sing N N 13  
A     "O4'" "C1'"  sing N N 14  
A     "C3'" "O3'"  sing N N 15  
A     "C3'" "C2'"  sing N N 16  
A     "C3'" "H3'"  sing N N 17  
A     "O3'" "HO3'" sing N N 18  
A     "C2'" "O2'"  sing N N 19  
A     "C2'" "C1'"  sing N N 20  
A     "C2'" "H2'"  sing N N 21  
A     "O2'" "HO2'" sing N N 22  
A     "C1'" N9     sing N N 23  
A     "C1'" "H1'"  sing N N 24  
A     N9    C8     sing Y N 25  
A     N9    C4     sing Y N 26  
A     C8    N7     doub Y N 27  
A     C8    H8     sing N N 28  
A     N7    C5     sing Y N 29  
A     C5    C6     sing Y N 30  
A     C5    C4     doub Y N 31  
A     C6    N6     sing N N 32  
A     C6    N1     doub Y N 33  
A     N6    H61    sing N N 34  
A     N6    H62    sing N N 35  
A     N1    C2     sing Y N 36  
A     C2    N3     doub Y N 37  
A     C2    H2     sing N N 38  
A     N3    C4     sing Y N 39  
A1LYK C02   O01    doub N N 40  
A1LYK C03   C02    sing N N 41  
A1LYK C04   C03    doub Y N 42  
A1LYK C05   C04    sing Y N 43  
A1LYK C06   C05    doub Y N 44  
A1LYK C07   C06    sing Y N 45  
A1LYK C08   C07    doub Y N 46  
A1LYK O09   C08    sing N N 47  
A1LYK C10   O09    sing N N 48  
A1LYK C11   C10    doub Y N 49  
A1LYK C12   C11    sing Y N 50  
A1LYK C13   C12    doub Y N 51  
A1LYK C15   O14    sing N N 52  
A1LYK C16   C15    sing N N 53  
A1LYK N17   C16    sing N N 54  
A1LYK C18   N17    sing N N 55  
A1LYK C19   N17    sing N N 56  
A1LYK O14   C13    sing N N 57  
A1LYK C20   C13    sing Y N 58  
A1LYK C21   C20    doub Y N 59  
A1LYK C02   C11    sing N N 60  
A1LYK C03   C08    sing Y N 61  
A1LYK C10   C21    sing Y N 62  
A1LYK C15   H151   sing N N 63  
A1LYK C15   H152   sing N N 64  
A1LYK C20   H201   sing N N 65  
A1LYK C21   H211   sing N N 66  
A1LYK C04   H041   sing N N 67  
A1LYK C05   H051   sing N N 68  
A1LYK C06   H061   sing N N 69  
A1LYK C07   H071   sing N N 70  
A1LYK C12   H121   sing N N 71  
A1LYK C16   H161   sing N N 72  
A1LYK C16   H162   sing N N 73  
A1LYK C18   H181   sing N N 74  
A1LYK C18   H183   sing N N 75  
A1LYK C18   H182   sing N N 76  
A1LYK C19   H193   sing N N 77  
A1LYK C19   H191   sing N N 78  
A1LYK C19   H192   sing N N 79  
C     OP3   P      sing N N 80  
C     OP3   HOP3   sing N N 81  
C     P     OP1    doub N N 82  
C     P     OP2    sing N N 83  
C     P     "O5'"  sing N N 84  
C     OP2   HOP2   sing N N 85  
C     "O5'" "C5'"  sing N N 86  
C     "C5'" "C4'"  sing N N 87  
C     "C5'" "H5'"  sing N N 88  
C     "C5'" "H5''" sing N N 89  
C     "C4'" "O4'"  sing N N 90  
C     "C4'" "C3'"  sing N N 91  
C     "C4'" "H4'"  sing N N 92  
C     "O4'" "C1'"  sing N N 93  
C     "C3'" "O3'"  sing N N 94  
C     "C3'" "C2'"  sing N N 95  
C     "C3'" "H3'"  sing N N 96  
C     "O3'" "HO3'" sing N N 97  
C     "C2'" "O2'"  sing N N 98  
C     "C2'" "C1'"  sing N N 99  
C     "C2'" "H2'"  sing N N 100 
C     "O2'" "HO2'" sing N N 101 
C     "C1'" N1     sing N N 102 
C     "C1'" "H1'"  sing N N 103 
C     N1    C2     sing N N 104 
C     N1    C6     sing N N 105 
C     C2    O2     doub N N 106 
C     C2    N3     sing N N 107 
C     N3    C4     doub N N 108 
C     C4    N4     sing N N 109 
C     C4    C5     sing N N 110 
C     N4    H41    sing N N 111 
C     N4    H42    sing N N 112 
C     C5    C6     doub N N 113 
C     C5    H5     sing N N 114 
C     C6    H6     sing N N 115 
G     OP3   P      sing N N 116 
G     OP3   HOP3   sing N N 117 
G     P     OP1    doub N N 118 
G     P     OP2    sing N N 119 
G     P     "O5'"  sing N N 120 
G     OP2   HOP2   sing N N 121 
G     "O5'" "C5'"  sing N N 122 
G     "C5'" "C4'"  sing N N 123 
G     "C5'" "H5'"  sing N N 124 
G     "C5'" "H5''" sing N N 125 
G     "C4'" "O4'"  sing N N 126 
G     "C4'" "C3'"  sing N N 127 
G     "C4'" "H4'"  sing N N 128 
G     "O4'" "C1'"  sing N N 129 
G     "C3'" "O3'"  sing N N 130 
G     "C3'" "C2'"  sing N N 131 
G     "C3'" "H3'"  sing N N 132 
G     "O3'" "HO3'" sing N N 133 
G     "C2'" "O2'"  sing N N 134 
G     "C2'" "C1'"  sing N N 135 
G     "C2'" "H2'"  sing N N 136 
G     "O2'" "HO2'" sing N N 137 
G     "C1'" N9     sing N N 138 
G     "C1'" "H1'"  sing N N 139 
G     N9    C8     sing Y N 140 
G     N9    C4     sing Y N 141 
G     C8    N7     doub Y N 142 
G     C8    H8     sing N N 143 
G     N7    C5     sing Y N 144 
G     C5    C6     sing N N 145 
G     C5    C4     doub Y N 146 
G     C6    O6     doub N N 147 
G     C6    N1     sing N N 148 
G     N1    C2     sing N N 149 
G     N1    H1     sing N N 150 
G     C2    N2     sing N N 151 
G     C2    N3     doub N N 152 
G     N2    H21    sing N N 153 
G     N2    H22    sing N N 154 
G     N3    C4     sing N N 155 
HOH   O     H1     sing N N 156 
HOH   O     H2     sing N N 157 
U     OP3   P      sing N N 158 
U     OP3   HOP3   sing N N 159 
U     P     OP1    doub N N 160 
U     P     OP2    sing N N 161 
U     P     "O5'"  sing N N 162 
U     OP2   HOP2   sing N N 163 
U     "O5'" "C5'"  sing N N 164 
U     "C5'" "C4'"  sing N N 165 
U     "C5'" "H5'"  sing N N 166 
U     "C5'" "H5''" sing N N 167 
U     "C4'" "O4'"  sing N N 168 
U     "C4'" "C3'"  sing N N 169 
U     "C4'" "H4'"  sing N N 170 
U     "O4'" "C1'"  sing N N 171 
U     "C3'" "O3'"  sing N N 172 
U     "C3'" "C2'"  sing N N 173 
U     "C3'" "H3'"  sing N N 174 
U     "O3'" "HO3'" sing N N 175 
U     "C2'" "O2'"  sing N N 176 
U     "C2'" "C1'"  sing N N 177 
U     "C2'" "H2'"  sing N N 178 
U     "O2'" "HO2'" sing N N 179 
U     "C1'" N1     sing N N 180 
U     "C1'" "H1'"  sing N N 181 
U     N1    C2     sing N N 182 
U     N1    C6     sing N N 183 
U     C2    O2     doub N N 184 
U     C2    N3     sing N N 185 
U     N3    C4     sing N N 186 
U     N3    H3     sing N N 187 
U     C4    O4     doub N N 188 
U     C4    C5     sing N N 189 
U     C5    C6     doub N N 190 
U     C5    H5     sing N N 191 
U     C6    H6     sing N N 192 
# 
loop_
_ndb_struct_conf_na.entry_id 
_ndb_struct_conf_na.feature 
8YAM 'double helix'    
8YAM 'quadruple helix' 
# 
loop_
_ndb_struct_na_base_pair.model_number 
_ndb_struct_na_base_pair.i_label_asym_id 
_ndb_struct_na_base_pair.i_label_comp_id 
_ndb_struct_na_base_pair.i_label_seq_id 
_ndb_struct_na_base_pair.i_symmetry 
_ndb_struct_na_base_pair.j_label_asym_id 
_ndb_struct_na_base_pair.j_label_comp_id 
_ndb_struct_na_base_pair.j_label_seq_id 
_ndb_struct_na_base_pair.j_symmetry 
_ndb_struct_na_base_pair.shear 
_ndb_struct_na_base_pair.stretch 
_ndb_struct_na_base_pair.stagger 
_ndb_struct_na_base_pair.buckle 
_ndb_struct_na_base_pair.propeller 
_ndb_struct_na_base_pair.opening 
_ndb_struct_na_base_pair.pair_number 
_ndb_struct_na_base_pair.pair_name 
_ndb_struct_na_base_pair.i_auth_asym_id 
_ndb_struct_na_base_pair.i_auth_seq_id 
_ndb_struct_na_base_pair.i_PDB_ins_code 
_ndb_struct_na_base_pair.j_auth_asym_id 
_ndb_struct_na_base_pair.j_auth_seq_id 
_ndb_struct_na_base_pair.j_PDB_ins_code 
_ndb_struct_na_base_pair.hbond_type_28 
_ndb_struct_na_base_pair.hbond_type_12 
1 A C 1  1_555 A G 20 1_555 0.246  -0.254 0.047  -1.045  -9.449  -2.541  1  A_C1:G20_A  A 1  ? A 20 ? 19 1  
1 A U 2  1_555 A A 19 1_555 0.064  -0.220 0.043  -2.797  -20.280 -0.190  2  A_U2:A19_A  A 2  ? A 19 ? 20 1  
1 A G 3  1_555 A C 18 1_555 -0.168 -0.116 0.127  -2.902  -9.188  -0.291  3  A_G3:C18_A  A 3  ? A 18 ? 19 1  
1 A G 4  1_555 A C 17 1_555 0.059  -0.032 0.163  -3.347  -13.760 0.026   4  A_G4:C17_A  A 4  ? A 17 ? 19 1  
1 A G 5  1_555 A C 16 1_555 -0.030 -0.064 -0.119 -9.191  -15.324 -0.650  5  A_G5:C16_A  A 5  ? A 16 ? 19 1  
1 A U 6  1_555 A A 28 1_555 -0.390 3.385  1.360  -29.377 -16.840 -69.096 6  A_U6:A28_A  A 6  ? A 28 ? 23 3  
1 A C 7  1_555 A A 29 1_555 4.258  -0.016 2.235  -23.823 16.256  -47.002 7  A_C7:A29_A  A 7  ? A 29 ? ?  ?  
1 A G 11 1_555 A C 30 1_555 -0.309 -0.304 0.192  -3.878  -21.994 -3.902  8  A_G11:C30_A A 11 ? A 30 ? 19 1  
1 A G 8  1_555 A A 31 1_555 3.585  -4.201 -0.486 16.103  12.494  -68.555 9  A_G8:A31_A  A 8  ? A 31 ? 10 6  
1 A A 10 1_555 A A 32 1_555 6.472  -4.357 -0.504 10.662  -11.069 -21.179 10 A_A10:A32_A A 10 ? A 32 ? ?  10 
1 A C 9  1_555 A G 33 1_555 0.179  -0.114 -0.133 1.525   -7.015  -1.463  11 A_C9:G33_A  A 9  ? A 33 ? 19 1  
# 
loop_
_ndb_struct_na_base_pair_step.model_number 
_ndb_struct_na_base_pair_step.i_label_asym_id_1 
_ndb_struct_na_base_pair_step.i_label_comp_id_1 
_ndb_struct_na_base_pair_step.i_label_seq_id_1 
_ndb_struct_na_base_pair_step.i_symmetry_1 
_ndb_struct_na_base_pair_step.j_label_asym_id_1 
_ndb_struct_na_base_pair_step.j_label_comp_id_1 
_ndb_struct_na_base_pair_step.j_label_seq_id_1 
_ndb_struct_na_base_pair_step.j_symmetry_1 
_ndb_struct_na_base_pair_step.i_label_asym_id_2 
_ndb_struct_na_base_pair_step.i_label_comp_id_2 
_ndb_struct_na_base_pair_step.i_label_seq_id_2 
_ndb_struct_na_base_pair_step.i_symmetry_2 
_ndb_struct_na_base_pair_step.j_label_asym_id_2 
_ndb_struct_na_base_pair_step.j_label_comp_id_2 
_ndb_struct_na_base_pair_step.j_label_seq_id_2 
_ndb_struct_na_base_pair_step.j_symmetry_2 
_ndb_struct_na_base_pair_step.shift 
_ndb_struct_na_base_pair_step.slide 
_ndb_struct_na_base_pair_step.rise 
_ndb_struct_na_base_pair_step.tilt 
_ndb_struct_na_base_pair_step.roll 
_ndb_struct_na_base_pair_step.twist 
_ndb_struct_na_base_pair_step.x_displacement 
_ndb_struct_na_base_pair_step.y_displacement 
_ndb_struct_na_base_pair_step.helical_rise 
_ndb_struct_na_base_pair_step.inclination 
_ndb_struct_na_base_pair_step.tip 
_ndb_struct_na_base_pair_step.helical_twist 
_ndb_struct_na_base_pair_step.step_number 
_ndb_struct_na_base_pair_step.step_name 
_ndb_struct_na_base_pair_step.i_auth_asym_id_1 
_ndb_struct_na_base_pair_step.i_auth_seq_id_1 
_ndb_struct_na_base_pair_step.i_PDB_ins_code_1 
_ndb_struct_na_base_pair_step.j_auth_asym_id_1 
_ndb_struct_na_base_pair_step.j_auth_seq_id_1 
_ndb_struct_na_base_pair_step.j_PDB_ins_code_1 
_ndb_struct_na_base_pair_step.i_auth_asym_id_2 
_ndb_struct_na_base_pair_step.i_auth_seq_id_2 
_ndb_struct_na_base_pair_step.i_PDB_ins_code_2 
_ndb_struct_na_base_pair_step.j_auth_asym_id_2 
_ndb_struct_na_base_pair_step.j_auth_seq_id_2 
_ndb_struct_na_base_pair_step.j_PDB_ins_code_2 
1 A C 1  1_555 A G 20 1_555 A U 2  1_555 A A 19 1_555 0.528  -1.336 3.207  2.733    7.195  35.904   -3.056 -0.485 2.925  11.509  
-4.372  36.693   1  AA_C1U2:A19G20_AA  A 1  ? A 20 ? A 2  ? A 19 ? 
1 A U 2  1_555 A A 19 1_555 A G 3  1_555 A C 18 1_555 -0.239 -1.591 3.131  -1.094   8.461  30.392   -4.336 0.258  2.611  15.753  
2.037   31.539   2  AA_U2G3:C18A19_AA  A 2  ? A 19 ? A 3  ? A 18 ? 
1 A G 3  1_555 A C 18 1_555 A G 4  1_555 A C 17 1_555 0.523  -1.494 3.294  2.604    4.523  29.764   -3.767 -0.486 3.072  8.722   
-5.020  30.208   3  AA_G3G4:C17C18_AA  A 3  ? A 18 ? A 4  ? A 17 ? 
1 A G 4  1_555 A C 17 1_555 A G 5  1_555 A C 16 1_555 0.340  -1.755 3.421  4.554    6.496  36.065   -3.657 0.083  3.088  10.339  
-7.248  36.899   4  AA_G4G5:C16C17_AA  A 4  ? A 17 ? A 5  ? A 16 ? 
1 A G 5  1_555 A C 16 1_555 A U 6  1_555 A A 28 1_555 -6.626 -1.180 1.203  12.632   7.679  19.409   -2.135 14.619 -2.811 19.520  
-32.114 24.355   5  AA_G5U6:A28C16_AA  A 5  ? A 16 ? A 6  ? A 28 ? 
1 A U 6  1_555 A A 28 1_555 A C 7  1_555 A A 29 1_555 2.601  -1.685 3.794  1.405    0.608  48.979   -2.085 -3.012 3.842  0.733   
-1.694  49.002   6  AA_U6C7:A29A28_AA  A 6  ? A 28 ? A 7  ? A 29 ? 
1 A C 7  1_555 A A 29 1_555 A G 11 1_555 A C 30 1_555 -0.963 1.910  0.693  146.565  95.651 -166.550 -0.977 -0.448 0.660  -47.835 
73.297  -179.417 7  AA_C7G11:C30A29_AA A 7  ? A 29 ? A 11 ? A 30 ? 
1 A G 11 1_555 A C 30 1_555 A G 8  1_555 A A 31 1_555 -3.428 2.987  1.827  -168.526 -7.910 -153.469 -1.486 -1.879 1.029  3.962   
-84.412 -177.414 8  AA_G11G8:A31C30_AA A 11 ? A 30 ? A 8  ? A 31 ? 
1 A G 8  1_555 A A 31 1_555 A A 10 1_555 A A 32 1_555 -6.300 2.629  -0.897 153.365  41.647 -36.296  -1.712 -1.809 4.830  -22.716 
83.654  -159.979 9  AA_G8A10:A32A31_AA A 8  ? A 31 ? A 10 ? A 32 ? 
1 A A 10 1_555 A A 32 1_555 A C 9  1_555 A G 33 1_555 1.305  0.852  -3.374 -0.839   -1.073 -59.354  -0.915 1.362  -3.343 1.083   
-0.847  -59.369  10 AA_A10C9:G33A32_AA A 10 ? A 32 ? A 9  ? A 33 ? 
# 
loop_
_pdbx_audit_support.funding_organization 
_pdbx_audit_support.country 
_pdbx_audit_support.grant_number 
_pdbx_audit_support.ordinal 
'Japan Society for the Promotion of Science (JSPS)' Japan 20K21281 1 
'Japan Society for the Promotion of Science (JSPS)' Japan 20H02916 2 
# 
_pdbx_initial_refinement_model.id               1 
_pdbx_initial_refinement_model.entity_id_list   ? 
_pdbx_initial_refinement_model.type             'experimental model' 
_pdbx_initial_refinement_model.source_name      PDB 
_pdbx_initial_refinement_model.accession_code   6E1S 
_pdbx_initial_refinement_model.details          ? 
# 
_space_group.crystal_system   hexagonal 
_space_group.name_H-M_alt     'P 63 2 2' 
_space_group.IT_number        182 
_space_group.name_Hall        'P 6c 2c' 
_space_group.id               1 
# 
_atom_sites.entry_id                    8YAM 
_atom_sites.Cartn_transf_matrix[1][1]   ? 
_atom_sites.Cartn_transf_matrix[1][2]   ? 
_atom_sites.Cartn_transf_matrix[1][3]   ? 
_atom_sites.Cartn_transf_matrix[2][1]   ? 
_atom_sites.Cartn_transf_matrix[2][2]   ? 
_atom_sites.Cartn_transf_matrix[2][3]   ? 
_atom_sites.Cartn_transf_matrix[3][1]   ? 
_atom_sites.Cartn_transf_matrix[3][2]   ? 
_atom_sites.Cartn_transf_matrix[3][3]   ? 
_atom_sites.Cartn_transf_vector[1]      ? 
_atom_sites.Cartn_transf_vector[2]      ? 
_atom_sites.Cartn_transf_vector[3]      ? 
_atom_sites.Cartn_transform_axes        ? 
_atom_sites.fract_transf_matrix[1][1]   -0.00052912 
_atom_sites.fract_transf_matrix[1][2]   0.00788615 
_atom_sites.fract_transf_matrix[1][3]   0.00606843 
_atom_sites.fract_transf_matrix[2][1]   -0.00737440 
_atom_sites.fract_transf_matrix[2][2]   0.00661756 
_atom_sites.fract_transf_matrix[2][3]   -0.00106179 
_atom_sites.fract_transf_matrix[3][1]   -0.00968624 
_atom_sites.fract_transf_matrix[3][2]   -0.00904381 
_atom_sites.fract_transf_matrix[3][3]   0.01090821 
_atom_sites.fract_transf_vector[1]      0.382214 
_atom_sites.fract_transf_vector[2]      -0.129223 
_atom_sites.fract_transf_vector[3]      -0.040464 
_atom_sites.solution_primary            ? 
_atom_sites.solution_secondary          ? 
_atom_sites.solution_hydrogens          ? 
_atom_sites.special_details             ? 
# 
loop_
_atom_type.symbol 
C 
N 
O 
P 
# 
loop_
_atom_site.group_PDB 
_atom_site.id 
_atom_site.type_symbol 
_atom_site.label_atom_id 
_atom_site.label_alt_id 
_atom_site.label_comp_id 
_atom_site.label_asym_id 
_atom_site.label_entity_id 
_atom_site.label_seq_id 
_atom_site.pdbx_PDB_ins_code 
_atom_site.Cartn_x 
_atom_site.Cartn_y 
_atom_site.Cartn_z 
_atom_site.occupancy 
_atom_site.B_iso_or_equiv 
_atom_site.pdbx_formal_charge 
_atom_site.auth_seq_id 
_atom_site.auth_comp_id 
_atom_site.auth_asym_id 
_atom_site.auth_atom_id 
_atom_site.pdbx_PDB_model_num 
ATOM   1   O "O5'" . C     A 1 1  ? -2.11757  16.44686  3.48594   1.000 80.90444  ? 1   C     A "O5'" 1 
ATOM   2   C "C5'" . C     A 1 1  ? -1.53304  15.33765  4.16006   1.000 79.14896  ? 1   C     A "C5'" 1 
ATOM   3   C "C4'" . C     A 1 1  ? -2.14441  15.12118  5.52731   1.000 61.72582  ? 1   C     A "C4'" 1 
ATOM   4   O "O4'" . C     A 1 1  ? -3.58330  15.06093  5.41282   1.000 70.31633  ? 1   C     A "O4'" 1 
ATOM   5   C "C3'" . C     A 1 1  ? -1.76812  13.81760  6.21097   1.000 72.02179  ? 1   C     A "C3'" 1 
ATOM   6   O "O3'" . C     A 1 1  ? -0.52480  13.88925  6.88191   1.000 70.77164  ? 1   C     A "O3'" 1 
ATOM   7   C "C2'" . C     A 1 1  ? -2.94570  13.56838  7.13955   1.000 65.49206  ? 1   C     A "C2'" 1 
ATOM   8   O "O2'" . C     A 1 1  ? -2.84861  14.39416  8.28961   1.000 65.27098  ? 1   C     A "O2'" 1 
ATOM   9   C "C1'" . C     A 1 1  ? -4.10099  14.08700  6.29819   1.000 63.32075  ? 1   C     A "C1'" 1 
ATOM   10  N N1    . C     A 1 1  ? -4.74499  13.03019  5.48899   1.000 65.82105  ? 1   C     A N1    1 
ATOM   11  C C2    . C     A 1 1  ? -5.57087  12.08913  6.11063   1.000 66.98435  ? 1   C     A C2    1 
ATOM   12  O O2    . C     A 1 1  ? -5.73256  12.13207  7.34170   1.000 71.95073  ? 1   C     A O2    1 
ATOM   13  N N3    . C     A 1 1  ? -6.17466  11.15218  5.34682   1.000 57.31740  ? 1   C     A N3    1 
ATOM   14  C C4    . C     A 1 1  ? -5.98464  11.12991  4.02902   1.000 59.16499  ? 1   C     A C4    1 
ATOM   15  N N4    . C     A 1 1  ? -6.61007  10.17819  3.33288   1.000 58.09118  ? 1   C     A N4    1 
ATOM   16  C C5    . C     A 1 1  ? -5.14544  12.07112  3.37212   1.000 63.30496  ? 1   C     A C5    1 
ATOM   17  C C6    . C     A 1 1  ? -4.55708  12.99817  4.13449   1.000 61.02311  ? 1   C     A C6    1 
ATOM   18  P P     . U     A 1 2  ? 0.38176   12.57602  7.02299   1.000 74.37734  ? 2   U     A P     1 
ATOM   19  O OP1   . U     A 1 2  ? 1.59764   12.92824  7.79360   1.000 74.40366  ? 2   U     A OP1   1 
ATOM   20  O OP2   . U     A 1 2  ? 0.50017   11.95666  5.68154   1.000 73.95624  ? 2   U     A OP2   1 
ATOM   21  O "O5'" . U     A 1 2  ? -0.49476  11.59611  7.93251   1.000 75.55906  ? 2   U     A "O5'" 1 
ATOM   22  C "C5'" . U     A 1 2  ? -0.64589  11.82573  9.32458   1.000 69.46359  ? 2   U     A "C5'" 1 
ATOM   23  C "C4'" . U     A 1 2  ? -1.58136  10.81716  9.94872   1.000 59.43871  ? 2   U     A "C4'" 1 
ATOM   24  O "O4'" . U     A 1 2  ? -2.88020  10.89366  9.30096   1.000 64.91041  ? 2   U     A "O4'" 1 
ATOM   25  C "C3'" . U     A 1 2  ? -1.18807  9.35793   9.77889   1.000 64.49984  ? 2   U     A "C3'" 1 
ATOM   26  O "O3'" . U     A 1 2  ? -0.16964  8.93396   10.66846  1.000 68.34767  ? 2   U     A "O3'" 1 
ATOM   27  C "C2'" . U     A 1 2  ? -2.51617  8.65230   9.96883   1.000 68.43715  ? 2   U     A "C2'" 1 
ATOM   28  O "O2'" . U     A 1 2  ? -2.89767  8.69335   11.33515  1.000 66.73432  ? 2   U     A "O2'" 1 
ATOM   29  C "C1'" . U     A 1 2  ? -3.44341  9.59711   9.21442   1.000 66.38164  ? 2   U     A "C1'" 1 
ATOM   30  N N1    . U     A 1 2  ? -3.57868  9.22767   7.78569   1.000 67.67127  ? 2   U     A N1    1 
ATOM   31  C C2    . U     A 1 2  ? -4.49610  8.24164   7.51461   1.000 66.27110  ? 2   U     A C2    1 
ATOM   32  O O2    . U     A 1 2  ? -5.13712  7.69916   8.38856   1.000 63.79975  ? 2   U     A O2    1 
ATOM   33  N N3    . U     A 1 2  ? -4.63711  7.90914   6.19638   1.000 65.56312  ? 2   U     A N3    1 
ATOM   34  C C4    . U     A 1 2  ? -3.95482  8.46343   5.13757   1.000 64.56300  ? 2   U     A C4    1 
ATOM   35  O O4    . U     A 1 2  ? -4.21920  8.05842   4.00844   1.000 54.20387  ? 2   U     A O4    1 
ATOM   36  C C5    . U     A 1 2  ? -3.00809  9.48358   5.48342   1.000 52.37733  ? 2   U     A C5    1 
ATOM   37  C C6    . U     A 1 2  ? -2.85751  9.82181   6.77085   1.000 63.55236  ? 2   U     A C6    1 
ATOM   38  P P     . G     A 1 3  ? 0.79907   7.71850   10.27390  1.000 72.49027  ? 3   G     A P     1 
ATOM   39  O OP1   . G     A 1 3  ? 1.78036   7.60716   11.38023  1.000 82.45462  ? 3   G     A OP1   1 
ATOM   40  O OP2   . G     A 1 3  ? 1.28425   7.83788   8.86830   1.000 66.66852  ? 3   G     A OP2   1 
ATOM   41  O "O5'" . G     A 1 3  ? -0.14674  6.43087   10.33808  1.000 69.24778  ? 3   G     A "O5'" 1 
ATOM   42  C "C5'" . G     A 1 3  ? -0.63845  5.95248   11.57868  1.000 69.11092  ? 3   G     A "C5'" 1 
ATOM   43  C "C4'" . G     A 1 3  ? -1.52156  4.74838   11.39015  1.000 63.64710  ? 3   G     A "C4'" 1 
ATOM   44  O "O4'" . G     A 1 3  ? -2.69782  5.12364   10.62689  1.000 63.82081  ? 3   G     A "O4'" 1 
ATOM   45  C "C3'" . G     A 1 3  ? -0.93316  3.60528   10.58728  1.000 56.90156  ? 3   G     A "C3'" 1 
ATOM   46  O "O3'" . G     A 1 3  ? -0.04459  2.78928   11.32445  1.000 71.07431  ? 3   G     A "O3'" 1 
ATOM   47  C "C2'" . G     A 1 3  ? -2.17902  2.87537   10.12046  1.000 65.96054  ? 3   G     A "C2'" 1 
ATOM   48  O "O2'" . G     A 1 3  ? -2.76832  2.16590   11.19927  1.000 68.07132  ? 3   G     A "O2'" 1 
ATOM   49  C "C1'" . G     A 1 3  ? -3.09060  4.04809   9.79549   1.000 66.54482  ? 3   G     A "C1'" 1 
ATOM   50  N N9    . G     A 1 3  ? -2.98170  4.44914   8.37585   1.000 65.82105  ? 3   G     A N9    1 
ATOM   51  C C8    . G     A 1 3  ? -2.22248  5.46328   7.83741   1.000 58.02801  ? 3   G     A C8    1 
ATOM   52  N N7    . G     A 1 3  ? -2.35776  5.54169   6.54395   1.000 62.33905  ? 3   G     A N7    1 
ATOM   53  C C5    . G     A 1 3  ? -3.24232  4.53026   6.20547   1.000 64.63933  ? 3   G     A C5    1 
ATOM   54  C C6    . G     A 1 3  ? -3.76309  4.12277   4.94574   1.000 69.25041  ? 3   G     A C6    1 
ATOM   55  O O6    . G     A 1 3  ? -3.55551  4.58047   3.82275   1.000 56.15673  ? 3   G     A O6    1 
ATOM   56  N N1    . G     A 1 3  ? -4.62682  3.04336   5.05245   1.000 52.64579  ? 3   G     A N1    1 
ATOM   57  C C2    . G     A 1 3  ? -4.94465  2.41598   6.22166   1.000 59.23605  ? 3   G     A C2    1 
ATOM   58  N N2    . G     A 1 3  ? -5.80405  1.39089   6.09246   1.000 47.09249  ? 3   G     A N2    1 
ATOM   59  N N3    . G     A 1 3  ? -4.47694  2.78795   7.40326   1.000 65.12886  ? 3   G     A N3    1 
ATOM   60  C C4    . G     A 1 3  ? -3.63193  3.84059   7.32538   1.000 62.14692  ? 3   G     A C4    1 
ATOM   61  P P     . G     A 1 4  ? 1.21163   2.10239   10.59436  1.000 75.39062  ? 4   G     A P     1 
ATOM   62  O OP1   . G     A 1 4  ? 2.01345   1.49932   11.68436  1.000 84.66805  ? 4   G     A OP1   1 
ATOM   63  O OP2   . G     A 1 4  ? 1.86349   3.04775   9.65023   1.000 77.52772  ? 4   G     A OP2   1 
ATOM   64  O "O5'" . G     A 1 4  ? 0.57869   0.95448   9.68483   1.000 72.74030  ? 4   G     A "O5'" 1 
ATOM   65  C "C5'" . G     A 1 4  ? -0.05651  -0.16585  10.27682  1.000 70.71901  ? 4   G     A "C5'" 1 
ATOM   66  C "C4'" . G     A 1 4  ? -1.00384  -0.84741  9.32370   1.000 68.34240  ? 4   G     A "C4'" 1 
ATOM   67  O "O4'" . G     A 1 4  ? -1.92184  0.11240   8.72054   1.000 65.07622  ? 4   G     A "O4'" 1 
ATOM   68  C "C3'" . G     A 1 4  ? -0.39048  -1.52851  8.12040   1.000 61.32051  ? 4   G     A "C3'" 1 
ATOM   69  O "O3'" . G     A 1 4  ? 0.23783   -2.75322  8.41822   1.000 68.52927  ? 4   G     A "O3'" 1 
ATOM   70  C "C2'" . G     A 1 4  ? -1.59994  -1.67983  7.21521   1.000 68.98985  ? 4   G     A "C2'" 1 
ATOM   71  O "O2'" . G     A 1 4  ? -2.46855  -2.67679  7.71953   1.000 64.16296  ? 4   G     A "O2'" 1 
ATOM   72  C "C1'" . G     A 1 4  ? -2.27579  -0.33511  7.42313   1.000 65.19992  ? 4   G     A "C1'" 1 
ATOM   73  N N9    . G     A 1 4  ? -1.78640  0.61971   6.41810   1.000 64.89199  ? 4   G     A N9    1 
ATOM   74  C C8    . G     A 1 4  ? -0.87572  1.63488   6.56102   1.000 68.23976  ? 4   G     A C8    1 
ATOM   75  N N7    . G     A 1 4  ? -0.64279  2.27333   5.44046   1.000 63.46024  ? 4   G     A N7    1 
ATOM   76  C C5    . G     A 1 4  ? -1.45184  1.63778   4.50825   1.000 67.76339  ? 4   G     A C5    1 
ATOM   77  C C6    . G     A 1 4  ? -1.63352  1.89043   3.12136   1.000 63.91819  ? 4   G     A C6    1 
ATOM   78  O O6    . G     A 1 4  ? -1.08732  2.76153   2.43883   1.000 70.86639  ? 4   G     A O6    1 
ATOM   79  N N1    . G     A 1 4  ? -2.54362  1.00519   2.54540   1.000 57.78061  ? 4   G     A N1    1 
ATOM   80  C C2    . G     A 1 4  ? -3.18965  -0.00085  3.23984   1.000 63.73922  ? 4   G     A C2    1 
ATOM   81  N N2    . G     A 1 4  ? -4.02727  -0.78216  2.54534   1.000 52.83265  ? 4   G     A N2    1 
ATOM   82  N N3    . G     A 1 4  ? -3.02303  -0.24532  4.52887   1.000 71.15590  ? 4   G     A N3    1 
ATOM   83  C C4    . G     A 1 4  ? -2.15250  0.60955   5.09644   1.000 67.59231  ? 4   G     A C4    1 
ATOM   84  P P     . G     A 1 5  ? 1.37159   -3.33274  7.44339   1.000 69.91628  ? 5   G     A P     1 
ATOM   85  O OP1   . G     A 1 5  ? 1.90086   -4.54422  8.09851   1.000 69.54518  ? 5   G     A OP1   1 
ATOM   86  O OP2   . G     A 1 5  ? 2.29724   -2.22705  7.07043   1.000 74.57210  ? 5   G     A OP2   1 
ATOM   87  O "O5'" . G     A 1 5  ? 0.57656   -3.74451  6.11909   1.000 71.98495  ? 5   G     A "O5'" 1 
ATOM   88  C "C5'" . G     A 1 5  ? -0.35821  -4.81350  6.11787   1.000 61.43895  ? 5   G     A "C5'" 1 
ATOM   89  C "C4'" . G     A 1 5  ? -0.96175  -5.01873  4.75091   1.000 54.28019  ? 5   G     A "C4'" 1 
ATOM   90  O "O4'" . G     A 1 5  ? -1.58151  -3.79109  4.29004   1.000 62.08639  ? 5   G     A "O4'" 1 
ATOM   91  C "C3'" . G     A 1 5  ? 0.01971   -5.36592  3.64464   1.000 62.43117  ? 5   G     A "C3'" 1 
ATOM   92  O "O3'" . G     A 1 5  ? 0.35917   -6.73485  3.64193   1.000 72.86137  ? 5   G     A "O3'" 1 
ATOM   93  C "C2'" . G     A 1 5  ? -0.71733  -4.91424  2.39066   1.000 60.92836  ? 5   G     A "C2'" 1 
ATOM   94  O "O2'" . G     A 1 5  ? -1.73392  -5.84057  2.03539   1.000 72.75083  ? 5   G     A "O2'" 1 
ATOM   95  C "C1'" . G     A 1 5  ? -1.40520  -3.65282  2.89489   1.000 55.29084  ? 5   G     A "C1'" 1 
ATOM   96  N N9    . G     A 1 5  ? -0.61290  -2.43459  2.63845   1.000 65.07886  ? 5   G     A N9    1 
ATOM   97  C C8    . G     A 1 5  ? 0.20114   -1.76817  3.52201   1.000 70.31106  ? 5   G     A C8    1 
ATOM   98  N N7    . G     A 1 5  ? 0.76383   -0.70470  3.00416   1.000 71.41646  ? 5   G     A N7    1 
ATOM   99  C C5    . G     A 1 5  ? 0.28048   -0.66098  1.70645   1.000 66.51061  ? 5   G     A C5    1 
ATOM   100 C C6    . G     A 1 5  ? 0.52443   0.27086   0.66741   1.000 65.58681  ? 5   G     A C6    1 
ATOM   101 O O6    . G     A 1 5  ? 1.24169   1.27781   0.67582   1.000 69.00038  ? 5   G     A O6    1 
ATOM   102 N N1    . G     A 1 5  ? -0.16569  -0.06177  -0.48867  1.000 68.15554  ? 5   G     A N1    1 
ATOM   103 C C2    . G     A 1 5  ? -0.99132  -1.14327  -0.63151  1.000 66.31321  ? 5   G     A C2    1 
ATOM   104 N N2    . G     A 1 5  ? -1.55639  -1.27529  -1.83751  1.000 55.99882  ? 5   G     A N2    1 
ATOM   105 N N3    . G     A 1 5  ? -1.23494  -2.01660  0.32887   1.000 62.68120  ? 5   G     A N3    1 
ATOM   106 C C4    . G     A 1 5  ? -0.56904  -1.71760  1.46232   1.000 65.48943  ? 5   G     A C4    1 
ATOM   107 P P     . U     A 1 6  ? 1.69483   -7.23069  2.91261   1.000 78.85419  ? 6   U     A P     1 
ATOM   108 O OP1   . U     A 1 6  ? 2.39044   -8.13951  3.84835   1.000 78.33308  ? 6   U     A OP1   1 
ATOM   109 O OP2   . U     A 1 6  ? 2.37169   -6.01935  2.38271   1.000 74.63263  ? 6   U     A OP2   1 
ATOM   110 O "O5'" . U     A 1 6  ? 1.14707   -8.10583  1.70380   1.000 86.84989  ? 6   U     A "O5'" 1 
ATOM   111 C "C5'" . U     A 1 6  ? 0.39217   -9.28035  1.94472   1.000 77.29611  ? 6   U     A "C5'" 1 
ATOM   112 C "C4'" . U     A 1 6  ? -0.35204  -9.70003  0.70621   1.000 69.23725  ? 6   U     A "C4'" 1 
ATOM   113 O "O4'" . U     A 1 6  ? -1.23528  -8.63447  0.29553   1.000 69.89785  ? 6   U     A "O4'" 1 
ATOM   114 C "C3'" . U     A 1 6  ? 0.49512   -9.93547  -0.52579  1.000 77.18820  ? 6   U     A "C3'" 1 
ATOM   115 O "O3'" . U     A 1 6  ? 1.19113   -11.16258 -0.52547  1.000 84.58383  ? 6   U     A "O3'" 1 
ATOM   116 C "C2'" . U     A 1 6  ? -0.52476  -9.78948  -1.64554  1.000 85.69449  ? 6   U     A "C2'" 1 
ATOM   117 O "O2'" . U     A 1 6  ? -1.35198  -10.94120 -1.73629  1.000 90.05290  ? 6   U     A "O2'" 1 
ATOM   118 C "C1'" . U     A 1 6  ? -1.36135  -8.63224  -1.11426  1.000 74.76160  ? 6   U     A "C1'" 1 
ATOM   119 N N1    . U     A 1 6  ? -0.87470  -7.33611  -1.63419  1.000 74.91425  ? 6   U     A N1    1 
ATOM   120 C C2    . U     A 1 6  ? -1.22886  -7.01456  -2.92357  1.000 75.14848  ? 6   U     A C2    1 
ATOM   121 O O2    . U     A 1 6  ? -1.91895  -7.74315  -3.61015  1.000 83.83374  ? 6   U     A O2    1 
ATOM   122 N N3    . U     A 1 6  ? -0.75367  -5.80580  -3.37349  1.000 74.99583  ? 6   U     A N3    1 
ATOM   123 C C4    . U     A 1 6  ? 0.03575   -4.90884  -2.67468  1.000 74.14310  ? 6   U     A C4    1 
ATOM   124 O O4    . U     A 1 6  ? 0.38562   -3.85583  -3.21553  1.000 77.19083  ? 6   U     A O4    1 
ATOM   125 C C5    . U     A 1 6  ? 0.36439   -5.31818  -1.34228  1.000 71.77703  ? 6   U     A C5    1 
ATOM   126 C C6    . U     A 1 6  ? -0.09093  -6.49094  -0.88107  1.000 75.43536  ? 6   U     A C6    1 
ATOM   127 P P     . C     A 1 7  ? 2.75813   -11.16844 -0.87758  1.000 83.76794  ? 7   C     A P     1 
ATOM   128 O OP1   . C     A 1 7  ? 3.21472   -12.57903 -0.94929  1.000 82.94416  ? 7   C     A OP1   1 
ATOM   129 O OP2   . C     A 1 7  ? 3.41202   -10.24378 0.09048   1.000 87.13150  ? 7   C     A OP2   1 
ATOM   130 O "O5'" . C     A 1 7  ? 2.81790   -10.50016 -2.32699  1.000 87.38679  ? 7   C     A "O5'" 1 
ATOM   131 C "C5'" . C     A 1 7  ? 2.08376   -11.03612 -3.42167  1.000 87.08149  ? 7   C     A "C5'" 1 
ATOM   132 C "C4'" . C     A 1 7  ? 2.03183   -10.08149 -4.59126  1.000 80.19383  ? 7   C     A "C4'" 1 
ATOM   133 O "O4'" . C     A 1 7  ? 1.50714   -8.79396  -4.17537  1.000 84.04166  ? 7   C     A "O4'" 1 
ATOM   134 C "C3'" . C     A 1 7  ? 3.36636   -9.73552  -5.22788  1.000 86.51827  ? 7   C     A "C3'" 1 
ATOM   135 O "O3'" . C     A 1 7  ? 3.84361   -10.75525 -6.08538  1.000 85.73396  ? 7   C     A "O3'" 1 
ATOM   136 C "C2'" . C     A 1 7  ? 3.05219   -8.42621  -5.94132  1.000 83.37579  ? 7   C     A "C2'" 1 
ATOM   137 O "O2'" . C     A 1 7  ? 2.34327   -8.66723  -7.14672  1.000 86.32088  ? 7   C     A "O2'" 1 
ATOM   138 C "C1'" . C     A 1 7  ? 2.09749   -7.76448  -4.94703  1.000 82.33092  ? 7   C     A "C1'" 1 
ATOM   139 N N1    . C     A 1 7  ? 2.79963   -6.81229  -4.04863  1.000 84.98124  ? 7   C     A N1    1 
ATOM   140 C C2    . C     A 1 7  ? 3.17155   -5.56219  -4.56542  1.000 81.39923  ? 7   C     A C2    1 
ATOM   141 O O2    . C     A 1 7  ? 2.90296   -5.28992  -5.74256  1.000 79.49374  ? 7   C     A O2    1 
ATOM   142 N N3    . C     A 1 7  ? 3.81603   -4.67074  -3.77644  1.000 78.23043  ? 7   C     A N3    1 
ATOM   143 C C4    . C     A 1 7  ? 4.10414   -4.97944  -2.51145  1.000 76.78815  ? 7   C     A C4    1 
ATOM   144 N N4    . C     A 1 7  ? 4.74523   -4.05420  -1.78875  1.000 70.02945  ? 7   C     A N4    1 
ATOM   145 C C5    . C     A 1 7  ? 3.74159   -6.24455  -1.94687  1.000 68.86089  ? 7   C     A C5    1 
ATOM   146 C C6    . C     A 1 7  ? 3.10130   -7.12186  -2.74243  1.000 74.26680  ? 7   C     A C6    1 
ATOM   147 P P     . G     A 1 8  ? 5.32881   -11.33968 -5.92770  1.000 96.13784  ? 8   G     A P     1 
ATOM   148 O OP1   . G     A 1 8  ? 5.47013   -12.39727 -6.95913  1.000 94.10339  ? 8   G     A OP1   1 
ATOM   149 O OP2   . G     A 1 8  ? 5.59910   -11.65607 -4.50239  1.000 104.54148 ? 8   G     A OP2   1 
ATOM   150 O "O5'" . G     A 1 8  ? 6.26044   -10.12096 -6.33224  1.000 93.06116  ? 8   G     A "O5'" 1 
ATOM   151 C "C5'" . G     A 1 8  ? 6.06603   -9.44435  -7.55988  1.000 82.05984  ? 8   G     A "C5'" 1 
ATOM   152 C "C4'" . G     A 1 8  ? 6.87580   -8.17488  -7.61830  1.000 84.40222  ? 8   G     A "C4'" 1 
ATOM   153 O "O4'" . G     A 1 8  ? 6.23454   -7.11382  -6.84699  1.000 82.13353  ? 8   G     A "O4'" 1 
ATOM   154 C "C3'" . G     A 1 8  ? 8.28475   -8.23409  -7.04568  1.000 77.40402  ? 8   G     A "C3'" 1 
ATOM   155 O "O3'" . G     A 1 8  ? 9.21276   -8.88657  -7.90022  1.000 90.23187  ? 8   G     A "O3'" 1 
ATOM   156 C "C2'" . G     A 1 8  ? 8.58755   -6.75643  -6.83724  1.000 82.46778  ? 8   G     A "C2'" 1 
ATOM   157 O "O2'" . G     A 1 8  ? 8.91047   -6.13624  -8.07713  1.000 89.52652  ? 8   G     A "O2'" 1 
ATOM   158 C "C1'" . G     A 1 8  ? 7.22382   -6.23465  -6.34264  1.000 80.82548  ? 8   G     A "C1'" 1 
ATOM   159 N N9    . G     A 1 8  ? 7.21757   -6.26089  -4.86727  1.000 80.69652  ? 8   G     A N9    1 
ATOM   160 C C8    . G     A 1 8  ? 6.80842   -7.26951  -4.02284  1.000 76.39337  ? 8   G     A C8    1 
ATOM   161 N N7    . G     A 1 8  ? 7.04205   -7.00401  -2.76131  1.000 80.08855  ? 8   G     A N7    1 
ATOM   162 C C5    . G     A 1 8  ? 7.66319   -5.75908  -2.76998  1.000 78.91736  ? 8   G     A C5    1 
ATOM   163 C C6    . G     A 1 8  ? 8.15618   -4.95152  -1.70517  1.000 77.12767  ? 8   G     A C6    1 
ATOM   164 O O6    . G     A 1 8  ? 8.13265   -5.18265  -0.49525  1.000 88.72380  ? 8   G     A O6    1 
ATOM   165 N N1    . G     A 1 8  ? 8.72168   -3.76476  -2.16865  1.000 71.90862  ? 8   G     A N1    1 
ATOM   166 C C2    . G     A 1 8  ? 8.79679   -3.40183  -3.49729  1.000 74.15100  ? 8   G     A C2    1 
ATOM   167 N N2    . G     A 1 8  ? 9.37447   -2.22066  -3.77049  1.000 80.04644  ? 8   G     A N2    1 
ATOM   168 N N3    . G     A 1 8  ? 8.34147   -4.14062  -4.49837  1.000 74.89056  ? 8   G     A N3    1 
ATOM   169 C C4    . G     A 1 8  ? 7.79415   -5.29994  -4.06523  1.000 79.97801  ? 8   G     A C4    1 
ATOM   170 P P     . C     A 1 9  ? 10.13030  -10.12102 -7.39142  1.000 94.21656  ? 9   C     A P     1 
ATOM   171 O OP1   . C     A 1 9  ? 10.42502  -10.90617 -8.60676  1.000 92.57952  ? 9   C     A OP1   1 
ATOM   172 O OP2   . C     A 1 9  ? 9.51670   -10.79646 -6.22258  1.000 105.58898 ? 9   C     A OP2   1 
ATOM   173 O "O5'" . C     A 1 9  ? 11.49016  -9.44042  -6.91618  1.000 88.62378  ? 9   C     A "O5'" 1 
ATOM   174 C "C5'" . C     A 1 9  ? 12.24717  -9.97215  -5.83985  1.000 84.03113  ? 9   C     A "C5'" 1 
ATOM   175 C "C4'" . C     A 1 9  ? 13.43679  -9.09621  -5.53635  1.000 84.88649  ? 9   C     A "C4'" 1 
ATOM   176 O "O4'" . C     A 1 9  ? 14.16162  -8.82731  -6.76410  1.000 91.56098  ? 9   C     A "O4'" 1 
ATOM   177 C "C3'" . C     A 1 9  ? 13.12880  -7.70832  -4.98645  1.000 85.58658  ? 9   C     A "C3'" 1 
ATOM   178 O "O3'" . C     A 1 9  ? 12.86356  -7.70951  -3.59283  1.000 87.51049  ? 9   C     A "O3'" 1 
ATOM   179 C "C2'" . C     A 1 9  ? 14.37714  -6.92341  -5.36715  1.000 87.64472  ? 9   C     A "C2'" 1 
ATOM   180 O "O2'" . C     A 1 9  ? 15.46200  -7.25039  -4.50340  1.000 85.46551  ? 9   C     A "O2'" 1 
ATOM   181 C "C1'" . C     A 1 9  ? 14.68772  -7.51541  -6.73713  1.000 91.39780  ? 9   C     A "C1'" 1 
ATOM   182 N N1    . C     A 1 9  ? 14.11292  -6.74112  -7.86753  1.000 87.07097  ? 9   C     A N1    1 
ATOM   183 C C2    . C     A 1 9  ? 14.69938  -5.52190  -8.23671  1.000 87.67630  ? 9   C     A C2    1 
ATOM   184 O O2    . C     A 1 9  ? 15.65639  -5.08552  -7.58369  1.000 88.20531  ? 9   C     A O2    1 
ATOM   185 N N3    . C     A 1 9  ? 14.20629  -4.83549  -9.29031  1.000 87.78421  ? 9   C     A N3    1 
ATOM   186 C C4    . C     A 1 9  ? 13.17961  -5.32937  -9.97733  1.000 87.28152  ? 9   C     A C4    1 
ATOM   187 N N4    . C     A 1 9  ? 12.72984  -4.61667  -11.00844 1.000 87.47891  ? 9   C     A N4    1 
ATOM   188 C C5    . C     A 1 9  ? 12.56774  -6.56978  -9.63884  1.000 86.63144  ? 9   C     A C5    1 
ATOM   189 C C6    . C     A 1 9  ? 13.06523  -7.23914  -8.59394  1.000 86.60249  ? 9   C     A C6    1 
ATOM   190 P P     . A     A 1 10 ? 11.66708  -6.84345  -2.98684  1.000 86.07611  ? 10  A     A P     1 
ATOM   191 O OP1   . A     A 1 10 ? 11.62718  -7.04074  -1.51794  1.000 101.84116 ? 10  A     A OP1   1 
ATOM   192 O OP2   . A     A 1 10 ? 10.42052  -7.17524  -3.72686  1.000 77.49087  ? 10  A     A OP2   1 
ATOM   193 O "O5'" . A     A 1 10 ? 12.12884  -5.33952  -3.24015  1.000 86.41036  ? 10  A     A "O5'" 1 
ATOM   194 C "C5'" . A     A 1 10 ? 13.35448  -4.84995  -2.70418  1.000 80.63598  ? 10  A     A "C5'" 1 
ATOM   195 C "C4'" . A     A 1 10 ? 13.75882  -3.55163  -3.36147  1.000 78.36992  ? 10  A     A "C4'" 1 
ATOM   196 O "O4'" . A     A 1 10 ? 13.95180  -3.77334  -4.77905  1.000 84.76806  ? 10  A     A "O4'" 1 
ATOM   197 C "C3'" . A     A 1 10 ? 12.74696  -2.41661  -3.29063  1.000 76.53286  ? 10  A     A "C3'" 1 
ATOM   198 O "O3'" . A     A 1 10 ? 12.87567  -1.67862  -2.09086  1.000 81.95983  ? 10  A     A "O3'" 1 
ATOM   199 C "C2'" . A     A 1 10 ? 13.08486  -1.57922  -4.51966  1.000 85.56289  ? 10  A     A "C2'" 1 
ATOM   200 O "O2'" . A     A 1 10 ? 14.19291  -0.73202  -4.26049  1.000 85.63922  ? 10  A     A "O2'" 1 
ATOM   201 C "C1'" . A     A 1 10 ? 13.54167  -2.64315  -5.51064  1.000 80.11750  ? 10  A     A "C1'" 1 
ATOM   202 N N9    . A     A 1 10 ? 12.48561  -3.04968  -6.45344  1.000 79.84115  ? 10  A     A N9    1 
ATOM   203 C C8    . A     A 1 10 ? 11.63818  -4.12374  -6.36085  1.000 79.01210  ? 10  A     A C8    1 
ATOM   204 N N7    . A     A 1 10 ? 10.82429  -4.23480  -7.37863  1.000 79.04632  ? 10  A     A N7    1 
ATOM   205 C C5    . A     A 1 10 ? 11.16552  -3.16565  -8.19069  1.000 80.01222  ? 10  A     A C5    1 
ATOM   206 C C6    . A     A 1 10 ? 10.67226  -2.72784  -9.42224  1.000 80.59914  ? 10  A     A C6    1 
ATOM   207 N N6    . A     A 1 10 ? 9.68116   -3.34542  -10.05749 1.000 80.17014  ? 10  A     A N6    1 
ATOM   208 N N1    . A     A 1 10 ? 11.22869  -1.63065  -9.97748  1.000 90.06080  ? 10  A     A N1    1 
ATOM   209 C C2    . A     A 1 10 ? 12.21362  -1.01618  -9.31882  1.000 83.08628  ? 10  A     A C2    1 
ATOM   210 N N3    . A     A 1 10 ? 12.76815  -1.33271  -8.15103  1.000 81.60452  ? 10  A     A N3    1 
ATOM   211 C C4    . A     A 1 10 ? 12.19001  -2.42926  -7.63814  1.000 80.54387  ? 10  A     A C4    1 
ATOM   212 P P     . G     A 1 11 ? 11.61786  -1.35156  -1.15226  1.000 72.92453  ? 11  G     A P     1 
ATOM   213 O OP1   . G     A 1 11 ? 12.19205  -0.50832  -0.08174  1.000 70.62952  ? 11  G     A OP1   1 
ATOM   214 O OP2   . G     A 1 11 ? 10.84281  -2.59308  -0.86045  1.000 70.01629  ? 11  G     A OP2   1 
ATOM   215 O "O5'" . G     A 1 11 ? 10.69789  -0.39087  -2.02709  1.000 72.56396  ? 11  G     A "O5'" 1 
ATOM   216 C "C5'" . G     A 1 11 ? 11.16649  0.89114   -2.42527  1.000 74.53788  ? 11  G     A "C5'" 1 
ATOM   217 C "C4'" . G     A 1 11 ? 10.09045  1.94109   -2.32617  1.000 74.40629  ? 11  G     A "C4'" 1 
ATOM   218 O "O4'" . G     A 1 11 ? 8.94415   1.54148   -3.12465  1.000 76.05912  ? 11  G     A "O4'" 1 
ATOM   219 C "C3'" . G     A 1 11 ? 9.55657   2.20703   -0.92130  1.000 74.57473  ? 11  G     A "C3'" 1 
ATOM   220 O "O3'" . G     A 1 11 ? 9.18377   3.57580   -0.84761  1.000 88.16847  ? 11  G     A "O3'" 1 
ATOM   221 C "C2'" . G     A 1 11 ? 8.30468   1.34142   -0.86871  1.000 71.01378  ? 11  G     A "C2'" 1 
ATOM   222 O "O2'" . G     A 1 11 ? 7.35115   1.75722   0.08637   1.000 81.98351  ? 11  G     A "O2'" 1 
ATOM   223 C "C1'" . G     A 1 11 ? 7.78792   1.47025   -2.30492  1.000 72.16392  ? 11  G     A "C1'" 1 
ATOM   224 N N9    . G     A 1 11 ? 7.02481   0.31344   -2.76937  1.000 61.00995  ? 11  G     A N9    1 
ATOM   225 C C8    . G     A 1 11 ? 6.75185   -0.84529  -2.07953  1.000 59.40186  ? 11  G     A C8    1 
ATOM   226 N N7    . G     A 1 11 ? 6.07053   -1.70177  -2.78882  1.000 66.08950  ? 11  G     A N7    1 
ATOM   227 C C5    . G     A 1 11 ? 5.91408   -1.07521  -4.01953  1.000 58.48596  ? 11  G     A C5    1 
ATOM   228 C C6    . G     A 1 11 ? 5.25489   -1.51694  -5.17881  1.000 61.87847  ? 11  G     A C6    1 
ATOM   229 O O6    . G     A 1 11 ? 4.69011   -2.60211  -5.33539  1.000 57.97800  ? 11  G     A O6    1 
ATOM   230 N N1    . G     A 1 11 ? 5.31201   -0.57266  -6.21294  1.000 66.21057  ? 11  G     A N1    1 
ATOM   231 C C2    . G     A 1 11 ? 5.93032   0.65673   -6.12056  1.000 67.20016  ? 11  G     A C2    1 
ATOM   232 N N2    . G     A 1 11 ? 5.89173   1.43929   -7.21641  1.000 67.23175  ? 11  G     A N2    1 
ATOM   233 N N3    . G     A 1 11 ? 6.55223   1.08318   -5.03223  1.000 64.28402  ? 11  G     A N3    1 
ATOM   234 C C4    . G     A 1 11 ? 6.49604   0.17115   -4.02876  1.000 66.28163  ? 11  G     A C4    1 
ATOM   235 P P     . U     A 1 12 ? 10.31965  4.70701   -0.90732  1.000 99.93567  ? 12  U     A P     1 
ATOM   236 O OP1   . U     A 1 12 ? 10.33955  5.37353   -2.24097  1.000 89.78708  ? 12  U     A OP1   1 
ATOM   237 O OP2   . U     A 1 12 ? 11.52555  4.12493   -0.25931  1.000 99.86461  ? 12  U     A OP2   1 
ATOM   238 O "O5'" . U     A 1 12 ? 9.79270   5.80479   0.08721   1.000 96.94583  ? 12  U     A "O5'" 1 
ATOM   239 C "C5'" . U     A 1 12 ? 9.62602   5.50777   1.45841   1.000 77.99619  ? 12  U     A "C5'" 1 
ATOM   240 C "C4'" . U     A 1 12 ? 9.73303   6.77528   2.24240   1.000 75.80646  ? 12  U     A "C4'" 1 
ATOM   241 O "O4'" . U     A 1 12 ? 11.12487  6.96468   2.60628   1.000 76.30125  ? 12  U     A "O4'" 1 
ATOM   242 C "C3'" . U     A 1 12 ? 9.31235   8.02116   1.46046   1.000 72.97454  ? 12  U     A "C3'" 1 
ATOM   243 O "O3'" . U     A 1 12 ? 8.67292   8.94415   2.33450   1.000 88.95014  ? 12  U     A "O3'" 1 
ATOM   244 C "C2'" . U     A 1 12 ? 10.64577  8.59624   0.99237   1.000 82.80203  ? 12  U     A "C2'" 1 
ATOM   245 O "O2'" . U     A 1 12 ? 10.62939  9.98625   0.74086   1.000 87.23151  ? 12  U     A "O2'" 1 
ATOM   246 C "C1'" . U     A 1 12 ? 11.56304  8.22745   2.15884   1.000 79.53322  ? 12  U     A "C1'" 1 
ATOM   247 N N1    . U     A 1 12 ? 12.98130  8.12197   1.79662   1.000 67.44493  ? 12  U     A N1    1 
ATOM   248 C C2    . U     A 1 12 ? 13.80376  9.07297   2.34928   1.000 69.73204  ? 12  U     A C2    1 
ATOM   249 O O2    . U     A 1 12 ? 13.37918  9.93485   3.10537   1.000 76.08807  ? 12  U     A O2    1 
ATOM   250 N N3    . U     A 1 12 ? 15.11530  8.97586   1.98262   1.000 70.18473  ? 12  U     A N3    1 
ATOM   251 C C4    . U     A 1 12 ? 15.66882  8.04164   1.13785   1.000 68.59243  ? 12  U     A C4    1 
ATOM   252 O O4    . U     A 1 12 ? 16.88067  8.08962   0.91310   1.000 82.00194  ? 12  U     A O4    1 
ATOM   253 C C5    . U     A 1 12 ? 14.74814  7.08618   0.60128   1.000 66.20794  ? 12  U     A C5    1 
ATOM   254 C C6    . U     A 1 12 ? 13.45771  7.15511   0.94600   1.000 65.46048  ? 12  U     A C6    1 
ATOM   255 P P     . N     A 1 13 ? 7.07394   8.93589   2.48286   1.000 96.75897  ? 13  N     A P     1 
ATOM   256 O OP1   . N     A 1 13 ? 6.75735   9.96077   3.54238   1.000 102.79917 ? 13  N     A OP1   1 
ATOM   257 O OP2   . N     A 1 13 ? 6.58758   7.50442   2.64537   1.000 81.15710  ? 13  N     A OP2   1 
ATOM   258 O "O5'" . N     A 1 13 ? 6.55450   9.50278   1.06445   1.000 97.19060  ? 13  N     A "O5'" 1 
ATOM   259 O "O3'" . N     A 1 13 ? 2.42654   5.91998   0.43136   1.000 163.87491 ? 13  N     A "O3'" 1 
ATOM   260 P P     . N     A 1 14 ? 2.87902   6.62749   -0.93893  1.000 161.57990 ? 14  N     A P     1 
ATOM   261 O OP1   . N     A 1 14 ? 1.71305   6.58070   -1.89822  1.000 150.77334 ? 14  N     A OP1   1 
ATOM   262 O OP2   . N     A 1 14 ? 4.22722   6.07494   -1.34853  1.000 162.24314 ? 14  N     A OP2   1 
ATOM   263 O "O5'" . N     A 1 14 ? 3.08915   8.15113   -0.53235  1.000 172.84178 ? 14  N     A "O5'" 1 
ATOM   264 C "C5'" . N     A 1 14 ? 2.04963   9.10240   -0.70135  1.000 178.63721 ? 14  N     A "C5'" 1 
ATOM   265 C "C4'" . N     A 1 14 ? 2.61089   10.44216  -1.10155  1.000 185.53540 ? 14  N     A "C4'" 1 
ATOM   266 O "O4'" . N     A 1 14 ? 3.40410   10.98206  -0.00779  1.000 184.67477 ? 14  N     A "O4'" 1 
ATOM   267 C "C3'" . N     A 1 14 ? 3.56305   10.43567  -2.29281  1.000 189.55694 ? 14  N     A "C3'" 1 
ATOM   268 O "O3'" . N     A 1 14 ? 2.94072   10.41794  -3.58078  1.000 194.65755 ? 14  N     A "O3'" 1 
ATOM   269 C "C2'" . N     A 1 14 ? 4.45037   11.64825  -2.03372  1.000 189.18584 ? 14  N     A "C2'" 1 
ATOM   270 O "O2'" . N     A 1 14 ? 3.79522   12.85021  -2.40884  1.000 193.68375 ? 14  N     A "O2'" 1 
ATOM   271 C "C1'" . N     A 1 14 ? 4.56307   11.61463  -0.51075  1.000 186.52236 ? 14  N     A "C1'" 1 
ATOM   272 P P     . N     A 1 15 ? 1.50525   11.09671  -3.90876  1.000 191.29136 ? 15  N     A P     1 
ATOM   273 O OP1   . N     A 1 15 ? 1.56139   11.56715  -5.34605  1.000 188.82527 ? 15  N     A OP1   1 
ATOM   274 O OP2   . N     A 1 15 ? 1.06586   12.13758  -2.90097  1.000 191.22293 ? 15  N     A OP2   1 
ATOM   275 O "O5'" . N     A 1 15 ? 0.46909   9.87987   -3.87399  1.000 175.13942 ? 15  N     A "O5'" 1 
ATOM   276 C "C5'" . N     A 1 15 ? 0.85716   8.54825   -4.20700  1.000 154.08426 ? 15  N     A "C5'" 1 
ATOM   277 C "C4'" . N     A 1 15 ? 1.47480   8.44812   -5.58256  1.000 138.01655 ? 15  N     A "C4'" 1 
ATOM   278 O "O4'" . N     A 1 15 ? 2.88352   8.12808   -5.45138  1.000 129.39709 ? 15  N     A "O4'" 1 
ATOM   279 C "C3'" . N     A 1 15 ? 0.92061   7.36184   -6.49537  1.000 125.15448 ? 15  N     A "C3'" 1 
ATOM   280 O "O3'" . N     A 1 15 ? -0.24445  7.77045   -7.19428  1.000 110.34218 ? 15  N     A "O3'" 1 
ATOM   281 C "C2'" . N     A 1 15 ? 2.09458   7.05198   -7.42018  1.000 124.76759 ? 15  N     A "C2'" 1 
ATOM   282 O "O2'" . N     A 1 15 ? 2.16791   7.99020   -8.48271  1.000 123.22530 ? 15  N     A "O2'" 1 
ATOM   283 C "C1'" . N     A 1 15 ? 3.29142   7.27239   -6.49410  1.000 130.21298 ? 15  N     A "C1'" 1 
ATOM   284 P P     . C     A 1 16 ? -1.69116  7.20112   -6.78582  1.000 94.69556  ? 16  C     A P     1 
ATOM   285 O OP1   . C     A 1 16 ? -2.67626  7.66884   -7.79361  1.000 90.84247  ? 16  C     A OP1   1 
ATOM   286 O OP2   . C     A 1 16 ? -1.89990  7.50040   -5.34781  1.000 90.46874  ? 16  C     A OP2   1 
ATOM   287 O "O5'" . C     A 1 16 ? -1.55613  5.61972   -6.93695  1.000 84.39959  ? 16  C     A "O5'" 1 
ATOM   288 C "C5'" . C     A 1 16 ? -1.96279  4.94478   -8.12199  1.000 69.41095  ? 16  C     A "C5'" 1 
ATOM   289 C "C4'" . C     A 1 16 ? -2.09054  3.46098   -7.87638  1.000 65.50259  ? 16  C     A "C4'" 1 
ATOM   290 O "O4'" . C     A 1 16 ? -0.86269  2.95512   -7.29045  1.000 66.09740  ? 16  C     A "O4'" 1 
ATOM   291 C "C3'" . C     A 1 16 ? -3.15500  3.06233   -6.87213  1.000 58.93601  ? 16  C     A "C3'" 1 
ATOM   292 O "O3'" . C     A 1 16 ? -4.44169  3.02029   -7.44216  1.000 65.81579  ? 16  C     A "O3'" 1 
ATOM   293 C "C2'" . C     A 1 16 ? -2.66398  1.71086   -6.38276  1.000 65.98160  ? 16  C     A "C2'" 1 
ATOM   294 O "O2'" . C     A 1 16 ? -2.94952  0.70824   -7.34484  1.000 73.27194  ? 16  C     A "O2'" 1 
ATOM   295 C "C1'" . C     A 1 16 ? -1.15599  1.93033   -6.36601  1.000 64.42351  ? 16  C     A "C1'" 1 
ATOM   296 N N1    . C     A 1 16 ? -0.62193  2.32560   -5.04009  1.000 64.90252  ? 16  C     A N1    1 
ATOM   297 C C2    . C     A 1 16 ? -0.53527  1.37945   -4.01200  1.000 60.19669  ? 16  C     A C2    1 
ATOM   298 O O2    . C     A 1 16 ? -0.95275  0.23326   -4.21111  1.000 66.72379  ? 16  C     A O2    1 
ATOM   299 N N3    . C     A 1 16 ? -0.00442  1.72916   -2.81640  1.000 56.70417  ? 16  C     A N3    1 
ATOM   300 C C4    . C     A 1 16 ? 0.42806   2.98180   -2.62115  1.000 63.40760  ? 16  C     A C4    1 
ATOM   301 N N4    . C     A 1 16 ? 0.94972   3.29073   -1.42818  1.000 59.24921  ? 16  C     A N4    1 
ATOM   302 C C5    . C     A 1 16 ? 0.36285   3.96220   -3.65057  1.000 61.13628  ? 16  C     A C5    1 
ATOM   303 C C6    . C     A 1 16 ? -0.15835  3.59262   -4.83047  1.000 63.59447  ? 16  C     A C6    1 
ATOM   304 P P     . C     A 1 17 ? -5.70350  3.36148   -6.52844  1.000 69.69257  ? 17  C     A P     1 
ATOM   305 O OP1   . C     A 1 17 ? -6.90487  3.35697   -7.40072  1.000 67.96868  ? 17  C     A OP1   1 
ATOM   306 O OP2   . C     A 1 17 ? -5.33236  4.55349   -5.71255  1.000 64.37614  ? 17  C     A OP2   1 
ATOM   307 O "O5'" . C     A 1 17 ? -5.79412  2.10284   -5.55969  1.000 67.81603  ? 17  C     A "O5'" 1 
ATOM   308 C "C5'" . C     A 1 17 ? -6.22110  0.84424   -6.05553  1.000 66.91592  ? 17  C     A "C5'" 1 
ATOM   309 C "C4'" . C     A 1 17 ? -6.37453  -0.15723  -4.94349  1.000 62.84964  ? 17  C     A "C4'" 1 
ATOM   310 O "O4'" . C     A 1 17 ? -5.08056  -0.39699  -4.34100  1.000 63.26811  ? 17  C     A "O4'" 1 
ATOM   311 C "C3'" . C     A 1 17 ? -7.24050  0.27218   -3.77036  1.000 65.42363  ? 17  C     A "C3'" 1 
ATOM   312 O "O3'" . C     A 1 17 ? -8.62881  0.14355   -4.01463  1.000 63.82344  ? 17  C     A "O3'" 1 
ATOM   313 C "C2'" . C     A 1 17 ? -6.72234  -0.61882  -2.65484  1.000 66.81064  ? 17  C     A "C2'" 1 
ATOM   314 O "O2'" . C     A 1 17 ? -7.15698  -1.95413  -2.86232  1.000 72.77188  ? 17  C     A "O2'" 1 
ATOM   315 C "C1'" . C     A 1 17 ? -5.22989  -0.59918  -2.94973  1.000 61.14154  ? 17  C     A "C1'" 1 
ATOM   316 N N1    . C     A 1 17 ? -4.48644  0.46524   -2.23001  1.000 57.89642  ? 17  C     A N1    1 
ATOM   317 C C2    . C     A 1 17 ? -4.10171  0.28027   -0.89308  1.000 70.36370  ? 17  C     A C2    1 
ATOM   318 O O2    . C     A 1 17 ? -4.43129  -0.75372  -0.29013  1.000 67.03172  ? 17  C     A O2    1 
ATOM   319 N N3    . C     A 1 17 ? -3.39013  1.24668   -0.27190  1.000 64.37614  ? 17  C     A N3    1 
ATOM   320 C C4    . C     A 1 17 ? -3.06336  2.35898   -0.93043  1.000 64.08926  ? 17  C     A C4    1 
ATOM   321 N N4    . C     A 1 17 ? -2.35573  3.29193   -0.29330  1.000 56.47782  ? 17  C     A N4    1 
ATOM   322 C C5    . C     A 1 17 ? -3.44713  2.58060   -2.28017  1.000 59.65452  ? 17  C     A C5    1 
ATOM   323 C C6    . C     A 1 17 ? -4.13884  1.61232   -2.88211  1.000 60.42303  ? 17  C     A C6    1 
ATOM   324 P P     . C     A 1 18 ? -9.66811  1.09903   -3.26732  1.000 67.99763  ? 18  C     A P     1 
ATOM   325 O OP1   . C     A 1 18 ? -10.99903 0.85468   -3.85240  1.000 72.59028  ? 18  C     A OP1   1 
ATOM   326 O OP2   . C     A 1 18 ? -9.20799  2.50800   -3.26567  1.000 73.09034  ? 18  C     A OP2   1 
ATOM   327 O "O5'" . C     A 1 18 ? -9.63534  0.56041   -1.76513  1.000 77.63036  ? 18  C     A "O5'" 1 
ATOM   328 C "C5'" . C     A 1 18 ? -10.04848 -0.76260  -1.45396  1.000 73.27721  ? 18  C     A "C5'" 1 
ATOM   329 C "C4'" . C     A 1 18 ? -9.80822  -1.10507  -0.00141  1.000 68.80035  ? 18  C     A "C4'" 1 
ATOM   330 O "O4'" . C     A 1 18 ? -8.37942  -1.12893  0.27826   1.000 66.85538  ? 18  C     A "O4'" 1 
ATOM   331 C "C3'" . C     A 1 18 ? -10.35671 -0.14370  1.03397   1.000 64.85251  ? 18  C     A "C3'" 1 
ATOM   332 O "O3'" . C     A 1 18 ? -11.74175 -0.29831  1.28086   1.000 81.79665  ? 18  C     A "O3'" 1 
ATOM   333 C "C2'" . C     A 1 18 ? -9.50267  -0.47064  2.24351   1.000 66.60009  ? 18  C     A "C2'" 1 
ATOM   334 O "O2'" . C     A 1 18 ? -9.87204  -1.73729  2.76142   1.000 63.79975  ? 18  C     A "O2'" 1 
ATOM   335 C "C1'" . C     A 1 18 ? -8.14566  -0.65843  1.58715   1.000 59.35712  ? 18  C     A "C1'" 1 
ATOM   336 N N1    . C     A 1 18 ? -7.36004  0.60038   1.52676   1.000 66.30532  ? 18  C     A N1    1 
ATOM   337 C C2    . C     A 1 18 ? -6.68979  1.04682   2.67617   1.000 75.21428  ? 18  C     A C2    1 
ATOM   338 O O2    . C     A 1 18 ? -6.79426  0.41175   3.74208   1.000 72.57449  ? 18  C     A O2    1 
ATOM   339 N N3    . C     A 1 18 ? -5.95051  2.18070   2.60953   1.000 81.25185  ? 18  C     A N3    1 
ATOM   340 C C4    . C     A 1 18 ? -5.85507  2.85670   1.46724   1.000 71.73228  ? 18  C     A C4    1 
ATOM   341 N N4    . C     A 1 18 ? -5.11203  3.96166   1.44763   1.000 64.73934  ? 18  C     A N4    1 
ATOM   342 C C5    . C     A 1 18 ? -6.52650  2.43165   0.29047   1.000 63.38918  ? 18  C     A C5    1 
ATOM   343 C C6    . C     A 1 18 ? -7.24891  1.30860   0.36376   1.000 70.13736  ? 18  C     A C6    1 
ATOM   344 P P     . A     A 1 19 ? -12.63767 0.96617   1.70990   1.000 67.07646  ? 19  A     A P     1 
ATOM   345 O OP1   . A     A 1 19 ? -14.05968 0.54112   1.67300   1.000 67.11857  ? 19  A     A OP1   1 
ATOM   346 O OP2   . A     A 1 19 ? -12.17629 2.15926   0.97669   1.000 64.48142  ? 19  A     A OP2   1 
ATOM   347 O "O5'" . A     A 1 19 ? -12.20159 1.32538   3.20057   1.000 65.31309  ? 19  A     A "O5'" 1 
ATOM   348 C "C5'" . A     A 1 19 ? -12.63832 0.58630   4.32108   1.000 60.72833  ? 19  A     A "C5'" 1 
ATOM   349 C "C4'" . A     A 1 19 ? -11.70376 0.78889   5.49356   1.000 57.33845  ? 19  A     A "C4'" 1 
ATOM   350 O "O4'" . A     A 1 19 ? -10.34236 0.91075   5.01915   1.000 61.81794  ? 19  A     A "O4'" 1 
ATOM   351 C "C3'" . A     A 1 19 ? -11.90440 2.04384   6.32754   1.000 56.13568  ? 19  A     A "C3'" 1 
ATOM   352 O "O3'" . A     A 1 19 ? -12.94528 1.91295   7.26947   1.000 55.28294  ? 19  A     A "O3'" 1 
ATOM   353 C "C2'" . A     A 1 19 ? -10.54893 2.20549   6.98701   1.000 56.53573  ? 19  A     A "C2'" 1 
ATOM   354 O "O2'" . A     A 1 19 ? -10.40785 1.21863   8.00291   1.000 51.21140  ? 19  A     A "O2'" 1 
ATOM   355 C "C1'" . A     A 1 19 ? -9.62556  1.79125   5.85696   1.000 56.47782  ? 19  A     A "C1'" 1 
ATOM   356 N N9    . A     A 1 19 ? -9.06533  2.90697   5.05297   1.000 51.16666  ? 19  A     A N9    1 
ATOM   357 C C8    . A     A 1 19 ? -9.27779  3.16631   3.72455   1.000 47.50306  ? 19  A     A C8    1 
ATOM   358 N N7    . A     A 1 19 ? -8.57644  4.17891   3.25933   1.000 51.05086  ? 19  A     A N7    1 
ATOM   359 C C5    . A     A 1 19 ? -7.84173  4.62372   4.34503   1.000 52.23521  ? 19  A     A C5    1 
ATOM   360 C C6    . A     A 1 19 ? -6.90258  5.66509   4.50978   1.000 54.53022  ? 19  A     A C6    1 
ATOM   361 N N6    . A     A 1 19 ? -6.50911  6.50223   3.54073   1.000 52.98004  ? 19  A     A N6    1 
ATOM   362 N N1    . A     A 1 19 ? -6.34544  5.82036   5.73745   1.000 52.28522  ? 19  A     A N1    1 
ATOM   363 C C2    . A     A 1 19 ? -6.71881  4.99817   6.72573   1.000 56.62521  ? 19  A     A C2    1 
ATOM   364 N N3    . A     A 1 19 ? -7.58565  3.97858   6.68259   1.000 51.77989  ? 19  A     A N3    1 
ATOM   365 C C4    . A     A 1 19 ? -8.12864  3.83918   5.45546   1.000 52.76685  ? 19  A     A C4    1 
ATOM   366 P P     . G     A 1 20 ? -13.73728 3.20994   7.79886   1.000 60.80992  ? 20  G     A P     1 
ATOM   367 O OP1   . G     A 1 20 ? -14.87979 2.70244   8.59165   1.000 68.11080  ? 20  G     A OP1   1 
ATOM   368 O OP2   . G     A 1 20 ? -13.94333 4.11241   6.63327   1.000 56.29359  ? 20  G     A OP2   1 
ATOM   369 O "O5'" . G     A 1 20 ? -12.72154 3.92346   8.79516   1.000 54.60128  ? 20  G     A "O5'" 1 
ATOM   370 C "C5'" . G     A 1 20 ? -12.19844 3.25107   9.94368   1.000 52.54314  ? 20  G     A "C5'" 1 
ATOM   371 C "C4'" . G     A 1 20 ? -11.31914 4.18021   10.75369  1.000 59.39923  ? 20  G     A "C4'" 1 
ATOM   372 O "O4'" . G     A 1 20 ? -10.28368 4.72557   9.87993   1.000 57.43847  ? 20  G     A "O4'" 1 
ATOM   373 C "C3'" . G     A 1 20 ? -12.04219 5.39049   11.33378  1.000 53.21428  ? 20  G     A "C3'" 1 
ATOM   374 O "O3'" . G     A 1 20 ? -11.34837 5.83175   12.50297  1.000 58.78073  ? 20  G     A "O3'" 1 
ATOM   375 C "C2'" . G     A 1 20 ? -11.85645 6.42832   10.23337  1.000 45.55546  ? 20  G     A "C2'" 1 
ATOM   376 O "O2'" . G     A 1 20 ? -12.01243 7.75847   10.67212  1.000 54.77236  ? 20  G     A "O2'" 1 
ATOM   377 C "C1'" . G     A 1 20 ? -10.42513 6.13256   9.78635   1.000 46.19501  ? 20  G     A "C1'" 1 
ATOM   378 N N9    . G     A 1 20 ? -10.11004 6.53882   8.40305   1.000 51.63514  ? 20  G     A N9    1 
ATOM   379 C C8    . G     A 1 20 ? -10.62272 6.01124   7.23976   1.000 53.03794  ? 20  G     A C8    1 
ATOM   380 N N7    . G     A 1 20 ? -10.17251 6.58011   6.13802   1.000 53.96963  ? 20  G     A N7    1 
ATOM   381 C C5    . G     A 1 20 ? -9.28972  7.54081   6.59494   1.000 54.15123  ? 20  G     A C5    1 
ATOM   382 C C6    . G     A 1 20 ? -8.49167  8.45853   5.86156   1.000 56.89103  ? 20  G     A C6    1 
ATOM   383 O O6    . G     A 1 20 ? -8.39171  8.62064   4.61980   1.000 51.87990  ? 20  G     A O6    1 
ATOM   384 N N1    . G     A 1 20 ? -7.76053  9.26263   6.73374   1.000 48.83480  ? 20  G     A N1    1 
ATOM   385 C C2    . G     A 1 20 ? -7.79328  9.18724   8.10551   1.000 56.25411  ? 20  G     A C2    1 
ATOM   386 N N2    . G     A 1 20 ? -7.02451  10.06496  8.76215   1.000 49.70596  ? 20  G     A N2    1 
ATOM   387 N N3    . G     A 1 20 ? -8.51683  8.32524   8.79073   1.000 51.02454  ? 20  G     A N3    1 
ATOM   388 C C4    . G     A 1 20 ? -9.24257  7.53132   7.98214   1.000 51.64040  ? 20  G     A C4    1 
ATOM   389 P P     . U     A 1 21 ? -11.96536 5.60466   13.97443  1.000 59.79664  ? 21  U     A P     1 
ATOM   390 O OP1   . U     A 1 21 ? -12.71082 4.34088   13.98767  1.000 56.66469  ? 21  U     A OP1   1 
ATOM   391 O OP2   . U     A 1 21 ? -12.61352 6.85984   14.39861  1.000 59.22815  ? 21  U     A OP2   1 
ATOM   392 O "O5'" . U     A 1 21 ? -10.68683 5.41172   14.90099  1.000 56.60679  ? 21  U     A "O5'" 1 
ATOM   393 C "C5'" . U     A 1 21 ? -9.80422  4.30732   14.73605  1.000 52.97214  ? 21  U     A "C5'" 1 
ATOM   394 C "C4'" . U     A 1 21 ? -8.49377  4.56640   15.43317  1.000 55.94881  ? 21  U     A "C4'" 1 
ATOM   395 O "O4'" . U     A 1 21 ? -7.66487  5.42222   14.59720  1.000 64.63670  ? 21  U     A "O4'" 1 
ATOM   396 C "C3'" . U     A 1 21 ? -8.62580  5.28434   16.77029  1.000 53.14321  ? 21  U     A "C3'" 1 
ATOM   397 O "O3'" . U     A 1 21 ? -7.61448  4.81362   17.65255  1.000 61.93111  ? 21  U     A "O3'" 1 
ATOM   398 C "C2'" . U     A 1 21 ? -8.34983  6.74511   16.41221  1.000 61.31525  ? 21  U     A "C2'" 1 
ATOM   399 O "O2'" . U     A 1 21 ? -7.85405  7.51506   17.48608  1.000 61.02574  ? 21  U     A "O2'" 1 
ATOM   400 C "C1'" . U     A 1 21 ? -7.30974  6.59644   15.31017  1.000 59.33606  ? 21  U     A "C1'" 1 
ATOM   401 N N1    . U     A 1 21 ? -7.25335  7.71241   14.34693  1.000 57.98590  ? 21  U     A N1    1 
ATOM   402 C C2    . U     A 1 21 ? -6.19752  8.60558   14.42003  1.000 68.24502  ? 21  U     A C2    1 
ATOM   403 O O2    . U     A 1 21 ? -5.33155  8.52951   15.27069  1.000 65.36310  ? 21  U     A O2    1 
ATOM   404 N N3    . U     A 1 21 ? -6.19632  9.59800   13.46427  1.000 65.28151  ? 21  U     A N3    1 
ATOM   405 C C4    . U     A 1 21 ? -7.12469  9.76782   12.45813  1.000 65.25519  ? 21  U     A C4    1 
ATOM   406 O O4    . U     A 1 21 ? -7.00033  10.69401  11.66068  1.000 69.80837  ? 21  U     A O4    1 
ATOM   407 C C5    . U     A 1 21 ? -8.18254  8.80325   12.44205  1.000 61.76793  ? 21  U     A C5    1 
ATOM   408 C C6    . U     A 1 21 ? -8.19796  7.83502   13.35646  1.000 52.64579  ? 21  U     A C6    1 
ATOM   409 P P     . U     A 1 22 ? -8.06035  4.08646   19.00455  1.000 70.04787  ? 22  U     A P     1 
ATOM   410 O OP1   . U     A 1 22 ? -9.28253  4.79110   19.46803  1.000 70.36896  ? 22  U     A OP1   1 
ATOM   411 O OP2   . U     A 1 22 ? -6.86560  3.91046   19.87705  1.000 65.67630  ? 22  U     A OP2   1 
ATOM   412 O "O5'" . U     A 1 22 ? -8.55290  2.65862   18.50056  1.000 63.55762  ? 22  U     A "O5'" 1 
ATOM   413 C "C5'" . U     A 1 22 ? -7.63895  1.58078   18.34927  1.000 60.43883  ? 22  U     A "C5'" 1 
ATOM   414 C "C4'" . U     A 1 22 ? -8.31588  0.37444   17.74718  1.000 67.15805  ? 22  U     A "C4'" 1 
ATOM   415 O "O4'" . U     A 1 22 ? -9.36929  -0.10926  18.63253  1.000 64.02873  ? 22  U     A "O4'" 1 
ATOM   416 C "C3'" . U     A 1 22 ? -8.96910  0.61880   16.40204  1.000 54.40389  ? 22  U     A "C3'" 1 
ATOM   417 O "O3'" . U     A 1 22 ? -8.83664  -0.56787  15.63179  1.000 62.95492  ? 22  U     A "O3'" 1 
ATOM   418 C "C2'" . U     A 1 22 ? -10.44167 0.85302   16.75196  1.000 53.68275  ? 22  U     A "C2'" 1 
ATOM   419 O "O2'" . U     A 1 22 ? -11.31413 0.45876   15.71803  1.000 54.28546  ? 22  U     A "O2'" 1 
ATOM   420 C "C1'" . U     A 1 22 ? -10.63173 -0.03909  17.98351  1.000 57.18317  ? 22  U     A "C1'" 1 
ATOM   421 N N1    . U     A 1 22 ? -11.55071 0.45256   19.02114  1.000 59.03603  ? 22  U     A N1    1 
ATOM   422 C C2    . U     A 1 22 ? -12.58795 -0.38886  19.45118  1.000 60.21775  ? 22  U     A C2    1 
ATOM   423 O O2    . U     A 1 22 ? -12.83995 -1.44312  18.91035  1.000 61.05469  ? 22  U     A O2    1 
ATOM   424 N N3    . U     A 1 22 ? -13.34089 0.07560   20.49884  1.000 61.73109  ? 22  U     A N3    1 
ATOM   425 C C4    . U     A 1 22 ? -13.14741 1.25470   21.18246  1.000 61.48895  ? 22  U     A C4    1 
ATOM   426 O O4    . U     A 1 22 ? -13.90578 1.54485   22.10124  1.000 69.38200  ? 22  U     A O4    1 
ATOM   427 C C5    . U     A 1 22 ? -12.04946 2.05496   20.72185  1.000 59.57293  ? 22  U     A C5    1 
ATOM   428 C C6    . U     A 1 22 ? -11.29849 1.62817   19.69739  1.000 58.07538  ? 22  U     A C6    1 
ATOM   429 P P     . A     A 1 23 ? -7.59443  -0.72034  14.62269  1.000 68.41610  ? 23  A     A P     1 
ATOM   430 O OP1   . A     A 1 23 ? -7.63367  -2.12226  14.12575  1.000 56.45940  ? 23  A     A OP1   1 
ATOM   431 O OP2   . A     A 1 23 ? -6.35552  -0.16694  15.22966  1.000 59.37554  ? 23  A     A OP2   1 
ATOM   432 O "O5'" . A     A 1 23 ? -7.94317  0.29260   13.45660  1.000 57.12527  ? 23  A     A "O5'" 1 
ATOM   433 C "C5'" . A     A 1 23 ? -9.05429  0.08615   12.60405  1.000 54.12754  ? 23  A     A "C5'" 1 
ATOM   434 C "C4'" . A     A 1 23 ? -8.90647  0.93996   11.37089  1.000 47.57676  ? 23  A     A "C4'" 1 
ATOM   435 O "O4'" . A     A 1 23 ? -8.71445  2.30869   11.78245  1.000 58.29120  ? 23  A     A "O4'" 1 
ATOM   436 C "C3'" . A     A 1 23 ? -7.69278  0.60985   10.50389  1.000 52.37733  ? 23  A     A "C3'" 1 
ATOM   437 O "O3'" . A     A 1 23 ? -8.05295  -0.35417  9.53114   1.000 55.33295  ? 23  A     A "O3'" 1 
ATOM   438 C "C2'" . A     A 1 23 ? -7.32741  1.95099   9.87739   1.000 51.15350  ? 23  A     A "C2'" 1 
ATOM   439 O "O2'" . A     A 1 23 ? -8.11368  2.17506   8.71984   1.000 53.96700  ? 23  A     A "O2'" 1 
ATOM   440 C "C1'" . A     A 1 23 ? -7.77451  2.95069   10.94490  1.000 55.14345  ? 23  A     A "C1'" 1 
ATOM   441 N N9    . A     A 1 23 ? -6.67080  3.46310   11.78491  1.000 54.61181  ? 23  A     A N9    1 
ATOM   442 C C8    . A     A 1 23 ? -5.96851  2.80379   12.77454  1.000 57.62796  ? 23  A     A C8    1 
ATOM   443 N N7    . A     A 1 23 ? -5.05266  3.55245   13.35094  1.000 57.53585  ? 23  A     A N7    1 
ATOM   444 C C5    . A     A 1 23 ? -5.16383  4.78547   12.71360  1.000 51.00875  ? 23  A     A C5    1 
ATOM   445 C C6    . A     A 1 23 ? -4.48103  6.01282   12.86154  1.000 55.58824  ? 23  A     A C6    1 
ATOM   446 N N6    . A     A 1 23 ? -3.49196  6.24016   13.72531  1.000 58.87811  ? 23  A     A N6    1 
ATOM   447 N N1    . A     A 1 23 ? -4.84464  7.03414   12.06683  1.000 55.83301  ? 23  A     A N1    1 
ATOM   448 C C2    . A     A 1 23 ? -5.82506  6.83056   11.17852  1.000 54.71182  ? 23  A     A C2    1 
ATOM   449 N N3    . A     A 1 23 ? -6.54357  5.74087   10.93519  1.000 51.21930  ? 23  A     A N3    1 
ATOM   450 C C4    . A     A 1 23 ? -6.15406  4.73912   11.74708  1.000 52.43787  ? 23  A     A C4    1 
ATOM   451 P P     . A     A 1 24 ? -7.02668  -1.41396  8.91866   1.000 54.73288  ? 24  A     A P     1 
ATOM   452 O OP1   . A     A 1 24 ? -5.95498  -1.73933  9.90266   1.000 53.54326  ? 24  A     A OP1   1 
ATOM   453 O OP2   . A     A 1 24 ? -6.63861  -0.99492  7.53996   1.000 63.28390  ? 24  A     A OP2   1 
ATOM   454 O "O5'" . A     A 1 24 ? -7.96082  -2.69825  8.76309   1.000 56.80155  ? 24  A     A "O5'" 1 
ATOM   455 C "C5'" . A     A 1 24 ? -8.50507  -3.30860  9.92160   1.000 57.08316  ? 24  A     A "C5'" 1 
ATOM   456 C "C4'" . A     A 1 24 ? -9.57942  -4.31129  9.58547   1.000 61.45737  ? 24  A     A "C4'" 1 
ATOM   457 O "O4'" . A     A 1 24 ? -10.71910 -3.66137  8.96596   1.000 57.17791  ? 24  A     A "O4'" 1 
ATOM   458 C "C3'" . A     A 1 24 ? -9.20423  -5.37594  8.58436   1.000 66.80801  ? 24  A     A "C3'" 1 
ATOM   459 O "O3'" . A     A 1 24 ? -8.38382  -6.38247  9.14238   1.000 71.24275  ? 24  A     A "O3'" 1 
ATOM   460 C "C2'" . A     A 1 24 ? -10.57010 -5.87175  8.11065   1.000 67.04751  ? 24  A     A "C2'" 1 
ATOM   461 O "O2'" . A     A 1 24 ? -11.14159 -6.75401  9.05887   1.000 77.05398  ? 24  A     A "O2'" 1 
ATOM   462 C "C1'" . A     A 1 24 ? -11.38013 -4.57571  8.11185   1.000 60.39672  ? 24  A     A "C1'" 1 
ATOM   463 N N9    . A     A 1 24 ? -11.48960 -3.98885  6.76721   1.000 63.38918  ? 24  A     A N9    1 
ATOM   464 C C8    . A     A 1 24 ? -10.69712 -3.00234  6.23855   1.000 57.79904  ? 24  A     A C8    1 
ATOM   465 N N7    . A     A 1 24 ? -11.02790 -2.68072  5.01248   1.000 59.30448  ? 24  A     A N7    1 
ATOM   466 C C5    . A     A 1 24 ? -12.10499 -3.51814  4.72126   1.000 62.62067  ? 24  A     A C5    1 
ATOM   467 C C6    . A     A 1 24 ? -12.89802 -3.65352  3.56652   1.000 65.48943  ? 24  A     A C6    1 
ATOM   468 N N6    . A     A 1 24 ? -12.69562 -2.91840  2.46281   1.000 59.24131  ? 24  A     A N6    1 
ATOM   469 N N1    . A     A 1 24 ? -13.89740 -4.56929  3.58932   1.000 59.73085  ? 24  A     A N1    1 
ATOM   470 C C2    . A     A 1 24 ? -14.07055 -5.29850  4.70501   1.000 69.82943  ? 24  A     A C2    1 
ATOM   471 N N3    . A     A 1 24 ? -13.38914 -5.25700  5.85274   1.000 67.70812  ? 24  A     A N3    1 
ATOM   472 C C4    . A     A 1 24 ? -12.40351 -4.33227  5.79369   1.000 63.81028  ? 24  A     A C4    1 
ATOM   473 P P     . C     A 1 25 ? -7.24924  -7.05590  8.23361   1.000 71.87178  ? 25  C     A P     1 
ATOM   474 O OP1   . C     A 1 25 ? -6.35500  -7.82069  9.13786   1.000 68.33714  ? 25  C     A OP1   1 
ATOM   475 O OP2   . C     A 1 25 ? -6.68344  -5.99582  7.37269   1.000 67.44230  ? 25  C     A OP2   1 
ATOM   476 O "O5'" . C     A 1 25 ? -8.06158  -8.04934  7.28969   1.000 73.80622  ? 25  C     A "O5'" 1 
ATOM   477 C "C5'" . C     A 1 25 ? -9.01906  -8.95219  7.83403   1.000 74.35628  ? 25  C     A "C5'" 1 
ATOM   478 C "C4'" . C     A 1 25 ? -9.84589  -9.59887  6.74936   1.000 79.48058  ? 25  C     A "C4'" 1 
ATOM   479 O "O4'" . C     A 1 25 ? -10.80210 -8.65355  6.19938   1.000 73.76674  ? 25  C     A "O4'" 1 
ATOM   480 C "C3'" . C     A 1 25 ? -9.07253  -10.08255 5.53395   1.000 83.03364  ? 25  C     A "C3'" 1 
ATOM   481 O "O3'" . C     A 1 25 ? -8.42746  -11.32269 5.75991   1.000 89.94236  ? 25  C     A "O3'" 1 
ATOM   482 C "C2'" . C     A 1 25 ? -10.14452 -10.13052 4.44944   1.000 78.25149  ? 25  C     A "C2'" 1 
ATOM   483 O "O2'" . C     A 1 25 ? -10.92918 -11.31065 4.57119   1.000 88.53956  ? 25  C     A "O2'" 1 
ATOM   484 C "C1'" . C     A 1 25 ? -11.01375 -8.92756  4.82600   1.000 70.94535  ? 25  C     A "C1'" 1 
ATOM   485 N N1    . C     A 1 25 ? -10.69509 -7.71898  4.02610   1.000 71.90073  ? 25  C     A N1    1 
ATOM   486 C C2    . C     A 1 25 ? -11.33899 -7.57295  2.79180   1.000 79.04632  ? 25  C     A C2    1 
ATOM   487 O O2    . C     A 1 25 ? -12.13532 -8.44917  2.42977   1.000 89.77392  ? 25  C     A O2    1 
ATOM   488 N N3    . C     A 1 25 ? -11.09411 -6.48676  2.02317   1.000 79.22002  ? 25  C     A N3    1 
ATOM   489 C C4    . C     A 1 25 ? -10.23968 -5.55733  2.44472   1.000 76.02490  ? 25  C     A C4    1 
ATOM   490 N N4    . C     A 1 25 ? -10.03659 -4.51082  1.64385   1.000 83.19945  ? 25  C     A N4    1 
ATOM   491 C C5    . C     A 1 25 ? -9.55850  -5.66992  3.69422   1.000 73.53250  ? 25  C     A C5    1 
ATOM   492 C C6    . C     A 1 25 ? -9.81459  -6.75876  4.44912   1.000 72.51396  ? 25  C     A C6    1 
ATOM   493 P P     . A     A 1 26 ? -7.07823  -11.67923 4.96931   1.000 93.35067  ? 26  A     A P     1 
ATOM   494 O OP1   . A     A 1 26 ? -6.66041  -13.04418 5.37621   1.000 92.22685  ? 26  A     A OP1   1 
ATOM   495 O OP2   . A     A 1 26 ? -6.14220  -10.53509 5.12050   1.000 83.84690  ? 26  A     A OP2   1 
ATOM   496 O "O5'" . A     A 1 26 ? -7.56319  -11.78297 3.45822   1.000 98.18809  ? 26  A     A "O5'" 1 
ATOM   497 C "C5'" . A     A 1 26 ? -6.90036  -11.08965 2.41558   1.000 94.51133  ? 26  A     A "C5'" 1 
ATOM   498 C "C4'" . A     A 1 26 ? -7.89315  -10.58734 1.40446   1.000 86.06032  ? 26  A     A "C4'" 1 
ATOM   499 O "O4'" . A     A 1 26 ? -8.36889  -9.28883  1.81155   1.000 91.32674  ? 26  A     A "O4'" 1 
ATOM   500 C "C3'" . A     A 1 26 ? -7.35558  -10.37564 0.00391   1.000 89.15016  ? 26  A     A "C3'" 1 
ATOM   501 O "O3'" . A     A 1 26 ? -7.37916  -11.57615 -0.74485  1.000 93.06379  ? 26  A     A "O3'" 1 
ATOM   502 C "C2'" . A     A 1 26 ? -8.26579  -9.28769  -0.55847  1.000 85.09705  ? 26  A     A "C2'" 1 
ATOM   503 O "O2'" . A     A 1 26 ? -9.48283  -9.83994  -1.03808  1.000 82.40725  ? 26  A     A "O2'" 1 
ATOM   504 C "C1'" . A     A 1 26 ? -8.57388  -8.46720  0.68845   1.000 81.64400  ? 26  A     A "C1'" 1 
ATOM   505 N N9    . A     A 1 26 ? -7.71890  -7.27754  0.84161   1.000 76.47233  ? 26  A     A N9    1 
ATOM   506 C C8    . A     A 1 26 ? -6.86530  -7.01672  1.88820   1.000 70.26369  ? 26  A     A C8    1 
ATOM   507 N N7    . A     A 1 26 ? -6.24998  -5.86533  1.79681   1.000 67.92657  ? 26  A     A N7    1 
ATOM   508 C C5    . A     A 1 26 ? -6.74418  -5.33337  0.61418   1.000 71.41383  ? 26  A     A C5    1 
ATOM   509 C C6    . A     A 1 26 ? -6.47839  -4.12886  -0.05037  1.000 75.30640  ? 26  A     A C6    1 
ATOM   510 N N6    . A     A 1 26 ? -5.61440  -3.22545  0.41473   1.000 61.08101  ? 26  A     A N6    1 
ATOM   511 N N1    . A     A 1 26 ? -7.13029  -3.89166  -1.21462  1.000 75.51958  ? 26  A     A N1    1 
ATOM   512 C C2    . A     A 1 26 ? -7.99130  -4.81359  -1.66569  1.000 69.05038  ? 26  A     A C2    1 
ATOM   513 N N3    . A     A 1 26 ? -8.32528  -5.98852  -1.13157  1.000 76.04333  ? 26  A     A N3    1 
ATOM   514 C C4    . A     A 1 26 ? -7.65642  -6.18672  0.01712   1.000 74.84055  ? 26  A     A C4    1 
ATOM   515 P P     . A     A 1 27 ? -6.13415  -11.97348 -1.66652  1.000 100.44889 ? 27  A     A P     1 
ATOM   516 O OP1   . A     A 1 27 ? -6.40536  -13.31559 -2.24434  1.000 100.13569 ? 27  A     A OP1   1 
ATOM   517 O OP2   . A     A 1 27 ? -4.88180  -11.76890 -0.88680  1.000 94.84821  ? 27  A     A OP2   1 
ATOM   518 O "O5'" . A     A 1 27 ? -6.18596  -10.88824 -2.83000  1.000 97.92227  ? 27  A     A "O5'" 1 
ATOM   519 C "C5'" . A     A 1 27 ? -7.33199  -10.74261 -3.65767  1.000 90.43716  ? 27  A     A "C5'" 1 
ATOM   520 C "C4'" . A     A 1 27 ? -7.16209  -9.56874  -4.58855  1.000 89.45020  ? 27  A     A "C4'" 1 
ATOM   521 O "O4'" . A     A 1 27 ? -7.26826  -8.33767  -3.83683  1.000 92.54531  ? 27  A     A "O4'" 1 
ATOM   522 C "C3'" . A     A 1 27 ? -5.80815  -9.48625  -5.27532  1.000 92.32686  ? 27  A     A "C3'" 1 
ATOM   523 O "O3'" . A     A 1 27 ? -5.78408  -10.25760 -6.45835  1.000 98.48023  ? 27  A     A "O3'" 1 
ATOM   524 C "C2'" . A     A 1 27 ? -5.62023  -7.99228  -5.51885  1.000 93.38751  ? 27  A     A "C2'" 1 
ATOM   525 O "O2'" . A     A 1 27 ? -6.29587  -7.58670  -6.69831  1.000 100.32782 ? 27  A     A "O2'" 1 
ATOM   526 C "C1'" . A     A 1 27 ? -6.35071  -7.38293  -4.32482  1.000 87.19203  ? 27  A     A "C1'" 1 
ATOM   527 N N9    . A     A 1 27 ? -5.46968  -6.98429  -3.21041  1.000 79.81220  ? 27  A     A N9    1 
ATOM   528 C C8    . A     A 1 27 ? -5.20258  -7.69518  -2.06308  1.000 77.23294  ? 27  A     A C8    1 
ATOM   529 N N7    . A     A 1 27 ? -4.42115  -7.06704  -1.21975  1.000 80.14119  ? 27  A     A N7    1 
ATOM   530 C C5    . A     A 1 27 ? -4.16810  -5.85288  -1.84828  1.000 78.35676  ? 27  A     A C5    1 
ATOM   531 C C6    . A     A 1 27 ? -3.40298  -4.73058  -1.47201  1.000 72.77188  ? 27  A     A C6    1 
ATOM   532 N N6    . A     A 1 27 ? -2.72922  -4.64058  -0.32549  1.000 70.69269  ? 27  A     A N6    1 
ATOM   533 N N1    . A     A 1 27 ? -3.35614  -3.68296  -2.32574  1.000 67.48178  ? 27  A     A N1    1 
ATOM   534 C C2    . A     A 1 27 ? -4.03823  -3.77374  -3.47558  1.000 69.33463  ? 27  A     A C2    1 
ATOM   535 N N3    . A     A 1 27 ? -4.79553  -4.76856  -3.93748  1.000 72.94559  ? 27  A     A N3    1 
ATOM   536 C C4    . A     A 1 27 ? -4.81700  -5.78840  -3.06809  1.000 74.03519  ? 27  A     A C4    1 
ATOM   537 P P     . A     A 1 28 ? -4.43002  -10.94666 -6.96175  1.000 104.83362 ? 28  A     A P     1 
ATOM   538 O OP1   . A     A 1 28 ? -4.77500  -12.32020 -7.40139  1.000 98.13808  ? 28  A     A OP1   1 
ATOM   539 O OP2   . A     A 1 28 ? -3.37505  -10.72989 -5.93649  1.000 110.91856 ? 28  A     A OP2   1 
ATOM   540 O "O5'" . A     A 1 28 ? -4.05440  -10.09811 -8.25188  1.000 108.23929 ? 28  A     A "O5'" 1 
ATOM   541 C "C5'" . A     A 1 28 ? -5.05025  -9.33785  -8.92913  1.000 102.98077 ? 28  A     A "C5'" 1 
ATOM   542 C "C4'" . A     A 1 28 ? -4.43678  -8.31990  -9.85817  1.000 102.07540 ? 28  A     A "C4'" 1 
ATOM   543 O "O4'" . A     A 1 28 ? -4.24939  -7.05848  -9.15419  1.000 100.85683 ? 28  A     A "O4'" 1 
ATOM   544 C "C3'" . A     A 1 28 ? -3.06702  -8.69853  -10.42226 1.000 99.74091  ? 28  A     A "C3'" 1 
ATOM   545 O "O3'" . A     A 1 28 ? -2.95441  -8.18125  -11.74383 1.000 113.52151 ? 28  A     A "O3'" 1 
ATOM   546 C "C2'" . A     A 1 28 ? -2.11536  -7.93614  -9.51159  1.000 89.92657  ? 28  A     A "C2'" 1 
ATOM   547 O "O2'" . A     A 1 28 ? -0.83908  -7.69288  -10.06479 1.000 101.57007 ? 28  A     A "O2'" 1 
ATOM   548 C "C1'" . A     A 1 28 ? -2.90332  -6.65187  -9.28655  1.000 92.35055  ? 28  A     A "C1'" 1 
ATOM   549 N N9    . A     A 1 28 ? -2.50010  -5.88937  -8.10436  1.000 96.11416  ? 28  A     A N9    1 
ATOM   550 C C8    . A     A 1 28 ? -1.91428  -6.33819  -6.94609  1.000 95.01139  ? 28  A     A C8    1 
ATOM   551 N N7    . A     A 1 28 ? -1.65302  -5.38327  -6.08446  1.000 86.11559  ? 28  A     A N7    1 
ATOM   552 C C5    . A     A 1 28 ? -2.08955  -4.23334  -6.72557  1.000 88.26321  ? 28  A     A C5    1 
ATOM   553 C C6    . A     A 1 28 ? -2.09893  -2.88082  -6.34894  1.000 82.92310  ? 28  A     A C6    1 
ATOM   554 N N6    . A     A 1 28 ? -1.62750  -2.44042  -5.18913  1.000 76.83553  ? 28  A     A N6    1 
ATOM   555 N N1    . A     A 1 28 ? -2.60873  -1.97833  -7.21620  1.000 84.07587  ? 28  A     A N1    1 
ATOM   556 C C2    . A     A 1 28 ? -3.08042  -2.41968  -8.38962  1.000 83.35210  ? 28  A     A C2    1 
ATOM   557 N N3    . A     A 1 28 ? -3.12431  -3.66403  -8.85763  1.000 87.18677  ? 28  A     A N3    1 
ATOM   558 C C4    . A     A 1 28 ? -2.61072  -4.53006  -7.96778  1.000 90.58981  ? 28  A     A C4    1 
ATOM   559 P P     . A     A 1 29 ? -1.90451  -8.81340  -12.78326 1.000 109.83949 ? 29  A     A P     1 
ATOM   560 O OP1   . A     A 1 29 ? -2.66070  -9.71367  -13.68660 1.000 115.91916 ? 29  A     A OP1   1 
ATOM   561 O OP2   . A     A 1 29 ? -0.70979  -9.30426  -12.04280 1.000 106.31011 ? 29  A     A OP2   1 
ATOM   562 O "O5'" . A     A 1 29 ? -1.42373  -7.55822  -13.63030 1.000 103.07025 ? 29  A     A "O5'" 1 
ATOM   563 C "C5'" . A     A 1 29 ? -0.39652  -6.71441  -13.14048 1.000 94.46922  ? 29  A     A "C5'" 1 
ATOM   564 C "C4'" . A     A 1 29 ? -0.74058  -5.26123  -13.32217 1.000 83.63371  ? 29  A     A "C4'" 1 
ATOM   565 O "O4'" . A     A 1 29 ? -1.47703  -4.78784  -12.16436 1.000 90.48980  ? 29  A     A "O4'" 1 
ATOM   566 C "C3'" . A     A 1 29 ? 0.45201   -4.32705  -13.40834 1.000 80.07276  ? 29  A     A "C3'" 1 
ATOM   567 O "O3'" . A     A 1 29 ? 0.99359   -4.26879  -14.70438 1.000 82.73360  ? 29  A     A "O3'" 1 
ATOM   568 C "C2'" . A     A 1 29 ? -0.12253  -3.00575  -12.93318 1.000 81.78875  ? 29  A     A "C2'" 1 
ATOM   569 O "O2'" . A     A 1 29 ? -0.89332  -2.40514  -13.96308 1.000 80.17803  ? 29  A     A "O2'" 1 
ATOM   570 C "C1'" . A     A 1 29 ? -1.06201  -3.48108  -11.82960 1.000 82.69413  ? 29  A     A "C1'" 1 
ATOM   571 N N9    . A     A 1 29 ? -0.37134  -3.56340  -10.53241 1.000 79.09369  ? 29  A     A N9    1 
ATOM   572 C C8    . A     A 1 29 ? 0.07137   -4.70903  -9.91687  1.000 83.07838  ? 29  A     A C8    1 
ATOM   573 N N7    . A     A 1 29 ? 0.64954   -4.50113  -8.76062  1.000 88.10793  ? 29  A     A N7    1 
ATOM   574 C C5    . A     A 1 29 ? 0.58582   -3.12165  -8.60816  1.000 76.05912  ? 29  A     A C5    1 
ATOM   575 C C6    . A     A 1 29 ? 1.03025   -2.27046  -7.58176  1.000 64.35508  ? 29  A     A C6    1 
ATOM   576 N N6    . A     A 1 29 ? 1.65303   -2.70056  -6.47900  1.000 67.21332  ? 29  A     A N6    1 
ATOM   577 N N1    . A     A 1 29 ? 0.82584   -0.94397  -7.73978  1.000 65.60787  ? 29  A     A N1    1 
ATOM   578 C C2    . A     A 1 29 ? 0.20053   -0.51176  -8.84933  1.000 62.99703  ? 29  A     A C2    1 
ATOM   579 N N3    . A     A 1 29 ? -0.26483  -1.21826  -9.87977  1.000 70.41107  ? 29  A     A N3    1 
ATOM   580 C C4    . A     A 1 29 ? -0.03612  -2.52979  -9.69407  1.000 75.26955  ? 29  A     A C4    1 
ATOM   581 P P     . C     A 1 30 ? 2.58379   -4.28488  -14.91534 1.000 88.54483  ? 30  C     A P     1 
ATOM   582 O OP1   . C     A 1 30 ? 2.82962   -4.33238  -16.37443 1.000 89.87920  ? 30  C     A OP1   1 
ATOM   583 O OP2   . C     A 1 30 ? 3.16864   -5.32543  -14.03138 1.000 90.85300  ? 30  C     A OP2   1 
ATOM   584 O "O5'" . C     A 1 30 ? 3.04805   -2.86323  -14.36606 1.000 87.97897  ? 30  C     A "O5'" 1 
ATOM   585 C "C5'" . C     A 1 30 ? 2.52467   -1.66306  -14.91676 1.000 80.24910  ? 30  C     A "C5'" 1 
ATOM   586 C "C4'" . C     A 1 30 ? 2.85996   -0.47112  -14.05881 1.000 76.45917  ? 30  C     A "C4'" 1 
ATOM   587 O "O4'" . C     A 1 30 ? 2.27779   -0.63440  -12.74112 1.000 79.98327  ? 30  C     A "O4'" 1 
ATOM   588 C "C3'" . C     A 1 30 ? 4.33477   -0.24213  -13.78039 1.000 82.32829  ? 30  C     A "C3'" 1 
ATOM   589 O "O3'" . C     A 1 30 ? 4.99197   0.40743   -14.85014 1.000 76.92238  ? 30  C     A "O3'" 1 
ATOM   590 C "C2'" . C     A 1 30 ? 4.30363   0.57925   -12.49922 1.000 81.07551  ? 30  C     A "C2'" 1 
ATOM   591 O "O2'" . C     A 1 30 ? 3.97735   1.93136   -12.78670 1.000 79.25161  ? 30  C     A "O2'" 1 
ATOM   592 C "C1'" . C     A 1 30 ? 3.11368   -0.04123  -11.77143 1.000 75.07216  ? 30  C     A "C1'" 1 
ATOM   593 N N1    . C     A 1 30 ? 3.49166   -1.07423  -10.78326 1.000 73.93781  ? 30  C     A N1    1 
ATOM   594 C C2    . C     A 1 30 ? 3.94589   -0.65691  -9.53513  1.000 73.34037  ? 30  C     A C2    1 
ATOM   595 O O2    . C     A 1 30 ? 4.04975   0.56577   -9.33710  1.000 75.18533  ? 30  C     A O2    1 
ATOM   596 N N3    . C     A 1 30 ? 4.25550   -1.58704  -8.59476  1.000 75.37219  ? 30  C     A N3    1 
ATOM   597 C C4    . C     A 1 30 ? 4.12497   -2.88889  -8.86636  1.000 77.90145  ? 30  C     A C4    1 
ATOM   598 N N4    . C     A 1 30 ? 4.44705   -3.77175  -7.91505  1.000 75.23270  ? 30  C     A N4    1 
ATOM   599 C C5    . C     A 1 30 ? 3.65373   -3.34011  -10.13253 1.000 80.64388  ? 30  C     A C5    1 
ATOM   600 C C6    . C     A 1 30 ? 3.34335   -2.40847  -11.04873 1.000 78.24359  ? 30  C     A C6    1 
ATOM   601 P P     . A     A 1 31 ? 6.57578   0.25138   -15.05380 1.000 85.99452  ? 31  A     A P     1 
ATOM   602 O OP1   . A     A 1 31 ? 6.90667   0.91834   -16.33910 1.000 92.32686  ? 31  A     A OP1   1 
ATOM   603 O OP2   . A     A 1 31 ? 6.98265   -1.15711  -14.82333 1.000 91.07671  ? 31  A     A OP2   1 
ATOM   604 O "O5'" . A     A 1 31 ? 7.20658   1.12142   -13.89034 1.000 80.87549  ? 31  A     A "O5'" 1 
ATOM   605 C "C5'" . A     A 1 31 ? 7.11359   2.53414   -13.89994 1.000 84.78911  ? 31  A     A "C5'" 1 
ATOM   606 C "C4'" . A     A 1 31 ? 7.97178   3.11690   -12.81209 1.000 82.95205  ? 31  A     A "C4'" 1 
ATOM   607 O "O4'" . A     A 1 31 ? 7.38836   2.80429   -11.52491 1.000 78.58837  ? 31  A     A "O4'" 1 
ATOM   608 C "C3'" . A     A 1 31 ? 9.38164   2.55290   -12.73584 1.000 75.74066  ? 31  A     A "C3'" 1 
ATOM   609 O "O3'" . A     A 1 31 ? 10.26027  3.21284   -13.62712 1.000 78.75155  ? 31  A     A "O3'" 1 
ATOM   610 C "C2'" . A     A 1 31 ? 9.74602   2.74960   -11.27206 1.000 76.56707  ? 31  A     A "C2'" 1 
ATOM   611 O "O2'" . A     A 1 31 ? 10.10608  4.10568   -11.04592 1.000 84.20220  ? 31  A     A "O2'" 1 
ATOM   612 C "C1'" . A     A 1 31 ? 8.40115   2.51104   -10.58862 1.000 76.31441  ? 31  A     A "C1'" 1 
ATOM   613 N N9    . A     A 1 31 ? 8.18350   1.12932   -10.10534 1.000 80.93076  ? 31  A     A N9    1 
ATOM   614 C C8    . A     A 1 31 ? 7.48874   0.13169   -10.74691 1.000 79.30688  ? 31  A     A C8    1 
ATOM   615 N N7    . A     A 1 31 ? 7.40107   -0.98358  -10.05949 1.000 78.60153  ? 31  A     A N7    1 
ATOM   616 C C5    . A     A 1 31 ? 8.06215   -0.70220  -8.87097  1.000 78.03567  ? 31  A     A C5    1 
ATOM   617 C C6    . A     A 1 31 ? 8.31247   -1.47236  -7.71372  1.000 76.23282  ? 31  A     A C6    1 
ATOM   618 N N6    . A     A 1 31 ? 7.91419   -2.73584  -7.54772  1.000 73.90360  ? 31  A     A N6    1 
ATOM   619 N N1    . A     A 1 31 ? 9.01417   -0.89784  -6.71658  1.000 71.67965  ? 31  A     A N1    1 
ATOM   620 C C2    . A     A 1 31 ? 9.41237   0.37189   -6.87118  1.000 84.25484  ? 31  A     A C2    1 
ATOM   621 N N3    . A     A 1 31 ? 9.22695   1.20229   -7.89726  1.000 78.52520  ? 31  A     A N3    1 
ATOM   622 C C4    . A     A 1 31 ? 8.53805   0.59889   -8.88179  1.000 79.23582  ? 31  A     A C4    1 
ATOM   623 P P     . A     A 1 32 ? 11.65095  2.54187   -14.04682 1.000 83.59423  ? 32  A     A P     1 
ATOM   624 O OP1   . A     A 1 32 ? 11.69971  2.48560   -15.52453 1.000 88.58957  ? 32  A     A OP1   1 
ATOM   625 O OP2   . A     A 1 32 ? 11.76044  1.29184   -13.25041 1.000 99.47245  ? 32  A     A OP2   1 
ATOM   626 O "O5'" . A     A 1 32 ? 12.75837  3.56341   -13.52251 1.000 93.39541  ? 32  A     A "O5'" 1 
ATOM   627 C "C5'" . A     A 1 32 ? 12.61875  4.96717   -13.69582 1.000 87.14466  ? 32  A     A "C5'" 1 
ATOM   628 C "C4'" . A     A 1 32 ? 13.46641  5.73068   -12.70347 1.000 90.69245  ? 32  A     A "C4'" 1 
ATOM   629 O "O4'" . A     A 1 32 ? 12.92398  5.58418   -11.36019 1.000 82.66781  ? 32  A     A "O4'" 1 
ATOM   630 C "C3'" . A     A 1 32 ? 14.91300  5.27399   -12.57016 1.000 90.92669  ? 32  A     A "C3'" 1 
ATOM   631 O "O3'" . A     A 1 32 ? 15.75756  5.79802   -13.57447 1.000 99.80934  ? 32  A     A "O3'" 1 
ATOM   632 C "C2'" . A     A 1 32 ? 15.29008  5.74959   -11.17384 1.000 92.95588  ? 32  A     A "C2'" 1 
ATOM   633 O "O2'" . A     A 1 32 ? 15.58367  7.13820   -11.18430 1.000 98.28810  ? 32  A     A "O2'" 1 
ATOM   634 C "C1'" . A     A 1 32 ? 13.98140  5.53745   -10.41749 1.000 84.83386  ? 32  A     A "C1'" 1 
ATOM   635 N N9    . A     A 1 32 ? 13.95053  4.23514   -9.72297  1.000 87.41048  ? 32  A     A N9    1 
ATOM   636 C C8    . A     A 1 32 ? 13.16309  3.15147   -10.02251 1.000 86.96832  ? 32  A     A C8    1 
ATOM   637 N N7    . A     A 1 32 ? 13.35099  2.13091   -9.22271  1.000 87.65525  ? 32  A     A N7    1 
ATOM   638 C C5    . A     A 1 32 ? 14.32160  2.56671   -8.32995  1.000 85.04704  ? 32  A     A C5    1 
ATOM   639 C C6    . A     A 1 32 ? 14.95341  1.94173   -7.23756  1.000 87.81316  ? 32  A     A C6    1 
ATOM   640 N N6    . A     A 1 32 ? 14.67938  0.69521   -6.84332  1.000 89.79234  ? 32  A     A N6    1 
ATOM   641 N N1    . A     A 1 32 ? 15.89273  2.64233   -6.56058  1.000 90.93985  ? 32  A     A N1    1 
ATOM   642 C C2    . A     A 1 32 ? 16.15737  3.89230   -6.96188  1.000 92.51899  ? 32  A     A C2    1 
ATOM   643 N N3    . A     A 1 32 ? 15.62694  4.58633   -7.97151  1.000 94.81137  ? 32  A     A N3    1 
ATOM   644 C C4    . A     A 1 32 ? 14.70446  3.86095   -8.62890  1.000 88.57904  ? 32  A     A C4    1 
ATOM   645 P P     . G     A 1 33 ? 16.70797  4.81702   -14.41715 1.000 105.36000 ? 33  G     A P     1 
ATOM   646 O OP1   . G     A 1 33 ? 17.63964  5.65968   -15.20425 1.000 106.75227 ? 33  G     A OP1   1 
ATOM   647 O OP2   . G     A 1 33 ? 15.82649  3.83251   -15.10664 1.000 109.57103 ? 33  G     A OP2   1 
ATOM   648 O "O5'" . G     A 1 33 ? 17.53882  4.02634   -13.30899 1.000 99.19610  ? 33  G     A "O5'" 1 
ATOM   649 C "C5'" . G     A 1 33 ? 18.61658  4.63177   -12.61001 1.000 92.96378  ? 33  G     A "C5'" 1 
ATOM   650 C "C4'" . G     A 1 33 ? 18.96347  3.83488   -11.37974 1.000 90.56612  ? 33  G     A "C4'" 1 
ATOM   651 O "O4'" . G     A 1 33 ? 17.73136  3.49722   -10.68935 1.000 96.81687  ? 33  G     A "O4'" 1 
ATOM   652 C "C3'" . G     A 1 33 ? 19.63331  2.49010   -11.62136 1.000 95.04561  ? 33  G     A "C3'" 1 
ATOM   653 O "O3'" . G     A 1 33 ? 21.03689  2.58568   -11.82049 1.000 105.69425 ? 33  G     A "O3'" 1 
ATOM   654 C "C2'" . G     A 1 33 ? 19.24235  1.69101   -10.38567 1.000 96.09047  ? 33  G     A "C2'" 1 
ATOM   655 O "O2'" . G     A 1 33 ? 20.05906  2.03762   -9.28024  1.000 108.52091 ? 33  G     A "O2'" 1 
ATOM   656 C "C1'" . G     A 1 33 ? 17.82690  2.20765   -10.12692 1.000 94.44290  ? 33  G     A "C1'" 1 
ATOM   657 N N9    . G     A 1 33 ? 16.81550  1.34839   -10.76658 1.000 94.74294  ? 33  G     A N9    1 
ATOM   658 C C8    . G     A 1 33 ? 16.12312  1.58079   -11.93298 1.000 94.12181  ? 33  G     A C8    1 
ATOM   659 N N7    . G     A 1 33 ? 15.29632  0.61484   -12.23911 1.000 89.92657  ? 33  G     A N7    1 
ATOM   660 C C5    . G     A 1 33 ? 15.46254  -0.30756  -11.21195 1.000 90.60034  ? 33  G     A C5    1 
ATOM   661 C C6    . G     A 1 33 ? 14.85290  -1.56745  -11.00093 1.000 88.58167  ? 33  G     A C6    1 
ATOM   662 O O6    . G     A 1 33 ? 14.00891  -2.13473  -11.70616 1.000 90.42137  ? 33  G     A O6    1 
ATOM   663 N N1    . G     A 1 33 ? 15.31677  -2.17023  -9.83313  1.000 90.36610  ? 33  G     A N1    1 
ATOM   664 C C2    . G     A 1 33 ? 16.25651  -1.63165  -8.98642  1.000 90.18187  ? 33  G     A C2    1 
ATOM   665 N N2    . G     A 1 33 ? 16.59558  -2.36225  -7.91740  1.000 89.51336  ? 33  G     A N2    1 
ATOM   666 N N3    . G     A 1 33 ? 16.84289  -0.46703  -9.17908  1.000 92.88219  ? 33  G     A N3    1 
ATOM   667 C C4    . G     A 1 33 ? 16.39584  0.13210   -10.29878 1.000 93.26645  ? 33  G     A C4    1 
HETATM 668 C C10   . A1LYK B 2 .  ? 2.77549   -0.11681  -2.99555  1.000 50.89000  ? 101 A1LYK A C10   1 
HETATM 669 C C13   . A1LYK B 2 .  ? 3.48428   -0.78431  -0.37523  1.000 57.09000  ? 101 A1LYK A C13   1 
HETATM 670 C C15   . A1LYK B 2 .  ? 3.80740   -0.09173  1.89418   1.000 91.00000  ? 101 A1LYK A C15   1 
HETATM 671 C C20   . A1LYK B 2 .  ? 2.72563   -1.67988  -1.12896  1.000 56.12000  ? 101 A1LYK A C20   1 
HETATM 672 C C21   . A1LYK B 2 .  ? 2.36699   -1.35531  -2.43398  1.000 53.08000  ? 101 A1LYK A C21   1 
HETATM 673 C C02   . A1LYK B 2 .  ? 3.93304   2.03284   -2.84621  1.000 51.85000  ? 101 A1LYK A C02   1 
HETATM 674 C C03   . A1LYK B 2 .  ? 3.57216   2.37001   -4.20729  1.000 49.25000  ? 101 A1LYK A C03   1 
HETATM 675 C C04   . A1LYK B 2 .  ? 3.99654   3.61300   -4.75733  1.000 58.60000  ? 101 A1LYK A C04   1 
HETATM 676 C C05   . A1LYK B 2 .  ? 3.65505   3.94042   -6.06993  1.000 59.27000  ? 101 A1LYK A C05   1 
HETATM 677 C C06   . A1LYK B 2 .  ? 2.90207   3.05736   -6.85073  1.000 60.35000  ? 101 A1LYK A C06   1 
HETATM 678 C C07   . A1LYK B 2 .  ? 2.49914   1.83933   -6.30342  1.000 60.52000  ? 101 A1LYK A C07   1 
HETATM 679 C C08   . A1LYK B 2 .  ? 2.83790   1.50656   -4.95835  1.000 52.73000  ? 101 A1LYK A C08   1 
HETATM 680 C C11   . A1LYK B 2 .  ? 3.51074   0.76368   -2.26724  1.000 46.23000  ? 101 A1LYK A C11   1 
HETATM 681 C C12   . A1LYK B 2 .  ? 3.87710   0.43729   -0.93327  1.000 56.12000  ? 101 A1LYK A C12   1 
HETATM 682 C C16   . A1LYK B 2 .  ? 4.64119   -0.40367  3.15009   1.000 102.49000 ? 101 A1LYK A C16   1 
HETATM 683 C C18   . A1LYK B 2 .  ? 3.53176   -2.47298  3.77726   1.000 117.88000 ? 101 A1LYK A C18   1 
HETATM 684 C C19   . A1LYK B 2 .  ? 5.68517   -1.98973  4.59685   1.000 118.48000 ? 101 A1LYK A C19   1 
HETATM 685 N N17   . A1LYK B 2 .  ? 4.79567   -1.82944  3.45840   1.000 116.40000 ? 101 A1LYK A N17   1 
HETATM 686 O O01   . A1LYK B 2 .  ? 4.58361   2.80076   -2.21247  1.000 62.19000  ? 101 A1LYK A O01   1 
HETATM 687 O O09   . A1LYK B 2 .  ? 2.37761   0.18672   -4.40320  1.000 52.22000  ? 101 A1LYK A O09   1 
HETATM 688 O O14   . A1LYK B 2 .  ? 3.83827   -1.13122  0.94490   1.000 68.39000  ? 101 A1LYK A O14   1 
HETATM 689 O O     . HOH   C 3 .  ? -4.03379  0.09914   10.95516  1.000 65.08000  ? 201 HOH   A O     1 
HETATM 690 O O     . HOH   C 3 .  ? -9.61010  -3.35250  13.18386  1.000 65.83000  ? 202 HOH   A O     1 
HETATM 691 O O     . HOH   C 3 .  ? -13.34114 3.27477   23.85591  1.000 70.08000  ? 203 HOH   A O     1 
HETATM 692 O O     . HOH   C 3 .  ? -4.45903  -2.32035  6.08390   1.000 62.62000  ? 204 HOH   A O     1 
HETATM 693 O O     . HOH   C 3 .  ? -1.36366  6.12835   3.49314   1.000 67.62000  ? 205 HOH   A O     1 
HETATM 694 O O     . HOH   C 3 .  ? 0.84679   4.48464   4.69112   1.000 66.50000  ? 206 HOH   A O     1 
HETATM 695 O O     . HOH   C 3 .  ? -2.19584  -4.31110  9.95196   1.000 66.21000  ? 207 HOH   A O     1 
HETATM 696 O O     . HOH   C 3 .  ? 5.27177   -4.74368  0.85293   1.000 71.25000  ? 208 HOH   A O     1 
HETATM 697 O O     . HOH   C 3 .  ? -14.56241 8.42551   9.55560   1.000 69.90000  ? 209 HOH   A O     1 
HETATM 698 O O     . HOH   C 3 .  ? -11.44222 -4.31097  -0.86265  1.000 79.04000  ? 210 HOH   A O     1 
HETATM 699 O O     . HOH   C 3 .  ? -3.68967  -0.43206  13.91696  1.000 69.14000  ? 211 HOH   A O     1 
HETATM 700 O O     . HOH   C 3 .  ? 7.77154   3.96744   -5.16310  1.000 77.64000  ? 212 HOH   A O     1 
HETATM 701 O O     . HOH   C 3 .  ? 4.01064   3.91456   -10.27738 1.000 81.04000  ? 213 HOH   A O     1 
# 
loop_
_atom_site_anisotrop.id 
_atom_site_anisotrop.type_symbol 
_atom_site_anisotrop.pdbx_label_atom_id 
_atom_site_anisotrop.pdbx_label_alt_id 
_atom_site_anisotrop.pdbx_label_comp_id 
_atom_site_anisotrop.pdbx_label_asym_id 
_atom_site_anisotrop.pdbx_label_seq_id 
_atom_site_anisotrop.pdbx_PDB_ins_code 
_atom_site_anisotrop.U[1][1] 
_atom_site_anisotrop.U[2][2] 
_atom_site_anisotrop.U[3][3] 
_atom_site_anisotrop.U[1][2] 
_atom_site_anisotrop.U[1][3] 
_atom_site_anisotrop.U[2][3] 
_atom_site_anisotrop.pdbx_auth_seq_id 
_atom_site_anisotrop.pdbx_auth_comp_id 
_atom_site_anisotrop.pdbx_auth_asym_id 
_atom_site_anisotrop.pdbx_auth_atom_id 
1   O "O5'" . C A 1  ? 0.72987 1.08162 1.26251 -0.02820 0.20271  0.16839  1  C A "O5'" 
2   C "C5'" . C A 1  ? 0.70949 1.07071 1.22710 -0.01630 0.20838  0.15719  1  C A "C5'" 
3   C "C4'" . C A 1  ? 0.49360 0.84122 1.01048 -0.01624 0.19998  0.14181  1  C A "C4'" 
4   O "O4'" . C A 1  ? 0.61176 0.93312 1.12682 -0.02076 0.19388  0.14632  1  C A "O4'" 
5   C "C3'" . C A 1  ? 0.62799 0.98054 1.12797 -0.00413 0.20436  0.13238  1  C A "C3'" 
6   O "O3'" . C A 1  ? 0.60356 0.97871 1.10673 -0.00026 0.20592  0.12047  1  C A "O3'" 
7   C "C2'" . C A 1  ? 0.55328 0.88479 1.05033 -0.00798 0.19566  0.12450  1  C A "C2'" 
8   O "O2'" . C A 1  ? 0.54509 0.88123 1.05368 -0.01527 0.18686  0.11007  1  C A "O2'" 
9   C "C1'" . C A 1  ? 0.53076 0.84232 1.03282 -0.01586 0.19209  0.13666  1  C A "C1'" 
10  N N1    . C A 1  ? 0.57274 0.87074 1.05743 -0.00967 0.19805  0.14905  1  C A N1    
11  C C2    . C A 1  ? 0.59662 0.87967 1.06881 -0.00716 0.19589  0.14445  1  C A C2    
12  O O2    . C A 1  ? 0.65822 0.94174 1.13384 -0.01064 0.18903  0.12947  1  C A O2    
13  N N3    . C A 1  ? 0.48450 0.75389 0.93940 -0.00152 0.20146  0.15710  1  C A N3    
14  C C4    . C A 1  ? 0.50955 0.78055 0.95790 0.00184  0.20885  0.17300  1  C A C4    
15  N N4    . C A 1  ? 0.50783 0.76428 0.93510 0.00780  0.21430  0.18518  1  C A N4    
16  C C5    . C A 1  ? 0.55198 0.84027 1.01305 -0.00155 0.21090  0.17760  1  C A C5    
17  C C6    . C A 1  ? 0.51265 0.81346 0.99249 -0.00742 0.20538  0.16564  1  C A C6    
18  P P     . U A 2  ? 0.64958 1.03923 1.13719 0.01580  0.21413  0.11513  2  U A P     
19  O OP1   . U A 2  ? 0.63969 1.05223 1.13507 0.01657  0.21310  0.10154  2  U A OP1   
20  O OP2   . U A 2  ? 0.64705 1.04011 1.12284 0.02454  0.22458  0.12923  2  U A OP2   
21  O "O5'" . U A 2  ? 0.67453 1.04570 1.15067 0.01966  0.20955  0.10911  2  U A "O5'" 
22  C "C5'" . U A 2  ? 0.59599 0.96620 1.07711 0.01368  0.20045  0.09459  2  U A "C5'" 
23  C "C4'" . U A 2  ? 0.47852 0.83193 0.94795 0.01594  0.19760  0.09255  2  U A "C4'" 
24  O "O4'" . U A 2  ? 0.55593 0.88709 1.02328 0.00978  0.19627  0.10327  2  U A "O4'" 
25  C "C3'" . U A 2  ? 0.54717 0.90253 1.00100 0.03286  0.20539  0.09562  2  U A "C3'" 
26  O "O3'" . U A 2  ? 0.59015 0.96260 1.04415 0.04045  0.20476  0.08332  2  U A "O3'" 
27  C "C2'" . U A 2  ? 0.60769 0.94032 1.05229 0.03043  0.20302  0.10061  2  U A "C2'" 
28  O "O2'" . U A 2  ? 0.58509 0.91687 1.03364 0.02143  0.19409  0.08794  2  U A "O2'" 
29  C "C1'" . U A 2  ? 0.58401 0.90274 1.03545 0.01805  0.20023  0.10906  2  U A "C1'" 
30  N N1    . U A 2  ? 0.60592 0.91800 1.04727 0.02565  0.20924  0.12615  2  U A N1    
31  C C2    . U A 2  ? 0.59967 0.89326 1.02507 0.03026  0.21197  0.13535  2  U A C2    
32  O O2    . U A 2  ? 0.57277 0.85690 0.99444 0.02735  0.20751  0.13002  2  U A O2    
33  N N3    . U A 2  ? 0.59700 0.88478 1.00932 0.03759  0.22052  0.15141  2  U A N3    
34  C C4    . U A 2  ? 0.57897 0.87992 0.99421 0.03949  0.22616  0.15871  2  U A C4    
35  O O4    . U A 2  ? 0.45496 0.74989 0.85465 0.04544  0.23340  0.17318  2  U A O4    
36  C C5    . U A 2  ? 0.41148 0.73259 0.84603 0.03327  0.22291  0.14892  2  U A C5    
37  C C6    . U A 2  ? 0.54790 0.87278 0.99402 0.02720  0.21476  0.13335  2  U A C6    
38  P P     . G A 3  ? 0.64311 1.02652 1.08468 0.06259  0.21344  0.08440  3  G A P     
39  O OP1   . G A 3  ? 0.76163 1.16216 1.20911 0.06579  0.20945  0.06936  3  G A OP1   
40  O OP2   . G A 3  ? 0.56813 0.95961 1.00536 0.06991  0.22248  0.09407  3  G A OP2   
41  O "O5'" . G A 3  ? 0.61429 0.97734 1.03946 0.07200  0.21486  0.09215  3  G A "O5'" 
42  C "C5'" . G A 3  ? 0.61434 0.97105 1.04052 0.06776  0.20821  0.08564  3  G A "C5'" 
43  C "C4'" . G A 3  ? 0.55694 0.89507 0.96629 0.07778  0.21146  0.09680  3  G A "C4'" 
44  O "O4'" . G A 3  ? 0.56615 0.88612 0.97263 0.06662  0.21257  0.10825  3  G A "O4'" 
45  C "C3'" . G A 3  ? 0.47848 0.81727 0.86624 0.10634  0.21954  0.10381  3  G A "C3'" 
46  O "O3'" . G A 3  ? 0.65718 1.00461 1.03870 0.12311  0.21565  0.09430  3  G A "O3'" 
47  C "C2'" . G A 3  ? 0.61911 0.91783 0.96925 0.10433  0.21123  0.11229  3  G A "C2'" 
48  O "O2'" . G A 3  ? 0.66086 0.93576 0.98978 0.09676  0.19474  0.10554  3  G A "O2'" 
49  C "C1'" . G A 3  ? 0.61337 0.91914 0.99589 0.08340  0.21992  0.12200  3  G A "C1'" 
50  N N9    . G A 3  ? 0.60580 0.91191 0.98318 0.08727  0.22763  0.13219  3  G A N9    
51  C C8    . G A 3  ? 0.49754 0.81937 0.88789 0.08163  0.22849  0.12931  3  G A C8    
52  N N7    . G A 3  ? 0.55643 0.87543 0.93675 0.08547  0.23556  0.14179  3  G A N7    
53  C C5    . G A 3  ? 0.60013 0.89875 0.95712 0.09498  0.23944  0.15253  3  G A C5    
54  C C6    . G A 3  ? 0.67863 0.95270 0.99987 0.09937  0.23818  0.16278  3  G A C6    
55  O O6    . G A 3  ? 0.50707 0.79398 0.83265 0.10004  0.24826  0.17326  3  G A O6    
56  N N1    . G A 3  ? 0.49860 0.72870 0.77300 0.10213  0.22266  0.16056  3  G A N1    
57  C C2    . G A 3  ? 0.59220 0.80435 0.85416 0.09984  0.20937  0.15065  3  G A C2    
58  N N2    . G A 3  ? 0.46902 0.63773 0.68254 0.10156  0.19423  0.15166  3  G A N2    
59  N N3    . G A 3  ? 0.64814 0.88397 0.94250 0.09467  0.21030  0.14132  3  G A N3    
60  C C4    . G A 3  ? 0.58070 0.85880 0.92180 0.09330  0.22591  0.14232  3  G A C4    
61  P P     . G A 4  ? 0.71525 1.07196 1.07729 0.15129  0.21810  0.08950  4  G A P     
62  O OP1   . G A 4  ? 0.83141 1.19355 1.19204 0.16080  0.20841  0.07651  4  G A OP1   
63  O OP2   . G A 4  ? 0.73123 1.10802 1.10645 0.14617  0.22658  0.08987  4  G A OP2   
64  O "O5'" . G A 4  ? 0.71611 1.02761 1.02008 0.16286  0.20549  0.09305  4  G A "O5'" 
65  C "C5'" . G A 4  ? 0.71866 0.98742 0.98093 0.16333  0.18388  0.08919  4  G A "C5'" 
66  C "C4'" . G A 4  ? 0.71757 0.94473 0.93440 0.16567  0.17527  0.09693  4  G A "C4'" 
67  O "O4'" . G A 4  ? 0.66904 0.89948 0.90407 0.14713  0.18692  0.10955  4  G A "O4'" 
68  C "C3'" . G A 4  ? 0.64010 0.86203 0.82777 0.19077  0.17603  0.09511  4  G A "C3'" 
69  O "O3'" . G A 4  ? 0.74821 0.95165 0.90394 0.21194  0.15902  0.08312  4  G A "O3'" 
70  C "C2'" . G A 4  ? 0.75818 0.94669 0.91643 0.18274  0.17318  0.10674  4  G A "C2'" 
71  O "O2'" . G A 4  ? 0.72637 0.86786 0.84367 0.17878  0.15120  0.10616  4  G A "O2'" 
72  C "C1'" . G A 4  ? 0.68943 0.89754 0.89033 0.15658  0.18659  0.11666  4  G A "C1'" 
73  N N9    . G A 4  ? 0.66429 0.90713 0.89418 0.15759  0.20678  0.12372  4  G A N9    
74  C C8    . G A 4  ? 0.67491 0.96509 0.95281 0.15540  0.22308  0.12276  4  G A C8    
75  N N7    . G A 4  ? 0.60329 0.91458 0.89333 0.15550  0.23740  0.13191  4  G A N7    
76  C C5    . G A 4  ? 0.68381 0.95958 0.93131 0.15848  0.23057  0.13870  4  G A C5    
77  C C6    . G A 4  ? 0.63764 0.91588 0.87508 0.15869  0.23946  0.15005  4  G A C6    
78  O O6    . G A 4  ? 0.70441 1.01868 0.96951 0.15504  0.25504  0.15722  4  G A O6    
79  N N1    . G A 4  ? 0.59061 0.82470 0.78009 0.16233  0.22749  0.15348  4  G A N1    
80  C C2    . G A 4  ? 0.69144 0.88365 0.84671 0.16487  0.20862  0.14711  4  G A C2    
81  N N2    . G A 4  ? 0.58189 0.73365 0.69185 0.16802  0.19821  0.15183  4  G A N2    
82  N N3    . G A 4  ? 0.78329 0.97334 0.94698 0.16350  0.19963  0.13737  4  G A N3    
83  C C4    . G A 4  ? 0.70826 0.94131 0.91863 0.16048  0.21175  0.13346  4  G A C4    
84  P P     . G A 5  ? 0.76606 0.98300 0.90745 0.24260  0.16199  0.07372  5  G A P     
85  O OP1   . G A 5  ? 0.77791 0.97232 0.89217 0.26085  0.13996  0.06027  5  G A OP1   
86  O OP2   . G A 5  ? 0.79102 1.06407 0.97831 0.24334  0.18633  0.07396  5  G A OP2   
87  O "O5'" . G A 5  ? 0.81471 1.00235 0.91805 0.24637  0.16050  0.08187  5  G A "O5'" 
88  C "C5'" . G A 5  ? 0.71580 0.84847 0.77013 0.24700  0.13857  0.08343  5  G A "C5'" 
89  C "C4'" . G A 5  ? 0.64088 0.75529 0.66623 0.25107  0.14165  0.09106  5  G A "C4'" 
90  O "O4'" . G A 5  ? 0.72366 0.85763 0.77772 0.22935  0.16076  0.10582  5  G A "O4'" 
91  C "C3'" . G A 5  ? 0.74013 0.87555 0.75641 0.27755  0.14865  0.08188  5  G A "C3'" 
92  O "O3'" . G A 5  ? 0.89572 1.00047 0.87221 0.30180  0.12705  0.06817  5  G A "O3'" 
93  C "C2'" . G A 5  ? 0.72481 0.85785 0.73233 0.26862  0.16077  0.09543  5  G A "C2'" 
94  O "O2'" . G A 5  ? 0.90845 0.98824 0.86751 0.26950  0.14296  0.09913  5  G A "O2'" 
95  C "C1'" . G A 5  ? 0.63616 0.78259 0.68205 0.23845  0.17285  0.10985  5  G A "C1'" 
96  N N9    . G A 5  ? 0.72548 0.92745 0.81978 0.23341  0.19638  0.11286  5  G A N9    
97  C C8    . G A 5  ? 0.76510 1.00408 0.90232 0.23003  0.20457  0.10756  5  G A C8    
98  N N7    . G A 5  ? 0.75182 1.03606 0.92562 0.22432  0.22493  0.11332  5  G A N7    
99  C C5    . G A 5  ? 0.69870 0.97578 0.85262 0.22304  0.23050  0.12347  5  G A C5    
100 C C6    . G A 5  ? 0.66831 0.98051 0.84317 0.21533  0.24921  0.13455  5  G A C6    
101 O O6    . G A 5  ? 0.68237 1.04012 0.89922 0.20791  0.26483  0.13790  5  G A O6    
102 N N1    . G A 5  ? 0.71965 1.00942 0.86053 0.21570  0.24785  0.14288  5  G A N1    
103 C C2    . G A 5  ? 0.72897 0.96818 0.82245 0.22305  0.23087  0.14063  5  G A C2    
104 N N2    . G A 5  ? 0.61170 0.83747 0.67853 0.22183  0.23285  0.14988  5  G A N2    
105 N N3    . G A 5  ? 0.70111 0.90619 0.77430 0.22984  0.21269  0.13085  5  G A N3    
106 C C4    . G A 5  ? 0.71883 0.94551 0.82396 0.22910  0.21355  0.12287  5  G A C4    
107 P P     . U A 6  ? 0.96300 1.09646 0.93664 0.33410  0.13037  0.05044  6  U A P     
108 O OP1   . U A 6  ? 0.96371 1.08357 0.92901 0.35149  0.10949  0.03445  6  U A OP1   
109 O OP2   . U A 6  ? 0.87521 1.06872 0.89177 0.32903  0.15920  0.05405  6  U A OP2   
110 O "O5'" . U A 6  ? 1.09162 1.19101 1.01727 0.34729  0.12106  0.04985  6  U A "O5'" 
111 C "C5'" . U A 6  ? 1.00628 1.04504 0.88558 0.35166  0.09320  0.04848  6  U A "C5'" 
112 C "C4'" . U A 6  ? 0.92534 0.93787 0.76749 0.35527  0.09147  0.05380  6  U A "C4'" 
113 O "O4'" . U A 6  ? 0.92543 0.94735 0.78302 0.32855  0.11018  0.07369  6  U A "O4'" 
114 C "C3'" . U A 6  ? 1.01822 1.06013 0.85446 0.38054  0.10120  0.04081  6  U A "C3'" 
115 O "O3'" . U A 6  ? 1.12577 1.15125 0.93678 0.41121  0.08030  0.01949  6  U A "O3'" 
116 C "C2'" . U A 6  ? 1.13962 1.16419 0.95218 0.36957  0.10775  0.05500  6  U A "C2'" 
117 O "O2'" . U A 6  ? 1.23172 1.19518 0.99470 0.37552  0.08213  0.05428  6  U A "O2'" 
118 C "C1'" . U A 6  ? 0.99032 1.01902 0.83126 0.33551  0.12034  0.07622  6  U A "C1'" 
119 N N1    . U A 6  ? 0.95903 1.04520 0.84217 0.32533  0.14940  0.08341  6  U A N1    
120 C C2    . U A 6  ? 0.96225 1.05747 0.83558 0.32137  0.16217  0.09261  6  U A C2    
121 O O2    . U A 6  ? 1.09821 1.15655 0.93054 0.32655  0.15125  0.09420  6  U A O2    
122 N N3    . U A 6  ? 0.92968 1.07778 0.84203 0.30997  0.18712  0.10067  6  U A N3    
123 C C4    . U A 6  ? 0.88846 1.08025 0.84839 0.30313  0.20032  0.09989  6  U A C4    
124 O O4    . U A 6  ? 0.90200 1.13804 0.89285 0.29176  0.22123  0.10894  6  U A O4    
125 C C5    . U A 6  ? 0.85993 1.03965 0.82762 0.30895  0.18672  0.08910  6  U A C5    
126 C C6    . U A 6  ? 0.93587 1.06477 0.86556 0.31931  0.16223  0.08165  6  U A C6    
127 P P     . C A 7  ? 1.08897 1.17019 0.92364 0.43873  0.09097  -0.00253 7  C A P     
128 O OP1   . C A 7  ? 1.09931 1.15115 0.90104 0.47069  0.06404  -0.02478 7  C A OP1   
129 O OP2   . C A 7  ? 1.10221 1.22370 0.98469 0.42720  0.10458  -0.00027 7  C A OP2   
130 O "O5'" . C A 7  ? 1.11933 1.24151 0.95946 0.43698  0.11737  0.00218  7  C A "O5'" 
131 C "C5'" . C A 7  ? 1.13807 1.23195 0.93868 0.44108  0.11238  0.00493  7  C A "C5'" 
132 C "C4'" . C A 7  ? 1.03206 1.16891 0.84604 0.42901  0.14048  0.01611  7  C A "C4'" 
133 O "O4'" . C A 7  ? 1.06508 1.21589 0.91223 0.39631  0.15748  0.03933  7  C A "O4'" 
134 C "C3'" . C A 7  ? 1.08071 1.28673 0.91986 0.44515  0.15987  0.00089  7  C A "C3'" 
135 O "O3'" . C A 7  ? 1.08008 1.28766 0.88975 0.47521  0.15085  -0.02129 7  C A "O3'" 
136 C "C2'" . C A 7  ? 1.02102 1.26381 0.88307 0.41823  0.18735  0.02262  7  C A "C2'" 
137 O "O2'" . C A 7  ? 1.07451 1.30176 0.90353 0.41636  0.18877  0.02918  7  C A "O2'" 
138 C "C1'" . C A 7  ? 1.01311 1.22459 0.89050 0.38912  0.18485  0.04437  7  C A "C1'" 
139 N N1    . C A 7  ? 1.01669 1.26861 0.94359 0.37843  0.19777  0.04659  7  C A N1    
140 C C2    . C A 7  ? 0.94134 1.24758 0.90388 0.36199  0.22369  0.05831  7  C A C2    
141 O O2    . C A 7  ? 0.91649 1.23593 0.86798 0.35597  0.23490  0.06702  7  C A O2    
142 N N3    . C A 7  ? 0.87368 1.21692 0.88180 0.35198  0.23518  0.06060  7  C A N3    
143 C C4    . C A 7  ? 0.85636 1.18587 0.87537 0.35789  0.22277  0.05131  7  C A C4    
144 N N4    . C A 7  ? 0.74260 1.11086 0.80734 0.34740  0.23532  0.05374  7  C A N4    
145 C C5    . C A 7  ? 0.78614 1.06127 0.76899 0.37366  0.19620  0.03999  7  C A C5    
146 C C6    . C A 7  ? 0.88210 1.11963 0.82007 0.38345  0.18415  0.03814  7  C A C6    
147 P P     . G A 8  ? 1.19488 1.44047 1.01746 0.50871  0.14642  -0.05256 8  G A P     
148 O OP1   . G A 8  ? 1.18384 1.42155 0.97011 0.53634  0.13545  -0.07314 8  G A OP1   
149 O OP2   . G A 8  ? 1.30511 1.52681 1.14018 0.51297  0.12844  -0.05811 8  G A OP2   
150 O "O5'" . G A 8  ? 1.11392 1.44129 0.98070 0.49947  0.17914  -0.05012 8  G A "O5'" 
151 C "C5'" . G A 8  ? 0.96316 1.32535 0.82939 0.48603  0.20152  -0.03856 8  G A "C5'" 
152 C "C4'" . G A 8  ? 0.95372 1.38689 0.86630 0.47070  0.22940  -0.03114 8  G A "C4'" 
153 O "O4'" . G A 8  ? 0.92013 1.34114 0.85942 0.43835  0.23660  -0.00438 8  G A "O4'" 
154 C "C3'" . G A 8  ? 0.84112 1.31597 0.78392 0.48480  0.22889  -0.05245 8  G A "C3'" 
155 O "O3'" . G A 8  ? 0.99724 1.50105 0.93011 0.50243  0.22494  -0.07698 8  G A "O3'" 
156 C "C2'" . G A 8  ? 0.87638 1.39287 0.86415 0.45099  0.25020  -0.03245 8  G A "C2'" 
157 O "O2'" . G A 8  ? 0.94876 1.51157 0.94127 0.43665  0.26807  -0.02706 8  G A "O2'" 
158 C "C1'" . G A 8  ? 0.86968 1.34615 0.85517 0.43257  0.25292  -0.00518 8  G A "C1'" 
159 N N9    . G A 8  ? 0.87106 1.32064 0.87441 0.43040  0.24029  -0.00549 8  G A N9    
160 C C8    . G A 8  ? 0.84397 1.23521 0.82343 0.44286  0.21380  -0.01404 8  G A C8    
161 N N7    . G A 8  ? 0.88329 1.27097 0.88874 0.43695  0.20915  -0.01320 8  G A N7    
162 C C5    . G A 8  ? 0.83404 1.28051 0.88395 0.42127  0.23393  -0.00466 8  G A C5    
163 C C6    . G A 8  ? 0.79191 1.25550 0.88310 0.40279  0.23743  -0.00048 8  G A C6    
164 O O6    . G A 8  ? 0.94328 1.38532 1.04250 0.40568  0.22546  -0.00372 8  G A O6    
165 N N1    . G A 8  ? 0.69987 1.20865 0.82368 0.37753  0.25542  0.00826  8  G A N1    
166 C C2    . G A 8  ? 0.72114 1.25776 0.83850 0.37075  0.26885  0.01353  8  G A C2    
167 N N2    . G A 8  ? 0.77206 1.34725 0.92209 0.34500  0.28291  0.02223  8  G A N2    
168 N N3    . G A 8  ? 0.74654 1.27236 0.82660 0.38752  0.26761  0.01025  8  G A N3    
169 C C4    . G A 8  ? 0.83685 1.31711 0.88484 0.41304  0.25018  0.00052  8  G A C4    
170 P P     . C A 9  ? 1.05418 1.54521 0.98041 0.53293  0.19957  -0.10916 9  C A P     
171 O OP1   . C A 9  ? 1.03766 1.54233 0.93761 0.55178  0.19526  -0.12895 9  C A OP1   
172 O OP2   . C A 9  ? 1.22367 1.65284 1.13539 0.54511  0.17673  -0.10934 9  C A OP2   
173 O "O5'" . C A 9  ? 0.95107 1.49351 0.92271 0.52111  0.20871  -0.11525 9  C A "O5'" 
174 C "C5'" . C A 9  ? 0.89230 1.42347 0.87703 0.53427  0.19113  -0.13149 9  C A "C5'" 
175 C "C4'" . C A 9  ? 0.87159 1.45436 0.89935 0.51787  0.20529  -0.13227 9  C A "C4'" 
176 O "O4'" . C A 9  ? 0.93697 1.57292 0.96902 0.51472  0.22021  -0.13988 9  C A "O4'" 
177 C "C3'" . C A 9  ? 0.86599 1.46059 0.92531 0.48499  0.22363  -0.10550 9  C A "C3'" 
178 O "O3'" . C A 9  ? 0.89776 1.45888 0.96836 0.48268  0.21267  -0.10010 9  C A "O3'" 
179 C "C2'" . C A 9  ? 0.86178 1.51543 0.95289 0.47096  0.23980  -0.10956 9  C A "C2'" 
180 O "O2'" . C A 9  ? 0.82552 1.48628 0.93550 0.48123  0.22953  -0.12672 9  C A "O2'" 
181 C "C1'" . C A 9  ? 0.90866 1.58738 0.97666 0.48606  0.24156  -0.12505 9  C A "C1'" 
182 N N1    . C A 9  ? 0.84835 1.54928 0.91068 0.46608  0.26093  -0.10656 9  C A N1    
183 C C2    . C A 9  ? 0.83060 1.57861 0.92209 0.43888  0.28098  -0.09426 9  C A C2    
184 O O2    . C A 9  ? 0.82049 1.58895 0.94196 0.43205  0.28299  -0.09862 9  C A O2    
185 N N3    . C A 9  ? 0.82735 1.59524 0.91281 0.41972  0.29659  -0.07702 9  C A N3    
186 C C4    . C A 9  ? 0.83996 1.58434 0.89201 0.42738  0.29432  -0.07229 9  C A C4    
187 N N4    . C A 9  ? 0.83716 1.60231 0.88432 0.40660  0.30968  -0.05419 9  C A N4    
188 C C5    . C A 9  ? 0.85826 1.55420 0.87914 0.45596  0.27510  -0.08521 9  C A C5    
189 C C6    . C A 9  ? 0.86276 1.53799 0.88975 0.47435  0.25819  -0.10224 9  C A C6    
190 P P     . A A 10 ? 0.88495 1.42141 0.96414 0.45872  0.22065  -0.07167 10 A A P     
191 O OP1   . A A 10 ? 1.09068 1.59786 1.18096 0.46049  0.20641  -0.07264 10 A A OP1   
192 O OP2   . A A 10 ? 0.79793 1.30462 0.84176 0.46377  0.22051  -0.06132 10 A A OP2   
193 O "O5'" . A A 10 ? 0.86032 1.44450 0.97839 0.42596  0.24451  -0.05596 10 A A "O5'" 
194 C "C5'" . A A 10 ? 0.76517 1.38131 0.91732 0.41785  0.24821  -0.06385 10 A A "C5'" 
195 C "C4'" . A A 10 ? 0.71330 1.37281 0.89159 0.39002  0.26940  -0.05075 10 A A "C4'" 
196 O "O4'" . A A 10 ? 0.79168 1.47834 0.95077 0.39653  0.27709  -0.05608 10 A A "O4'" 
197 C "C3'" . A A 10 ? 0.68893 1.33872 0.88025 0.36051  0.28026  -0.02319 10 A A "C3'" 
198 O "O3'" . A A 10 ? 0.74915 1.39249 0.97246 0.34299  0.27945  -0.01660 10 A A "O3'" 
199 C "C2'" . A A 10 ? 0.78714 1.47813 0.98573 0.34276  0.29731  -0.01468 10 A A "C2'" 
200 O "O2'" . A A 10 ? 0.76601 1.49014 0.99775 0.32714  0.30477  -0.01689 10 A A "O2'" 
201 C "C1'" . A A 10 ? 0.72286 1.42930 0.89194 0.36888  0.29417  -0.03428 10 A A "C1'" 
202 N N9    . A A 10 ? 0.73592 1.42628 0.87140 0.37463  0.29526  -0.02642 10 A A N9    
203 C C8    . A A 10 ? 0.75075 1.39906 0.85229 0.39750  0.28200  -0.03185 10 A A C8    
204 N N7    . A A 10 ? 0.76184 1.40458 0.83697 0.39715  0.28742  -0.02246 10 A A N7    
205 C C5    . A A 10 ? 0.75373 1.43905 0.84731 0.37164  0.30490  -0.00969 10 A A C5    
206 C C6    . A A 10 ? 0.76007 1.46171 0.84062 0.35742  0.31712  0.00506  10 A A C6    
207 N N6    . A A 10 ? 0.77534 1.45085 0.81991 0.36785  0.31464  0.00933  10 A A N6    
208 N N1    . A A 10 ? 0.85796 1.60150 0.96243 0.33128  0.33103  0.01590  10 A A N1    
209 C C2    . A A 10 ? 0.75086 1.51664 0.88940 0.32135  0.33310  0.01149  10 A A C2    
210 N N3    . A A 10 ? 0.73093 1.48490 0.88477 0.33303  0.32355  -0.00230 10 A A N3    
211 C C4    . A A 10 ? 0.73875 1.45263 0.86892 0.35799  0.30934  -0.01220 10 A A C4    
212 P P     . G A 11 ? 0.73846 1.16566 0.86668 0.25332  0.09377  -0.13701 11 G A P     
213 O OP1   . G A 11 ? 0.71538 1.14399 0.82423 0.27015  0.06196  -0.13789 11 G A OP1   
214 O OP2   . G A 11 ? 0.70589 1.11827 0.83614 0.27193  0.11192  -0.11941 11 G A OP2   
215 O "O5'" . G A 11 ? 0.74693 1.16672 0.84346 0.22342  0.10144  -0.13458 11 G A "O5'" 
216 C "C5'" . G A 11 ? 0.76768 1.19746 0.86696 0.20126  0.08625  -0.14256 11 G A "C5'" 
217 C "C4'" . G A 11 ? 0.78332 1.19011 0.85367 0.19729  0.07889  -0.12616 11 G A "C4'" 
218 O "O4'" . G A 11 ? 0.80914 1.21339 0.86737 0.18038  0.09885  -0.10832 11 G A "O4'" 
219 C "C3'" . G A 11 ? 0.80439 1.18447 0.84463 0.23103  0.06682  -0.12417 11 G A "C3'" 
220 O "O3'" . G A 11 ? 0.97876 1.34637 1.02486 0.22207  0.05536  -0.12528 11 G A "O3'" 
221 C "C2'" . G A 11 ? 0.77383 1.13598 0.78838 0.24137  0.08621  -0.10622 11 G A "C2'" 
222 O "O2'" . G A 11 ? 0.93064 1.26880 0.91556 0.25998  0.08304  -0.10201 11 G A "O2'" 
223 C "C1'" . G A 11 ? 0.78033 1.15288 0.80869 0.20593  0.10032  -0.09493 11 G A "C1'" 
224 N N9    . G A 11 ? 0.64146 1.01506 0.66158 0.20286  0.12512  -0.08630 11 G A N9    
225 C C8    . G A 11 ? 0.62871 0.98914 0.63915 0.23031  0.13754  -0.08481 11 G A C8    
226 N N7    . G A 11 ? 0.71008 1.07620 0.72482 0.21749  0.16240  -0.08089 11 G A N7    
227 C C5    . G A 11 ? 0.60332 0.99483 0.62404 0.17654  0.16474  -0.07928 11 G A C5    
228 C C6    . G A 11 ? 0.63653 1.05503 0.65954 0.14160  0.18630  -0.07662 11 G A C6    
229 O O6    . G A 11 ? 0.58575 1.00567 0.61148 0.14301  0.21133  -0.08200 11 G A O6    
230 N N1    . G A 11 ? 0.67959 1.13112 0.70499 0.09878  0.17616  -0.06572 11 G A N1    
231 C C2    . G A 11 ? 0.68964 1.13990 0.72376 0.09393  0.14984  -0.05793 11 G A C2    
232 N N2    . G A 11 ? 0.67492 1.16253 0.71705 0.04789  0.14146  -0.03834 11 G A N2    
233 N N3    . G A 11 ? 0.66164 1.08194 0.69893 0.12858  0.13270  -0.06739 11 G A N3    
234 C C4    . G A 11 ? 0.69902 1.09440 0.72498 0.16728  0.14078  -0.07798 11 G A C4    
235 P P     . U A 12 ? 1.11167 1.49366 1.19177 0.20856  0.03612  -0.14380 12 U A P     
236 O OP1   . U A 12 ? 0.96878 1.36149 1.08123 0.17108  0.03732  -0.12811 12 U A OP1   
237 O OP2   . U A 12 ? 1.10466 1.50680 1.18295 0.22472  0.02643  -0.16260 12 U A OP2   
238 O "O5'" . U A 12 ? 1.07968 1.44141 1.16241 0.22097  0.02662  -0.15717 12 U A "O5'" 
239 C "C5'" . U A 12 ? 0.85210 1.21226 0.89914 0.24775  0.02422  -0.17402 12 U A "C5'" 
240 C "C4'" . U A 12 ? 0.81728 1.17708 0.88594 0.24696  0.01459  -0.20560 12 U A "C4'" 
241 O "O4'" . U A 12 ? 0.81149 1.19994 0.88768 0.24604  -0.00297 -0.22851 12 U A "O4'" 
242 C "C3'" . U A 12 ? 0.76685 1.10762 0.89823 0.22596  0.01564  -0.20071 12 U A "C3'" 
243 O "O3'" . U A 12 ? 0.96504 1.29323 1.12143 0.23132  0.01981  -0.22953 12 U A "O3'" 
244 C "C2'" . U A 12 ? 0.87295 1.23279 1.04036 0.20928  0.00082  -0.21077 12 U A "C2'" 
245 O "O2'" . U A 12 ? 0.90937 1.25860 1.14643 0.19257  -0.00414 -0.21805 12 U A "O2'" 
246 C "C1'" . U A 12 ? 0.83436 1.22024 0.96730 0.22677  -0.00965 -0.24357 12 U A "C1'" 
247 N N1    . U A 12 ? 0.66766 1.07967 0.81527 0.21850  -0.02311 -0.24997 12 U A N1    
248 C C2    . U A 12 ? 0.68164 1.10953 0.85833 0.21353  -0.03640 -0.28520 12 U A C2    
249 O O2    . U A 12 ? 0.75899 1.18135 0.95066 0.21449  -0.03479 -0.31359 12 U A O2    
250 N N3    . U A 12 ? 0.67320 1.12588 0.86762 0.20535  -0.04836 -0.29129 12 U A N3    
251 C C4    . U A 12 ? 0.65017 1.11409 0.84194 0.20080  -0.04575 -0.27018 12 U A C4    
252 O O4    . U A 12 ? 0.80312 1.29171 1.02087 0.19262  -0.05561 -0.28361 12 U A O4    
253 C C5    . U A 12 ? 0.63409 1.08240 0.79911 0.20434  -0.02885 -0.23901 12 U A C5    
254 C C6    . U A 12 ? 0.64099 1.06378 0.78242 0.21352  -0.01958 -0.22827 12 U A C6    
255 P P     . N A 13 ? 1.07187 1.37295 1.23158 0.23827  0.03773  -0.21890 13 N A P     
256 O OP1   . N A 13 ? 1.13637 1.43543 1.33410 0.24057  0.04434  -0.26753 13 N A OP1   
257 O OP2   . N A 13 ? 0.89841 1.20094 0.98425 0.25387  0.04750  -0.19803 13 N A OP2   
258 O "O5'" . N A 13 ? 1.06163 1.34456 1.28661 0.21676  0.03586  -0.17554 13 N A "O5'" 
259 O "O3'" . N A 13 ? 1.96626 2.21221 2.04803 0.24610  0.09221  -0.08618 13 N A "O3'" 
260 P P     . N A 14 ? 1.91470 2.17450 2.05010 0.21437  0.07631  -0.05620 14 N A P     
261 O OP1   . N A 14 ? 1.77001 2.02957 1.92911 0.19738  0.07980  -0.01436 14 N A OP1   
262 O OP2   . N A 14 ? 1.92426 2.21018 2.03006 0.20515  0.07011  -0.06095 14 N A OP2   
263 O "O5'" . N A 14 ? 2.03607 2.28446 2.24666 0.21179  0.06441  -0.07490 14 N A "O5'" 
264 C "C5'" . N A 14 ? 2.08914 2.31891 2.37935 0.20620  0.06406  -0.05939 14 N A "C5'" 
265 C "C4'" . N A 14 ? 2.14597 2.37644 2.52709 0.18775  0.04659  -0.05267 14 N A "C4'" 
266 O "O4'" . N A 14 ? 2.13327 2.36037 2.52316 0.20093  0.04857  -0.11012 14 N A "O4'" 
267 C "C3'" . N A 14 ? 2.18877 2.44793 2.56561 0.15805  0.02931  -0.01688 14 N A "C3'" 
268 O "O3'" . N A 14 ? 2.23997 2.51679 2.63934 0.12887  0.02018  0.04523  14 N A "O3'" 
269 C "C2'" . N A 14 ? 2.16165 2.41711 2.60944 0.15217  0.01737  -0.03842 14 N A "C2'" 
270 O "O2'" . N A 14 ? 2.18445 2.42562 2.74904 0.13925  0.00802  -0.00837 14 N A "O2'" 
271 C "C1'" . N A 14 ? 2.14086 2.38190 2.56423 0.18276  0.03165  -0.10577 14 N A "C1'" 
272 P P     . N A 15 ? 2.17309 2.43573 2.65938 0.12305  0.01479  0.08852  15 N A P     
273 O OP1   . N A 15 ? 2.11483 2.41355 2.64611 0.07881  -0.00887 0.15929  15 N A OP1   
274 O OP2   . N A 15 ? 2.15389 2.37921 2.73249 0.14549  0.02004  0.05508  15 N A OP2   
275 O "O5'" . N A 15 ? 1.99226 2.25490 2.40734 0.13486  0.03234  0.09292  15 N A "O5'" 
276 C "C5'" . N A 15 ? 1.75139 2.03808 2.06503 0.13050  0.04335  0.08731  15 N A "C5'" 
277 C "C4'" . N A 15 ? 1.53520 1.87015 1.83865 0.08639  0.03020  0.12657  15 N A "C4'" 
278 O "O4'" . N A 15 ? 1.43611 1.78313 1.69727 0.08625  0.03283  0.09195  15 N A "O4'" 
279 C "C3'" . N A 15 ? 1.37830 1.74994 1.62706 0.06276  0.04019  0.15102  15 N A "C3'" 
280 O "O3'" . N A 15 ? 1.16999 1.55689 1.46562 0.04097  0.02786  0.20559  15 N A "O3'" 
281 C "C2'" . N A 15 ? 1.36788 1.78897 1.58376 0.02549  0.03812  0.15184  15 N A "C2'" 
282 O "O2'" . N A 15 ? 1.31848 1.77872 1.58480 -0.02040 0.01400  0.20583  15 N A "O2'" 
283 C "C1'" . N A 15 ? 1.44691 1.84099 1.65960 0.05351  0.03885  0.10419  15 N A "C1'" 
284 P P     . C A 16 ? 0.98174 1.34631 1.26995 0.06391  0.04283  0.20657  16 C A P     
285 O OP1   . C A 16 ? 0.90343 1.30166 1.24651 0.02958  0.02301  0.27347  16 C A OP1   
286 O OP2   . C A 16 ? 0.94109 1.24738 1.24894 0.11190  0.05416  0.16194  16 C A OP2   
287 O "O5'" . C A 16 ? 0.87693 1.26110 1.06876 0.06330  0.06936  0.17777  16 C A "O5'" 
288 C "C5'" . C A 16 ? 0.67788 1.11775 0.84167 0.02175  0.07288  0.20592  16 C A "C5'" 
289 C "C4'" . C A 16 ? 0.65138 1.08918 0.74824 0.03636  0.10538  0.16631  16 C A "C4'" 
290 O "O4'" . C A 16 ? 0.67507 1.09715 0.73918 0.05694  0.11811  0.11943  16 C A "O4'" 
291 C "C3'" . C A 16 ? 0.58626 0.97466 0.67839 0.07918  0.12082  0.15204  16 C A "C3'" 
292 O "O3'" . C A 16 ? 0.66094 1.06823 0.77152 0.06183  0.11887  0.18722  16 C A "O3'" 
293 C "C2'" . C A 16 ? 0.69834 1.07642 0.73225 0.09983  0.14986  0.10717  16 C A "C2'" 
294 O "O2'" . C A 16 ? 0.78387 1.20719 0.79294 0.06763  0.16773  0.10835  16 C A "O2'" 
295 C "C1'" . C A 16 ? 0.67722 1.06381 0.70677 0.09588  0.14235  0.08659  16 C A "C1'" 
296 N N1    . C A 16 ? 0.69840 1.03804 0.72956 0.13838  0.13731  0.06060  16 C A N1    
297 C C2    . C A 16 ? 0.66002 0.97230 0.65488 0.17436  0.15553  0.03131  16 C A C2    
298 O O2    . C A 16 ? 0.74825 1.06717 0.71978 0.17426  0.17710  0.02775  16 C A O2    
299 N N3    . C A 16 ? 0.62690 0.91133 0.61627 0.20549  0.14876  0.00921  16 C A N3    
300 C C4    . C A 16 ? 0.70228 0.98144 0.72549 0.20320  0.12857  0.00713  16 C A C4    
301 N N4    . C A 16 ? 0.65851 0.91933 0.67335 0.22926  0.12398  -0.02102 16 C A N4    
302 C C5    . C A 16 ? 0.65118 0.94947 0.72224 0.17047  0.11158  0.03590  16 C A C5    
303 C C6    . C A 16 ? 0.67180 1.00189 0.74260 0.13833  0.11477  0.06582  16 C A C6    
304 P P     . C A 17 ? 0.71408 1.07206 0.86187 0.09840  0.12176  0.19013  17 C A P     
305 O OP1   . C A 17 ? 0.67131 1.06438 0.84681 0.07026  0.11399  0.23508  17 C A OP1   
306 O OP2   . C A 17 ? 0.64167 0.96060 0.84374 0.12209  0.10715  0.18168  17 C A OP2   
307 O "O5'" . C A 17 ? 0.72247 1.04691 0.80732 0.13496  0.15551  0.14264  17 C A "O5'" 
308 C "C5'" . C A 17 ? 0.71700 1.06546 0.76004 0.12222  0.17795  0.13777  17 C A "C5'" 
309 C "C4'" . C A 17 ? 0.69249 0.99986 0.69565 0.16216  0.20615  0.10178  17 C A "C4'" 
310 O "O4'" . C A 17 ? 0.71076 1.00485 0.68829 0.17967  0.20826  0.07316  17 C A "O4'" 
311 C "C3'" . C A 17 ? 0.73562 0.99573 0.75445 0.19814  0.21005  0.09483  17 C A "C3'" 
312 O "O3'" . C A 17 ? 0.70789 0.96975 0.74737 0.19376  0.21762  0.11298  17 C A "O3'" 
313 C "C2'" . C A 17 ? 0.77928 1.01166 0.74756 0.23045  0.23008  0.06136  17 C A "C2'" 
314 O "O2'" . C A 17 ? 0.86466 1.09395 0.80639 0.22126  0.24569  0.05648  17 C A "O2'" 
315 C "C1'" . C A 17 ? 0.70485 0.95551 0.66274 0.22057  0.21854  0.05218  17 C A "C1'" 
316 N N1    . C A 17 ? 0.66429 0.89881 0.63670 0.23413  0.19931  0.04036  17 C A N1    
317 C C2    . C A 17 ? 0.84008 1.05084 0.78258 0.26519  0.20496  0.01443  17 C A C2    
318 O O2    . C A 17 ? 0.81452 1.00978 0.72259 0.27637  0.21884  0.00894  17 C A O2    
319 N N3    . C A 17 ? 0.76172 0.96659 0.71770 0.27235  0.18881  -0.00246 17 C A N3    
320 C C4    . C A 17 ? 0.73863 0.95286 0.74360 0.25314  0.16885  0.00694  17 C A C4    
321 N N4    . C A 17 ? 0.63760 0.84593 0.66237 0.25983  0.15577  -0.01459 17 C A N4    
322 C C5    . C A 17 ? 0.66382 0.90029 0.70249 0.22233  0.16062  0.04135  17 C A C5    
323 C C6    . C A 17 ? 0.67652 0.92607 0.69321 0.21237  0.17569  0.05603  17 C A C6    
324 P P     . C A 18 ? 0.75315 0.98219 0.84826 0.21431  0.21366  0.11579  18 C A P     
325 O OP1   . C A 18 ? 0.79744 1.04184 0.91881 0.20126  0.21822  0.14136  18 C A OP1   
326 O OP2   . C A 18 ? 0.79781 1.02316 0.95613 0.21019  0.18727  0.12526  18 C A OP2   
327 O "O5'" . C A 18 ? 0.90401 1.09283 0.95276 0.25267  0.23894  0.07330  18 C A "O5'" 
328 C "C5'" . C A 18 ? 0.86997 1.04852 0.86571 0.25880  0.26101  0.06258  18 C A "C5'" 
329 C "C4'" . C A 18 ? 0.83964 0.97877 0.79569 0.26707  0.25562  0.03118  18 C A "C4'" 
330 O "O4'" . C A 18 ? 0.82207 0.96607 0.75206 0.27085  0.24494  0.02113  18 C A "O4'" 
331 C "C3'" . C A 18 ? 0.78623 0.90885 0.76901 0.28202  0.26057  0.00930  18 C A "C3'" 
332 O "O3'" . C A 18 ? 0.99927 1.10890 0.99972 0.27875  0.27102  0.00696  18 C A "O3'" 
333 C "C2'" . C A 18 ? 0.82784 0.94144 0.76122 0.28428  0.25450  -0.01481 18 C A "C2'" 
334 O "O2'" . C A 18 ? 0.80975 0.91144 0.70291 0.27519  0.25650  -0.01090 18 C A "O2'" 
335 C "C1'" . C A 18 ? 0.73600 0.86560 0.65370 0.28385  0.24278  -0.00344 18 C A "C1'" 
336 N N1    . C A 18 ? 0.80906 0.95295 0.75729 0.29717  0.23767  -0.01396 18 C A N1    
337 C C2    . C A 18 ? 0.92828 1.07056 0.85896 0.30600  0.23338  -0.04396 18 C A C2    
338 O O2    . C A 18 ? 0.91151 1.04703 0.79896 0.30315  0.23607  -0.05535 18 C A O2    
339 N N3    . C A 18 ? 0.98881 1.14306 0.95533 0.31503  0.22575  -0.05849 18 C A N3    
340 C C4    . C A 18 ? 0.84760 1.00575 0.87215 0.29746  0.20833  -0.03525 18 C A C4    
341 N N4    . C A 18 ? 0.74292 0.90442 0.81246 0.29049  0.19025  -0.04653 18 C A N4    
342 C C5    . C A 18 ? 0.73446 0.89972 0.77432 0.28225  0.20820  0.00218  18 C A C5    
343 C C6    . C A 18 ? 0.83465 0.99671 0.83355 0.28915  0.22892  0.00783  18 C A C6    
344 P P     . A A 19 ? 0.68929 0.99971 0.85960 0.01651  0.18770  0.12504  19 A A P     
345 O OP1   . A A 19 ? 0.67468 1.02983 0.84569 -0.00239 0.18898  0.09746  19 A A OP1   
346 O OP2   . A A 19 ? 0.65227 0.97637 0.82136 0.03881  0.17841  0.14565  19 A A OP2   
347 O "O5'" . A A 19 ? 0.67735 0.94879 0.85546 0.02068  0.18458  0.14102  19 A A "O5'" 
348 C "C5'" . A A 19 ? 0.63109 0.87558 0.80072 0.00484  0.19250  0.13242  19 A A "C5'" 
349 C "C4'" . A A 19 ? 0.60237 0.80641 0.76982 0.01522  0.18738  0.15154  19 A A "C4'" 
350 O "O4'" . A A 19 ? 0.65747 0.85583 0.83550 0.03099  0.18334  0.16479  19 A A "O4'" 
351 C "C3'" . A A 19 ? 0.58071 0.79534 0.75685 0.02215  0.17532  0.16000  19 A A "C3'" 
352 O "O3'" . A A 19 ? 0.57339 0.78758 0.73953 0.00968  0.18081  0.14935  19 A A "O3'" 
353 C "C2'" . A A 19 ? 0.59317 0.78360 0.77133 0.03190  0.16741  0.17542  19 A A "C2'" 
354 O "O2'" . A A 19 ? 0.54567 0.70010 0.70003 0.02995  0.17111  0.17718  19 A A "O2'" 
355 C "C1'" . A A 19 ? 0.58655 0.78382 0.77552 0.03941  0.17116  0.17845  19 A A "C1'" 
356 N N9    . A A 19 ? 0.50580 0.72613 0.71217 0.04363  0.16787  0.18584  19 A A N9    
357 C C8    . A A 19 ? 0.45435 0.69204 0.65852 0.04532  0.17377  0.18546  19 A A C8    
358 N N7    . A A 19 ? 0.49648 0.73703 0.70618 0.04662  0.17544  0.19642  19 A A N7    
359 C C5    . A A 19 ? 0.50949 0.74187 0.73335 0.04142  0.16950  0.19944  19 A A C5    
360 C C6    . A A 19 ? 0.53469 0.76659 0.77062 0.03076  0.17172  0.20409  19 A A C6    
361 N N6    . A A 19 ? 0.51917 0.74490 0.74892 0.02351  0.18528  0.21160  19 A A N6    
362 N N1    . A A 19 ? 0.50026 0.73700 0.74933 0.02363  0.16159  0.19893  19 A A N1    
363 C C2    . A A 19 ? 0.55846 0.79211 0.80093 0.03225  0.15027  0.19538  19 A A C2    
364 N N3    . A A 19 ? 0.50711 0.72765 0.73264 0.04150  0.15199  0.19439  19 A A N3    
365 C C4    . A A 19 ? 0.52006 0.74391 0.74093 0.04304  0.16200  0.19382  19 A A C4    
366 P P     . G A 20 ? 0.63140 0.87167 0.80743 0.01786  0.17411  0.14668  20 G A P     
367 O OP1   . G A 20 ? 0.72263 0.97429 0.89098 -0.00071 0.18716  0.12889  20 G A OP1   
368 O OP2   . G A 20 ? 0.55856 0.83187 0.74846 0.03684  0.16642  0.14973  20 G A OP2   
369 O "O5'" . G A 20 ? 0.56668 0.77216 0.73576 0.02476  0.16506  0.16118  20 G A "O5'" 
370 C "C5'" . G A 20 ? 0.55891 0.73153 0.70595 0.01733  0.16526  0.16558  20 G A "C5'" 
371 C "C4'" . G A 20 ? 0.64920 0.81251 0.79519 0.02257  0.15207  0.17223  20 G A "C4'" 
372 O "O4'" . G A 20 ? 0.61269 0.78731 0.78240 0.02868  0.14496  0.17946  20 G A "O4'" 
373 C "C3'" . G A 20 ? 0.57086 0.73620 0.71484 0.02216  0.15349  0.16275  20 G A "C3'" 
374 O "O3'" . G A 20 ? 0.65221 0.80142 0.77977 0.01695  0.14468  0.16194  20 G A "O3'" 
375 C "C2'" . G A 20 ? 0.46520 0.63687 0.62883 0.03271  0.15211  0.16677  20 G A "C2'" 
376 O "O2'" . G A 20 ? 0.59093 0.74261 0.74756 0.03668  0.15386  0.16193  20 G A "O2'" 
377 C "C1'" . G A 20 ? 0.46934 0.64119 0.64467 0.02876  0.14512  0.17690  20 G A "C1'" 
378 N N9    . G A 20 ? 0.53170 0.70970 0.72050 0.03418  0.14945  0.18455  20 G A N9    
379 C C8    . G A 20 ? 0.54268 0.73807 0.73445 0.04246  0.15429  0.18674  20 G A C8    
380 N N7    . G A 20 ? 0.55436 0.74851 0.74773 0.04687  0.15858  0.19588  20 G A N7    
381 C C5    . G A 20 ? 0.56396 0.73508 0.75846 0.03633  0.15995  0.19889  20 G A C5    
382 C C6    . G A 20 ? 0.60612 0.75825 0.79722 0.02827  0.17083  0.20728  20 G A C6    
383 O O6    . G A 20 ? 0.54717 0.69598 0.72805 0.03372  0.18064  0.21833  20 G A O6    
384 N N1    . G A 20 ? 0.50936 0.64264 0.70349 0.00751  0.17259  0.19984  20 G A N1    
385 C C2    . G A 20 ? 0.60097 0.73857 0.79786 0.00049  0.16128  0.18680  20 G A C2    
386 N N2    . G A 20 ? 0.52235 0.64648 0.71977 -0.02450 0.16419  0.17530  20 G A N2    
387 N N3    . G A 20 ? 0.53073 0.68309 0.72488 0.01245  0.15066  0.18334  20 G A N3    
388 C C4    . G A 20 ? 0.53398 0.70005 0.72807 0.02822  0.15248  0.18961  20 G A C4    
389 P P     . U A 21 ? 0.68201 0.81679 0.77320 0.00865  0.14957  0.15382  21 U A P     
390 O OP1   . U A 21 ? 0.64986 0.77870 0.72444 0.00255  0.16353  0.15553  21 U A OP1   
391 O OP2   . U A 21 ? 0.67595 0.80811 0.76633 0.00906  0.15578  0.13870  21 U A OP2   
392 O "O5'" . U A 21 ? 0.65085 0.77901 0.72094 0.00769  0.13120  0.16037  21 U A "O5'" 
393 C "C5'" . U A 21 ? 0.60631 0.73470 0.67170 0.01856  0.12154  0.17592  21 U A "C5'" 
394 C "C4'" . U A 21 ? 0.63717 0.78869 0.69994 0.02361  0.09756  0.17656  21 U A "C4'" 
395 O "O4'" . U A 21 ? 0.71995 0.90504 0.83091 0.01731  0.09161  0.16938  21 U A "O4'" 
396 C "C3'" . U A 21 ? 0.61332 0.76275 0.64313 0.01177  0.09085  0.16332  21 U A "C3'" 
397 O "O3'" . U A 21 ? 0.72616 0.89664 0.73030 0.02424  0.06675  0.16948  21 U A "O3'" 
398 C "C2'" . U A 21 ? 0.70006 0.86515 0.76449 -0.00602 0.09118  0.14413  21 U A "C2'" 
399 O "O2'" . U A 21 ? 0.69859 0.87593 0.74418 -0.02144 0.07887  0.12529  21 U A "O2'" 
400 C "C1'" . U A 21 ? 0.64911 0.84623 0.75917 -0.00139 0.08403  0.15123  21 U A "C1'" 
401 N N1    . U A 21 ? 0.62322 0.81482 0.76516 -0.01660 0.09693  0.14296  21 U A N1    
402 C C2    . U A 21 ? 0.73844 0.95440 0.90016 -0.03944 0.09135  0.12711  21 U A C2    
403 O O2    . U A 21 ? 0.68784 0.94643 0.84923 -0.04703 0.07183  0.11561  21 U A O2    
404 N N3    . U A 21 ? 0.70443 0.89403 0.88194 -0.05440 0.11049  0.12402  21 U A N3    
405 C C4    . U A 21 ? 0.71882 0.86830 0.89229 -0.03990 0.12860  0.13783  21 U A C4    
406 O O4    . U A 21 ? 0.78610 0.90469 0.96160 -0.05015 0.14529  0.13851  21 U A O4    
407 C C5    . U A 21 ? 0.67913 0.82656 0.84122 -0.01495 0.12751  0.14972  21 U A C5    
408 C C6    . U A 21 ? 0.56266 0.72704 0.71060 -0.00880 0.11495  0.15060  21 U A C6    
409 P P     . U A 22 ? 0.86606 1.00188 0.79355 0.03225  0.06639  0.17954  22 U A P     
410 O OP1   . U A 22 ? 0.88467 0.99507 0.79396 0.00882  0.08854  0.16264  22 U A OP1   
411 O OP2   . U A 22 ? 0.80580 0.98037 0.70922 0.05037  0.03329  0.18326  22 U A OP2   
412 O "O5'" . U A 22 ? 0.80835 0.89364 0.71291 0.04818  0.08518  0.20387  22 U A "O5'" 
413 C "C5'" . U A 22 ? 0.77558 0.85452 0.66630 0.08150  0.07204  0.22614  22 U A "C5'" 
414 C "C4'" . U A 22 ? 0.89089 0.90299 0.75782 0.08519  0.10067  0.24138  22 U A "C4'" 
415 O "O4'" . U A 22 ? 0.89626 0.84465 0.69189 0.06898  0.12521  0.24681  22 U A "O4'" 
416 C "C3'" . U A 22 ? 0.70634 0.72924 0.63151 0.06405  0.12045  0.22706  22 U A "C3'" 
417 O "O3'" . U A 22 ? 0.83058 0.81374 0.74768 0.07824  0.13404  0.23921  22 U A "O3'" 
418 C "C2'" . U A 22 ? 0.71099 0.71198 0.61673 0.03198  0.14676  0.21388  22 U A "C2'" 
419 O "O2'" . U A 22 ? 0.71284 0.70689 0.64287 0.01515  0.17095  0.20488  22 U A "O2'" 
420 C "C1'" . U A 22 ? 0.80510 0.74301 0.62459 0.03542  0.15695  0.23044  22 U A "C1'" 
421 N N1    . U A 22 ? 0.84218 0.77432 0.62660 0.01137  0.17084  0.21887  22 U A N1    
422 C C2    . U A 22 ? 0.89523 0.76911 0.62366 -0.01196 0.20753  0.22122  22 U A C2    
423 O O2    . U A 22 ? 0.92759 0.75288 0.63933 -0.01847 0.22998  0.22891  22 U A O2    
424 N N3    . U A 22 ? 0.92587 0.80044 0.61920 -0.03250 0.22169  0.20969  22 U A N3    
425 C C4    . U A 22 ? 0.90497 0.82377 0.60756 -0.02934 0.20210  0.19573  22 U A C4    
426 O O4    . U A 22 ? 1.01935 0.93235 0.68450 -0.04836 0.22111  0.18364  22 U A O4    
427 C C5    . U A 22 ? 0.84669 0.81447 0.60234 -0.00799 0.16470  0.19315  22 U A C5    
428 C C6    . U A 22 ? 0.81228 0.78767 0.60666 0.01027  0.15121  0.20522  22 U A C6    
429 P P     . A A 23 ? 0.87019 0.89213 0.83718 0.10629  0.11824  0.24285  23 A A P     
430 O OP1   . A A 23 ? 0.75246 0.70675 0.68600 0.12260  0.13904  0.25488  23 A A OP1   
431 O OP2   . A A 23 ? 0.72976 0.81243 0.71381 0.12880  0.08456  0.24505  23 A A OP2   
432 O "O5'" . A A 23 ? 0.68804 0.75987 0.72259 0.08075  0.12310  0.22301  23 A A "O5'" 
433 C "C5'" . A A 23 ? 0.65383 0.70762 0.69516 0.05874  0.14740  0.21286  23 A A "C5'" 
434 C "C4'" . A A 23 ? 0.53534 0.63892 0.63343 0.05293  0.14439  0.20266  23 A A "C4'" 
435 O "O4'" . A A 23 ? 0.65251 0.79060 0.77169 0.04573  0.13043  0.19699  23 A A "O4'" 
436 C "C3'" . A A 23 ? 0.57956 0.70447 0.70607 0.07306  0.13839  0.20772  23 A A "C3'" 
437 O "O3'" . A A 23 ? 0.62821 0.72635 0.74784 0.07271  0.15761  0.20450  23 A A "O3'" 
438 C "C2'" . A A 23 ? 0.53221 0.70750 0.70388 0.06244  0.13119  0.20060  23 A A "C2'" 
439 O "O2'" . A A 23 ? 0.56380 0.74085 0.74586 0.05127  0.14504  0.19447  23 A A "O2'" 
440 C "C1'" . A A 23 ? 0.58636 0.76191 0.74692 0.04873  0.12307  0.19583  23 A A "C1'" 
441 N N9    . A A 23 ? 0.56664 0.77254 0.73583 0.05138  0.10355  0.19428  23 A A N9    
442 C C8    . A A 23 ? 0.60941 0.82248 0.75771 0.07013  0.08688  0.20090  23 A A C8    
443 N N7    . A A 23 ? 0.58564 0.84776 0.75271 0.06487  0.06791  0.19135  23 A A N7    
444 C C5    . A A 23 ? 0.48946 0.76151 0.68713 0.03652  0.07806  0.17806  23 A A C5    
445 C C6    . A A 23 ? 0.52774 0.83388 0.75048 0.01017  0.07353  0.16022  23 A A C6    
446 N N6    . A A 23 ? 0.54797 0.90871 0.78042 0.00433  0.05261  0.14655  23 A A N6    
447 N N1    . A A 23 ? 0.53578 0.81639 0.76923 -0.01172 0.09288  0.15511  23 A A N1    
448 C C2    . A A 23 ? 0.53773 0.77928 0.76179 -0.00190 0.10910  0.16724  23 A A C2    
449 N N3    . A A 23 ? 0.50371 0.72916 0.71323 0.01820  0.11204  0.17871  23 A A N3    
450 C C4    . A A 23 ? 0.52054 0.75564 0.71622 0.03373  0.09862  0.18331  23 A A C4    
451 P P     . A A 24 ? 0.62509 0.70920 0.74530 0.10089  0.16252  0.20997  24 A A P     
452 O OP1   . A A 24 ? 0.61404 0.69834 0.72202 0.13509  0.14490  0.22481  24 A A OP1   
453 O OP2   . A A 24 ? 0.70426 0.83303 0.86721 0.09741  0.16655  0.20082  24 A A OP2   
454 O "O5'" . A A 24 ? 0.69300 0.70108 0.76412 0.08983  0.18992  0.20511  24 A A "O5'" 
455 C "C5'" . A A 24 ? 0.73668 0.68085 0.75137 0.08573  0.19839  0.21380  24 A A "C5'" 
456 C "C4'" . A A 24 ? 0.82677 0.70643 0.80191 0.05566  0.23213  0.20009  24 A A "C4'" 
457 O "O4'" . A A 24 ? 0.74347 0.67748 0.75155 0.01718  0.23719  0.17648  24 A A "O4'" 
458 C "C3'" . A A 24 ? 0.91350 0.74845 0.87645 0.06513  0.25224  0.19263  24 A A "C3'" 
459 O "O3'" . A A 24 ? 1.01347 0.76775 0.92567 0.10482  0.25871  0.21331  24 A A "O3'" 
460 C "C2'" . A A 24 ? 0.93068 0.74155 0.87527 0.01353  0.28242  0.16523  24 A A "C2'" 
461 O "O2'" . A A 24 ? 1.11126 0.82898 0.98746 -0.00459 0.30911  0.16982  24 A A "O2'" 
462 C "C1'" . A A 24 ? 0.79898 0.70399 0.79183 -0.00969 0.26469  0.15453  24 A A "C1'" 
463 N N9    . A A 24 ? 0.79582 0.77539 0.83729 -0.01490 0.25594  0.13774  24 A A N9    
464 C C8    . A A 24 ? 0.69144 0.72933 0.77533 0.00996  0.23231  0.14801  24 A A C8    
465 N N7    . A A 24 ? 0.68638 0.77350 0.79342 0.00035  0.23201  0.13257  24 A A N7    
466 C C5    . A A 24 ? 0.74026 0.81339 0.82565 -0.03340 0.25326  0.10635  24 A A C5    
467 C C6    . A A 24 ? 0.75818 0.87845 0.85167 -0.05736 0.25949  0.07762  24 A A C6    
468 N N6    . A A 24 ? 0.65081 0.83211 0.76798 -0.04335 0.24415  0.07774  24 A A N6    
469 N N1    . A A 24 ? 0.69837 0.80161 0.76952 -0.09856 0.28334  0.04780  24 A A N1    
470 C C2    . A A 24 ? 0.86357 0.89074 0.89889 -0.11431 0.30422  0.05148  24 A A C2    
471 N N3    . A A 24 ? 0.86274 0.83180 0.87807 -0.08883 0.30030  0.08288  24 A A N3    
472 C C4    . A A 24 ? 0.79158 0.79523 0.83769 -0.04738 0.27135  0.10795  24 A A C4    
473 P P     . C A 25 ? 1.02214 0.76376 0.94490 0.14689  0.26300  0.21354  25 C A P     
474 O OP1   . C A 25 ? 1.01615 0.69166 0.88870 0.20346  0.25880  0.24195  25 C A OP1   
475 O OP2   . C A 25 ? 0.90219 0.75666 0.90366 0.14938  0.24089  0.20415  25 C A OP2   
476 O "O5'" . C A 25 ? 1.08131 0.75191 0.97108 0.11084  0.30374  0.18692  25 C A "O5'" 
477 C "C5'" . C A 25 ? 1.14774 0.71231 0.96514 0.07738  0.33754  0.18247  25 C A "C5'" 
478 C "C4'" . C A 25 ? 1.22519 0.76195 1.03275 0.02766  0.37208  0.14425  25 C A "C4'" 
479 O "O4'" . C A 25 ? 1.09649 0.74485 0.96146 -0.01912 0.35960  0.11858  25 C A "O4'" 
480 C "C3'" . C A 25 ? 1.26792 0.79875 1.08823 0.05212  0.38085  0.13005  25 C A "C3'" 
481 O "O3'" . C A 25 ? 1.42221 0.82124 1.17395 0.09009  0.40821  0.14194  25 C A "O3'" 
482 C "C2'" . C A 25 ? 1.19016 0.75796 1.02509 -0.01151 0.39902  0.08561  25 C A "C2'" 
483 O "O2'" . C A 25 ? 1.38208 0.83513 1.14689 -0.05587 0.44475  0.06330  25 C A "O2'" 
484 C "C1'" . C A 25 ? 1.04632 0.72078 0.92850 -0.04161 0.37239  0.08509  25 C A "C1'" 
485 N N1    . C A 25 ? 0.99341 0.79231 0.94618 -0.02677 0.33831  0.08513  25 C A N1    
486 C C2    . C A 25 ? 1.05577 0.91788 1.02975 -0.05905 0.34141  0.05191  25 C A C2    
487 O O2    . C A 25 ? 1.21494 1.03924 1.15682 -0.10257 0.37045  0.01860  25 C A O2    
488 N N3    . C A 25 ? 1.00916 0.96928 1.03156 -0.04452 0.31447  0.05568  25 C A N3    
489 C C4    . C A 25 ? 0.94727 0.94037 1.00096 -0.00742 0.28915  0.08708  25 C A C4    
490 N N4    . C A 25 ? 0.99971 1.07182 1.08967 0.00086  0.27028  0.09050  25 C A N4    
491 C C5    . C A 25 ? 0.93551 0.88015 0.97824 0.02081  0.28361  0.11488  25 C A C5    
492 C C6    . C A 25 ? 0.97174 0.82168 0.96177 0.01414  0.30638  0.11497  25 C A C6    
493 P P     . A A 26 ? 1.45844 0.85968 1.22878 0.15344  0.40616  0.14432  26 A A P     
494 O OP1   . A A 26 ? 1.52721 0.76770 1.20929 0.19414  0.43993  0.15772  26 A A OP1   
495 O OP2   . A A 26 ? 1.26903 0.80080 1.11597 0.19421  0.36011  0.16471  26 A A OP2   
496 O "O5'" . A A 26 ? 1.50077 0.93606 1.29387 0.10689  0.42614  0.09842  26 A A "O5'" 
497 C "C5'" . A A 26 ? 1.39452 0.94136 1.25512 0.12335  0.40691  0.08852  26 A A "C5'" 
498 C "C4'" . A A 26 ? 1.25364 0.87590 1.14036 0.06066  0.40728  0.05353  26 A A "C4'" 
499 O "O4'" . A A 26 ? 1.26957 0.99517 1.20526 0.04366  0.37187  0.06755  26 A A "O4'" 
500 C "C3'" . A A 26 ? 1.25975 0.94846 1.17910 0.06796  0.40811  0.03259  26 A A "C3'" 
501 O "O3'" . A A 26 ? 1.35542 0.95610 1.22448 0.05846  0.44831  -0.00020 26 A A "O3'" 
502 C "C2'" . A A 26 ? 1.15832 0.95931 1.11567 0.02293  0.38541  0.01990  26 A A "C2'" 
503 O "O2'" . A A 26 ? 1.14126 0.92374 1.06610 -0.03520 0.40581  -0.01927 26 A A "O2'" 
504 C "C1'" . A A 26 ? 1.09811 0.92703 1.07697 0.02495  0.35797  0.05052  26 A A "C1'" 
505 N N9    . A A 26 ? 0.98705 0.89868 1.01987 0.05888  0.32598  0.07908  26 A A N9    
506 C C8    . A A 26 ? 0.90487 0.81242 0.95241 0.09804  0.30933  0.10993  26 A A C8    
507 N N7    . A A 26 ? 0.82985 0.82293 0.92812 0.11072  0.28512  0.12401  26 A A N7    
508 C C5    . A A 26 ? 0.85265 0.89784 0.96291 0.08291  0.28706  0.10680  26 A A C5    
509 C C6    . A A 26 ? 0.86416 0.98783 1.00931 0.07960  0.27318  0.11303  26 A A C6    
510 N N6    . A A 26 ? 0.65762 0.82332 0.83986 0.09654  0.25703  0.13360  26 A A N6    
511 N N1    . A A 26 ? 0.86029 1.01482 0.99428 0.05656  0.27815  0.09636  26 A A N1    
512 C C2    . A A 26 ? 0.80026 0.92362 0.89972 0.03319  0.29397  0.06876  26 A A C2    
513 N N3    . A A 26 ? 0.92403 0.97278 0.99249 0.02465  0.31203  0.05503  26 A A N3    
514 C C4    . A A 26 ? 0.92208 0.92726 0.99426 0.05314  0.30859  0.07857  26 A A C4    
515 P P     . A A 27 ? 1.44712 1.04549 1.32399 0.10744  0.46337  -0.00865 27 A A P     
516 O OP1   . A A 27 ? 1.50600 0.98459 1.31411 0.08912  0.51104  -0.04679 27 A A OP1   
517 O OP2   . A A 27 ? 1.36213 0.97286 1.26881 0.17954  0.44509  0.03057  27 A A OP2   
518 O "O5'" . A A 27 ? 1.35158 1.08850 1.28052 0.08489  0.44303  -0.02203 27 A A "O5'" 
519 C "C5'" . A A 27 ? 1.24841 1.02404 1.16375 0.02385  0.44527  -0.05597 27 A A "C5'" 
520 C "C4'" . A A 27 ? 1.18002 1.08097 1.13771 0.02235  0.42097  -0.05247 27 A A "C4'" 
521 O "O4'" . A A 27 ? 1.18185 1.15082 1.18363 0.02905  0.38436  -0.01593 27 A A "O4'" 
522 C "C3'" . A A 27 ? 1.20085 1.12775 1.17940 0.06576  0.43041  -0.04723 27 A A "C3'" 
523 O "O3'" . A A 27 ? 1.29965 1.20191 1.24024 0.05279  0.46153  -0.08786 27 A A "O3'" 
524 C "C2'" . A A 27 ? 1.16164 1.20015 1.18651 0.06669  0.39956  -0.02145 27 A A "C2'" 
525 O "O2'" . A A 27 ? 1.23780 1.33163 1.24257 0.03330  0.39732  -0.04199 27 A A "O2'" 
526 C "C1'" . A A 27 ? 1.07595 1.12019 1.11676 0.05508  0.37099  0.00352  27 A A "C1'" 
527 N N9    . A A 27 ? 0.96926 1.01559 1.04765 0.09248  0.35587  0.03824  27 A A N9    
528 C C8    . A A 27 ? 0.96319 0.93974 1.03157 0.11782  0.35861  0.05067  27 A A C8    
529 N N7    . A A 27 ? 0.97486 0.98777 1.08236 0.14812  0.33718  0.07958  27 A A N7    
530 C C5    . A A 27 ? 0.90865 1.01301 1.05555 0.13611  0.32384  0.08497  27 A A C5    
531 C C6    . A A 27 ? 0.79789 0.97314 0.99397 0.14632  0.30406  0.10624  27 A A C6    
532 N N6    . A A 27 ? 0.76007 0.94396 0.98197 0.17353  0.28789  0.12385  27 A A N6    
533 N N1    . A A 27 ? 0.70579 0.94092 0.91728 0.12517  0.30291  0.10759  27 A A N1    
534 C C2    . A A 27 ? 0.74110 0.97381 0.91949 0.10264  0.31530  0.09113  27 A A C2    
535 N N3    . A A 27 ? 0.81600 1.00281 0.95278 0.09088  0.32933  0.06679  27 A A N3    
536 C C4    . A A 27 ? 0.85622 0.97604 0.98074 0.10535  0.33519  0.06347  27 A A C4    
537 P P     . A A 28 ? 1.39142 1.26051 1.33127 0.10231  0.49289  -0.09694 28 A A P     
538 O OP1   . A A 28 ? 1.36462 1.12492 1.23926 0.08623  0.53362  -0.14072 28 A A OP1   
539 O OP2   . A A 28 ? 1.45161 1.32573 1.43705 0.15972  0.48007  -0.05822 28 A A OP2   
540 O "O5'" . A A 28 ? 1.39317 1.36825 1.35118 0.09444  0.49010  -0.10407 28 A A "O5'" 
541 C "C5'" . A A 28 ? 1.30914 1.35102 1.25264 0.04783  0.47044  -0.11132 28 A A "C5'" 
542 C "C4'" . A A 28 ? 1.26161 1.39460 1.22219 0.05464  0.46569  -0.09860 28 A A "C4'" 
543 O "O4'" . A A 28 ? 1.21234 1.39982 1.21995 0.06436  0.43490  -0.05348 28 A A "O4'" 
544 C "C3'" . A A 28 ? 1.22707 1.36225 1.20037 0.09043  0.49865  -0.10779 28 A A "C3'" 
545 O "O3'" . A A 28 ? 1.38951 1.58584 1.33795 0.07345  0.50881  -0.11900 28 A A "O3'" 
546 C "C2'" . A A 28 ? 1.06625 1.24304 1.10751 0.12432  0.48274  -0.06696 28 A A "C2'" 
547 O "O2'" . A A 28 ? 1.18443 1.41645 1.25832 0.14936  0.50432  -0.06695 28 A A "O2'" 
548 C "C1'" . A A 28 ? 1.07858 1.30448 1.12584 0.09442  0.44701  -0.03793 28 A A "C1'" 
549 N N9    . A A 28 ? 1.10081 1.34898 1.20210 0.11037  0.42280  -0.00137 28 A A N9    
550 C C8    . A A 28 ? 1.08373 1.30543 1.22084 0.14359  0.41797  0.00947  28 A A C8    
551 N N7    . A A 28 ? 0.94337 1.20567 1.12296 0.14643  0.39307  0.03921  28 A A N7    
552 C C5    . A A 28 ? 0.95963 1.26508 1.12888 0.11404  0.38480  0.04987  28 A A C5    
553 C C6    . A A 28 ? 0.87190 1.21598 1.06282 0.09942  0.36522  0.07763  28 A A C6    
554 N N6    . A A 28 ? 0.77496 1.13379 1.01065 0.10975  0.34805  0.09539  28 A A N6    
555 N N1    . A A 28 ? 0.89174 1.25361 1.04914 0.07515  0.36483  0.08613  28 A A N1    
556 C C2    . A A 28 ? 0.90074 1.25766 1.00860 0.06569  0.37865  0.06653  28 A A C2    
557 N N3    . A A 28 ? 0.96480 1.29624 1.05166 0.07119  0.39687  0.03443  28 A A N3    
558 C C4    . A A 28 ? 1.00771 1.30711 1.12718 0.09555  0.40112  0.02789  28 A A C4    
559 P P     . A A 29 ? 1.39213 1.64013 1.14114 0.02703  0.36100  -0.10238 29 A A P     
560 O OP1   . A A 29 ? 1.48050 1.72269 1.20121 -0.02367 0.39435  -0.13290 29 A A OP1   
561 O OP2   . A A 29 ? 1.32217 1.55161 1.16552 0.07587  0.37133  -0.11683 29 A A OP2   
562 O "O5'" . A A 29 ? 1.30395 1.59884 1.01342 -0.00960 0.35600  -0.10690 29 A A "O5'" 
563 C "C5'" . A A 29 ? 1.17855 1.48602 0.92483 0.02399  0.33841  -0.09860 29 A A "C5'" 
564 C "C4'" . A A 29 ? 1.04588 1.38846 0.74336 0.00913  0.30274  -0.06080 29 A A "C4'" 
565 O "O4'" . A A 29 ? 1.13878 1.46914 0.83028 0.05348  0.25860  -0.01283 29 A A "O4'" 
566 C "C3'" . A A 29 ? 0.98085 1.35006 0.71149 0.01657  0.29817  -0.06818 29 A A "C3'" 
567 O "O3'" . A A 29 ? 1.00786 1.41108 0.72456 -0.03985 0.33042  -0.10217 29 A A "O3'" 
568 C "C2'" . A A 29 ? 1.00389 1.39048 0.71322 0.03006  0.25047  -0.01742 29 A A "C2'" 
569 O "O2'" . A A 29 ? 0.99164 1.41041 0.64435 -0.02753 0.24536  0.00308  29 A A "O2'" 
570 C "C1'" . A A 29 ? 1.02732 1.38284 0.73185 0.07063  0.22821  0.00863  29 A A "C1'" 
571 N N9    . A A 29 ? 0.96587 1.30999 0.72935 0.13398  0.21384  0.01040  29 A A N9    
572 C C8    . A A 29 ? 1.00965 1.32859 0.81836 0.16680  0.23084  -0.00500 29 A A C8    
573 N N7    . A A 29 ? 1.05482 1.38149 0.91139 0.21860  0.20982  0.00699  29 A A N7    
574 C C5    . A A 29 ? 0.89720 1.25314 0.73956 0.22022  0.17917  0.02389  29 A A C5    
575 C C6    . A A 29 ? 0.72838 1.11089 0.60593 0.26080  0.14877  0.03539  29 A A C6    
576 N N6    . A A 29 ? 0.74529 1.13621 0.67230 0.30739  0.14217  0.03638  29 A A N6    
577 N N1    . A A 29 ? 0.73942 1.14623 0.60715 0.24925  0.12566  0.04633  29 A A N1    
578 C C2    . A A 29 ? 0.72088 1.12727 0.54545 0.20041  0.12987  0.05447  29 A A C2    
579 N N3    . A A 29 ? 0.83481 1.22532 0.61517 0.15676  0.15558  0.04874  29 A A N3    
580 C C4    . A A 29 ? 0.90167 1.26562 0.69261 0.16964  0.18085  0.02887  29 A A C4    
581 P P     . C A 30 ? 1.05768 1.47198 0.83463 -0.03255 0.35715  -0.14502 30 C A P     
582 O OP1   . C A 30 ? 1.06957 1.52919 0.81624 -0.10369 0.39269  -0.18065 30 C A OP1   
583 O OP2   . C A 30 ? 1.07805 1.44920 0.92475 0.01916  0.37225  -0.16775 30 C A OP2   
584 O "O5'" . C A 30 ? 1.03883 1.47178 0.83219 -0.00338 0.31700  -0.10859 30 C A "O5'" 
585 C "C5'" . C A 30 ? 0.94178 1.41327 0.69404 -0.03828 0.29117  -0.07107 30 C A "C5'" 
586 C "C4'" . C A 30 ? 0.87988 1.35573 0.66949 0.00426  0.25153  -0.03939 30 C A "C4'" 
587 O "O4'" . C A 30 ? 0.93123 1.37420 0.73357 0.05942  0.22434  -0.01897 30 C A "O4'" 
588 C "C3'" . C A 30 ? 0.93213 1.41295 0.78302 0.03223  0.26060  -0.06640 30 C A "C3'" 
589 O "O3'" . C A 30 ? 0.84987 1.37375 0.69908 -0.01316 0.27316  -0.07415 30 C A "O3'" 
590 C "C2'" . C A 30 ? 0.90662 1.38013 0.79375 0.08825  0.21891  -0.03785 30 C A "C2'" 
591 O "O2'" . C A 30 ? 0.87400 1.37799 0.75921 0.06875  0.19025  -0.00361 30 C A "O2'" 
592 C "C1'" . C A 30 ? 0.84940 1.29440 0.70860 0.10945  0.20480  -0.01857 30 C A "C1'" 
593 N N1    . C A 30 ? 0.83295 1.24954 0.72681 0.15781  0.21329  -0.03540 30 C A N1    
594 C C2    . C A 30 ? 0.80780 1.23105 0.74776 0.21177  0.18720  -0.02655 30 C A C2    
595 O O2    . C A 30 ? 0.81826 1.26664 0.77180 0.21698  0.16123  -0.01319 30 C A O2    
596 N N3    . C A 30 ? 0.82674 1.23537 0.80170 0.25397  0.19096  -0.03145 30 C A N3    
597 C C4    . C A 30 ? 0.86854 1.24832 0.84304 0.24632  0.22009  -0.04495 30 C A C4    
598 N N4    . C A 30 ? 0.82221 1.19165 0.84464 0.28828  0.22096  -0.04108 30 C A N4    
599 C C5    . C A 30 ? 0.92196 1.28899 0.85315 0.19261  0.24966  -0.06221 30 C A C5    
600 C C6    . C A 30 ? 0.89873 1.28859 0.78558 0.14871  0.24465  -0.05657 30 C A C6    
601 P P     . A A 31 ? 0.94433 1.47803 0.84505 -0.00613 0.30204  -0.11856 31 A A P     
602 O OP1   . A A 31 ? 1.01278 1.60212 0.89310 -0.06809 0.31356  -0.11803 31 A A OP1   
603 O OP2   . A A 31 ? 1.01189 1.51155 0.93706 0.01294  0.33765  -0.16382 31 A A OP2   
604 O "O5'" . A A 31 ? 0.86287 1.38889 0.82115 0.05339  0.26842  -0.10158 31 A A "O5'" 
605 C "C5'" . A A 31 ? 0.89931 1.45385 0.86844 0.04808  0.23499  -0.06565 31 A A "C5'" 
606 C "C4'" . A A 31 ? 0.85599 1.40592 0.88988 0.10409  0.21469  -0.06963 31 A A "C4'" 
607 O "O4'" . A A 31 ? 0.80723 1.33043 0.84834 0.15465  0.19282  -0.05980 31 A A "O4'" 
608 C "C3'" . A A 31 ? 0.75152 1.29794 0.82834 0.12313  0.24324  -0.11229 31 A A "C3'" 
609 O "O3'" . A A 31 ? 0.77289 1.35394 0.86537 0.08997  0.25512  -0.12159 31 A A "O3'" 
610 C "C2'" . A A 31 ? 0.74882 1.28448 0.87590 0.18843  0.21766  -0.10945 31 A A "C2'" 
611 O "O2'" . A A 31 ? 0.82447 1.38717 0.98766 0.19627  0.19053  -0.09532 31 A A "O2'" 
612 C "C1'" . A A 31 ? 0.76299 1.28010 0.85652 0.20397  0.19480  -0.08242 31 A A "C1'" 
613 N N9    . A A 31 ? 0.83369 1.32064 0.92067 0.22593  0.21121  -0.09351 31 A A N9    
614 C C8    . A A 31 ? 0.83482 1.29944 0.87904 0.19652  0.23534  -0.09909 31 A A C8    
615 N N7    . A A 31 ? 0.82877 1.26775 0.88998 0.22716  0.24385  -0.10430 31 A A N7    
616 C C5    . A A 31 ? 0.80042 1.25122 0.91336 0.27904  0.22210  -0.09776 31 A A C5    
617 C C6    . A A 31 ? 0.76490 1.21096 0.92064 0.32700  0.21593  -0.09090 31 A A C6    
618 N N6    . A A 31 ? 0.74255 1.16173 0.90371 0.33374  0.23168  -0.08792 31 A A N6    
619 N N1    . A A 31 ? 0.68249 1.15870 0.88232 0.36642  0.19238  -0.08508 31 A A N1    
620 C C2    . A A 31 ? 0.83162 1.33377 1.03591 0.35980  0.17740  -0.09024 31 A A C2    
621 N N3    . A A 31 ? 0.76816 1.27236 0.94308 0.31896  0.18031  -0.09371 31 A A N3    
622 C C4    . A A 31 ? 0.80106 1.28147 0.92807 0.27853  0.20265  -0.09494 31 A A C4    
623 P P     . A A 32 ? 0.82174 1.40729 0.94718 0.08694  0.29585  -0.17103 32 A A P     
624 O OP1   . A A 32 ? 0.88529 1.50752 0.97319 0.01766  0.32533  -0.18413 32 A A OP1   
625 O OP2   . A A 32 ? 1.02893 1.57467 1.17590 0.12846  0.31098  -0.19465 32 A A OP2   
626 O "O5'" . A A 32 ? 0.91931 1.52249 1.10680 0.11816  0.27707  -0.16958 32 A A "O5'" 
627 C "C5'" . A A 32 ? 0.82678 1.45964 1.02467 0.10403  0.24684  -0.13569 32 A A "C5'" 
628 C "C4'" . A A 32 ? 0.84803 1.48456 1.11330 0.15284  0.22418  -0.13859 32 A A "C4'" 
629 O "O4'" . A A 32 ? 0.75008 1.36445 1.02648 0.20452  0.19883  -0.13082 32 A A "O4'" 
630 C "C3'" . A A 32 ? 0.83604 1.47358 1.14518 0.17414  0.24919  -0.17841 32 A A "C3'" 
631 O "O3'" . A A 32 ? 0.93321 1.60365 1.25544 0.13637  0.26551  -0.18748 32 A A "O3'" 
632 C "C2'" . A A 32 ? 0.84447 1.48020 1.20724 0.23347  0.21975  -0.17648 32 A A "C2'" 
633 O "O2'" . A A 32 ? 0.88972 1.55380 1.29098 0.22966  0.19567  -0.16204 32 A A "O2'" 
634 C "C1'" . A A 32 ? 0.75803 1.37524 1.09003 0.25211  0.19620  -0.15308 32 A A "C1'" 
635 N N9    . A A 32 ? 0.80054 1.39260 1.12806 0.28419  0.20888  -0.16623 32 A A N9    
636 C C8    . A A 32 ? 0.81900 1.38358 1.10182 0.26988  0.22657  -0.16491 32 A A C8    
637 N N7    . A A 32 ? 0.82593 1.37377 1.13079 0.30656  0.23329  -0.17257 32 A A N7    
638 C C5    . A A 32 ? 0.76622 1.33672 1.12845 0.34656  0.21827  -0.17791 32 A A C5    
639 C C6    . A A 32 ? 0.79214 1.34867 1.19569 0.38058  0.21062  -0.17381 32 A A C6    
640 N N6    . A A 32 ? 0.82392 1.35543 1.23235 0.39301  0.22047  -0.16644 32 A A N6    
641 N N1    . A A 32 ? 0.81904 1.37836 1.25789 0.38834  0.19000  -0.16987 32 A A N1    
642 C C2    . A A 32 ? 0.82941 1.41285 1.27304 0.37676  0.18056  -0.17662 32 A A C2    
643 N N3    . A A 32 ? 0.85343 1.46971 1.27925 0.35754  0.18755  -0.18364 32 A A N3    
644 C C4    . A A 32 ? 0.79805 1.39415 1.17340 0.33339  0.20422  -0.17794 32 A A C4    
645 P P     . G A 33 ? 1.00180 1.67816 1.32324 0.11152  0.31485  -0.23341 33 G A P     
646 O OP1   . G A 33 ? 0.99724 1.71667 1.34220 0.08059  0.32150  -0.23664 33 G A OP1   
647 O OP2   . G A 33 ? 1.07810 1.74466 1.34044 0.07462  0.33967  -0.24197 33 G A OP2   
648 O "O5'" . G A 33 ? 0.91568 1.56222 1.29110 0.17273  0.32261  -0.26232 33 G A "O5'" 
649 C "C5'" . G A 33 ? 0.81228 1.47032 1.24960 0.21068  0.30887  -0.26796 33 G A "C5'" 
650 C "C4'" . G A 33 ? 0.77604 1.41070 1.25436 0.26881  0.30584  -0.27785 33 G A "C4'" 
651 O "O4'" . G A 33 ? 0.87347 1.48684 1.31830 0.28613  0.28465  -0.25248 33 G A "O4'" 
652 C "C3'" . G A 33 ? 0.83575 1.44191 1.33364 0.26924  0.34400  -0.30713 33 G A "C3'" 
653 O "O3'" . G A 33 ? 0.95961 1.56271 1.49358 0.26900  0.35411  -0.32089 33 G A "O3'" 
654 C "C2'" . G A 33 ? 0.86018 1.42599 1.36484 0.31249  0.32478  -0.28120 33 G A "C2'" 
655 O "O2'" . G A 33 ? 1.01011 1.56512 1.54806 0.34704  0.29713  -0.25692 33 G A "O2'" 
656 C "C1'" . G A 33 ? 0.84592 1.43197 1.31051 0.31418  0.29996  -0.26182 33 G A "C1'" 
657 N N9    . G A 33 ? 0.87368 1.43671 1.28940 0.28422  0.32054  -0.26427 33 G A N9    
658 C C8    . G A 33 ? 0.88389 1.45224 1.24007 0.22852  0.33198  -0.26412 33 G A C8    
659 N N7    . G A 33 ? 0.84980 1.39478 1.17221 0.21135  0.34997  -0.26879 33 G A N7    
660 C C5    . G A 33 ? 0.85167 1.37104 1.21968 0.26004  0.34991  -0.26928 33 G A C5    
661 C C6    . G A 33 ? 0.83613 1.32318 1.20639 0.26791  0.36554  -0.27172 33 G A C6    
662 O O6    . G A 33 ? 0.87869 1.35116 1.20575 0.23208  0.38444  -0.27994 33 G A O6    
663 N N1    . G A 33 ? 0.84023 1.31765 1.27563 0.32206  0.35643  -0.26087 33 G A N1    
664 C C2    . G A 33 ? 0.82011 1.30977 1.29661 0.35682  0.33263  -0.24440 33 G A C2    
665 N N2    . G A 33 ? 0.80296 1.27290 1.32523 0.39314  0.32176  -0.21640 33 G A N2    
666 N N3    . G A 33 ? 0.84788 1.36217 1.31905 0.34838  0.31944  -0.24739 33 G A N3    
667 C C4    . G A 33 ? 0.86181 1.39577 1.28612 0.30429  0.33109  -0.26399 33 G A C4    
# 
